data_2A9L
# 
_entry.id   2A9L 
# 
_audit_conform.dict_name       mmcif_pdbx.dic 
_audit_conform.dict_version    5.392 
_audit_conform.dict_location   http://mmcif.pdb.org/dictionaries/ascii/mmcif_pdbx.dic 
# 
loop_
_database_2.database_id 
_database_2.database_code 
_database_2.pdbx_database_accession 
_database_2.pdbx_DOI 
PDB   2A9L         pdb_00002a9l 10.2210/pdb2a9l/pdb 
WWPDB D_1000177718 ?            ?                   
# 
loop_
_pdbx_audit_revision_history.ordinal 
_pdbx_audit_revision_history.data_content_type 
_pdbx_audit_revision_history.major_revision 
_pdbx_audit_revision_history.minor_revision 
_pdbx_audit_revision_history.revision_date 
1 'Structure model' 1 0 1998-06-17 
2 'Structure model' 1 1 2008-03-05 
3 'Structure model' 1 2 2011-07-13 
4 'Structure model' 1 3 2022-03-09 
5 'Structure model' 1 4 2024-05-22 
# 
_pdbx_audit_revision_details.ordinal             1 
_pdbx_audit_revision_details.revision_ordinal    1 
_pdbx_audit_revision_details.data_content_type   'Structure model' 
_pdbx_audit_revision_details.provider            repository 
_pdbx_audit_revision_details.type                'Initial release' 
_pdbx_audit_revision_details.description         ? 
_pdbx_audit_revision_details.details             ? 
# 
loop_
_pdbx_audit_revision_group.ordinal 
_pdbx_audit_revision_group.revision_ordinal 
_pdbx_audit_revision_group.data_content_type 
_pdbx_audit_revision_group.group 
1 2 'Structure model' 'Version format compliance' 
2 3 'Structure model' 'Version format compliance' 
3 4 'Structure model' 'Database references'       
4 4 'Structure model' 'Derived calculations'      
5 4 'Structure model' Other                       
6 5 'Structure model' 'Data collection'           
# 
loop_
_pdbx_audit_revision_category.ordinal 
_pdbx_audit_revision_category.revision_ordinal 
_pdbx_audit_revision_category.data_content_type 
_pdbx_audit_revision_category.category 
1 4 'Structure model' database_2            
2 4 'Structure model' pdbx_database_status  
3 4 'Structure model' pdbx_struct_assembly  
4 4 'Structure model' pdbx_struct_oper_list 
5 5 'Structure model' chem_comp_atom        
6 5 'Structure model' chem_comp_bond        
# 
loop_
_pdbx_audit_revision_item.ordinal 
_pdbx_audit_revision_item.revision_ordinal 
_pdbx_audit_revision_item.data_content_type 
_pdbx_audit_revision_item.item 
1 4 'Structure model' '_database_2.pdbx_DOI'                
2 4 'Structure model' '_database_2.pdbx_database_accession' 
3 4 'Structure model' '_pdbx_database_status.process_site'  
# 
_pdbx_database_status.status_code                     REL 
_pdbx_database_status.entry_id                        2A9L 
_pdbx_database_status.recvd_initial_deposition_date   1998-04-07 
_pdbx_database_status.deposit_site                    ? 
_pdbx_database_status.process_site                    BNL 
_pdbx_database_status.SG_entry                        . 
_pdbx_database_status.pdb_format_compatible           Y 
_pdbx_database_status.status_code_mr                  ? 
_pdbx_database_status.status_code_sf                  ? 
_pdbx_database_status.status_code_cs                  ? 
_pdbx_database_status.status_code_nmr_data            ? 
_pdbx_database_status.methods_development_category    ? 
# 
_pdbx_database_related.db_name        PDB 
_pdbx_database_related.db_id          1A9L 
_pdbx_database_related.details        'ENSEMBLE OF 12 STRUCTURES' 
_pdbx_database_related.content_type   ensemble 
# 
loop_
_audit_author.name 
_audit_author.pdbx_ordinal 
'Diener, J.L.' 1 
'Moore, P.B.'  2 
# 
_citation.id                        primary 
_citation.title                     
'Solution structure of a substrate for the archaeal pre-tRNA splicing endonucleases: the bulge-helix-bulge motif.' 
_citation.journal_abbrev            Mol.Cell 
_citation.journal_volume            1 
_citation.page_first                883 
_citation.page_last                 894 
_citation.year                      1998 
_citation.journal_id_ASTM           MOCEFL 
_citation.country                   US 
_citation.journal_id_ISSN           1097-2765 
_citation.journal_id_CSD            2168 
_citation.book_publisher            ? 
_citation.pdbx_database_id_PubMed   9660971 
_citation.pdbx_database_id_DOI      '10.1016/S1097-2765(00)80087-8' 
# 
loop_
_citation_author.citation_id 
_citation_author.name 
_citation_author.ordinal 
_citation_author.identifier_ORCID 
primary 'Diener, J.L.' 1 ? 
primary 'Moore, P.B.'  2 ? 
# 
_entity.id                         1 
_entity.type                       polymer 
_entity.src_method                 syn 
_entity.pdbx_description           'ABISS7 RNA' 
_entity.formula_weight             12317.423 
_entity.pdbx_number_of_molecules   1 
_entity.pdbx_ec                    ? 
_entity.pdbx_mutation              ? 
_entity.pdbx_fragment              ? 
_entity.details                    ? 
# 
_entity_poly.entity_id                      1 
_entity_poly.type                           polyribonucleotide 
_entity_poly.nstd_linkage                   no 
_entity_poly.nstd_monomer                   no 
_entity_poly.pdbx_seq_one_letter_code       GGGUGACUCCAGAGGUCGAGAGACCGGAGAUAUCACCC 
_entity_poly.pdbx_seq_one_letter_code_can   GGGUGACUCCAGAGGUCGAGAGACCGGAGAUAUCACCC 
_entity_poly.pdbx_strand_id                 A 
_entity_poly.pdbx_target_identifier         ? 
# 
loop_
_entity_poly_seq.entity_id 
_entity_poly_seq.num 
_entity_poly_seq.mon_id 
_entity_poly_seq.hetero 
1 1  G n 
1 2  G n 
1 3  G n 
1 4  U n 
1 5  G n 
1 6  A n 
1 7  C n 
1 8  U n 
1 9  C n 
1 10 C n 
1 11 A n 
1 12 G n 
1 13 A n 
1 14 G n 
1 15 G n 
1 16 U n 
1 17 C n 
1 18 G n 
1 19 A n 
1 20 G n 
1 21 A n 
1 22 G n 
1 23 A n 
1 24 C n 
1 25 C n 
1 26 G n 
1 27 G n 
1 28 A n 
1 29 G n 
1 30 A n 
1 31 U n 
1 32 A n 
1 33 U n 
1 34 C n 
1 35 A n 
1 36 C n 
1 37 C n 
1 38 C n 
# 
_pdbx_entity_src_syn.entity_id              1 
_pdbx_entity_src_syn.pdbx_src_id            1 
_pdbx_entity_src_syn.pdbx_alt_source_flag   sample 
_pdbx_entity_src_syn.pdbx_beg_seq_num       ? 
_pdbx_entity_src_syn.pdbx_end_seq_num       ? 
_pdbx_entity_src_syn.organism_scientific    ? 
_pdbx_entity_src_syn.organism_common_name   ? 
_pdbx_entity_src_syn.ncbi_taxonomy_id       ? 
_pdbx_entity_src_syn.details                
;THE MOLECULE WAS SYNTHESIZED IN VITRO BY T7 POLYMERASE RNA TRANSCRIPTION USING CHEMICALLY SYNTHESIZED DNA OLIGONUCLEOTIDES AS TEMPLATES
;
# 
loop_
_chem_comp.id 
_chem_comp.type 
_chem_comp.mon_nstd_flag 
_chem_comp.name 
_chem_comp.pdbx_synonyms 
_chem_comp.formula 
_chem_comp.formula_weight 
A 'RNA linking' y "ADENOSINE-5'-MONOPHOSPHATE" ? 'C10 H14 N5 O7 P' 347.221 
C 'RNA linking' y "CYTIDINE-5'-MONOPHOSPHATE"  ? 'C9 H14 N3 O8 P'  323.197 
G 'RNA linking' y "GUANOSINE-5'-MONOPHOSPHATE" ? 'C10 H14 N5 O8 P' 363.221 
U 'RNA linking' y "URIDINE-5'-MONOPHOSPHATE"   ? 'C9 H13 N2 O9 P'  324.181 
# 
loop_
_pdbx_poly_seq_scheme.asym_id 
_pdbx_poly_seq_scheme.entity_id 
_pdbx_poly_seq_scheme.seq_id 
_pdbx_poly_seq_scheme.mon_id 
_pdbx_poly_seq_scheme.ndb_seq_num 
_pdbx_poly_seq_scheme.pdb_seq_num 
_pdbx_poly_seq_scheme.auth_seq_num 
_pdbx_poly_seq_scheme.pdb_mon_id 
_pdbx_poly_seq_scheme.auth_mon_id 
_pdbx_poly_seq_scheme.pdb_strand_id 
_pdbx_poly_seq_scheme.pdb_ins_code 
_pdbx_poly_seq_scheme.hetero 
A 1 1  G 1  1  1  G G A . n 
A 1 2  G 2  2  2  G G A . n 
A 1 3  G 3  3  3  G G A . n 
A 1 4  U 4  4  4  U U A . n 
A 1 5  G 5  5  5  G G A . n 
A 1 6  A 6  6  6  A A A . n 
A 1 7  C 7  7  7  C C A . n 
A 1 8  U 8  8  8  U U A . n 
A 1 9  C 9  9  9  C C A . n 
A 1 10 C 10 10 10 C C A . n 
A 1 11 A 11 11 11 A A A . n 
A 1 12 G 12 12 12 G G A . n 
A 1 13 A 13 13 13 A A A . n 
A 1 14 G 14 14 14 G G A . n 
A 1 15 G 15 15 15 G G A . n 
A 1 16 U 16 16 16 U U A . n 
A 1 17 C 17 17 17 C C A . n 
A 1 18 G 18 18 18 G G A . n 
A 1 19 A 19 19 19 A A A . n 
A 1 20 G 20 20 20 G G A . n 
A 1 21 A 21 21 21 A A A . n 
A 1 22 G 22 22 22 G G A . n 
A 1 23 A 23 23 23 A A A . n 
A 1 24 C 24 24 24 C C A . n 
A 1 25 C 25 25 25 C C A . n 
A 1 26 G 26 26 26 G G A . n 
A 1 27 G 27 27 27 G G A . n 
A 1 28 A 28 28 28 A A A . n 
A 1 29 G 29 29 29 G G A . n 
A 1 30 A 30 30 30 A A A . n 
A 1 31 U 31 31 31 U U A . n 
A 1 32 A 32 32 32 A A A . n 
A 1 33 U 33 33 33 U U A . n 
A 1 34 C 34 34 34 C C A . n 
A 1 35 A 35 35 35 A A A . n 
A 1 36 C 36 36 36 C C A . n 
A 1 37 C 37 37 37 C C A . n 
A 1 38 C 38 38 38 C C A . n 
# 
loop_
_software.name 
_software.classification 
_software.version 
_software.citation_id 
_software.pdbx_ordinal 
X-PLOR 'model building' 3.851 ? 1 
X-PLOR refinement       3.851 ? 2 
X-PLOR phasing          3.851 ? 3 
# 
_cell.entry_id           2A9L 
_cell.length_a           1.000 
_cell.length_b           1.000 
_cell.length_c           1.000 
_cell.angle_alpha        90.00 
_cell.angle_beta         90.00 
_cell.angle_gamma        90.00 
_cell.Z_PDB              1 
_cell.pdbx_unique_axis   ? 
# 
_symmetry.entry_id                         2A9L 
_symmetry.space_group_name_H-M             'P 1' 
_symmetry.pdbx_full_space_group_name_H-M   ? 
_symmetry.cell_setting                     ? 
_symmetry.Int_Tables_number                1 
# 
_exptl.entry_id          2A9L 
_exptl.method            'SOLUTION NMR' 
_exptl.crystals_number   ? 
# 
_struct.entry_id                  2A9L 
_struct.title                     
;SOLUTION NMR STRUCTURE OF A SUBSTRATE FOR THE ARCHAEAL PRE-TRNA SPLICING ENDONUCLEASES: THE BULGE-HELIX-BULGE MOTIF, MINIMIZED AVERAGE STRUCTURE
;
_struct.pdbx_model_details        ? 
_struct.pdbx_CASP_flag            ? 
_struct.pdbx_model_type_details   ? 
# 
_struct_keywords.entry_id        2A9L 
_struct_keywords.pdbx_keywords   RNA 
_struct_keywords.text            
'ARCHAEAL BULGE-HELIX-BULGE MOTIF, PRE-TRNA SPLICING, ARCHAEA, RNA STRUCTURE, RIBONUCLEIC ACID, RNA' 
# 
_struct_asym.id                            A 
_struct_asym.pdbx_blank_PDB_chainid_flag   N 
_struct_asym.pdbx_modified                 N 
_struct_asym.entity_id                     1 
_struct_asym.details                       ? 
# 
_struct_ref.id                         1 
_struct_ref.entity_id                  1 
_struct_ref.db_name                    PDB 
_struct_ref.db_code                    2A9L 
_struct_ref.pdbx_db_accession          2A9L 
_struct_ref.pdbx_db_isoform            ? 
_struct_ref.pdbx_seq_one_letter_code   ? 
_struct_ref.pdbx_align_begin           ? 
# 
_struct_ref_seq.align_id                      1 
_struct_ref_seq.ref_id                        1 
_struct_ref_seq.pdbx_PDB_id_code              2A9L 
_struct_ref_seq.pdbx_strand_id                A 
_struct_ref_seq.seq_align_beg                 1 
_struct_ref_seq.pdbx_seq_align_beg_ins_code   ? 
_struct_ref_seq.seq_align_end                 38 
_struct_ref_seq.pdbx_seq_align_end_ins_code   ? 
_struct_ref_seq.pdbx_db_accession             2A9L 
_struct_ref_seq.db_align_beg                  1 
_struct_ref_seq.pdbx_db_align_beg_ins_code    ? 
_struct_ref_seq.db_align_end                  38 
_struct_ref_seq.pdbx_db_align_end_ins_code    ? 
_struct_ref_seq.pdbx_auth_seq_align_beg       1 
_struct_ref_seq.pdbx_auth_seq_align_end       38 
# 
_pdbx_struct_assembly.id                   1 
_pdbx_struct_assembly.details              author_defined_assembly 
_pdbx_struct_assembly.method_details       ? 
_pdbx_struct_assembly.oligomeric_details   monomeric 
_pdbx_struct_assembly.oligomeric_count     1 
# 
_pdbx_struct_assembly_gen.assembly_id       1 
_pdbx_struct_assembly_gen.oper_expression   1 
_pdbx_struct_assembly_gen.asym_id_list      A 
# 
_pdbx_struct_oper_list.id                   1 
_pdbx_struct_oper_list.type                 'identity operation' 
_pdbx_struct_oper_list.name                 1_555 
_pdbx_struct_oper_list.symmetry_operation   x,y,z 
_pdbx_struct_oper_list.matrix[1][1]         1.0000000000 
_pdbx_struct_oper_list.matrix[1][2]         0.0000000000 
_pdbx_struct_oper_list.matrix[1][3]         0.0000000000 
_pdbx_struct_oper_list.vector[1]            0.0000000000 
_pdbx_struct_oper_list.matrix[2][1]         0.0000000000 
_pdbx_struct_oper_list.matrix[2][2]         1.0000000000 
_pdbx_struct_oper_list.matrix[2][3]         0.0000000000 
_pdbx_struct_oper_list.vector[2]            0.0000000000 
_pdbx_struct_oper_list.matrix[3][1]         0.0000000000 
_pdbx_struct_oper_list.matrix[3][2]         0.0000000000 
_pdbx_struct_oper_list.matrix[3][3]         1.0000000000 
_pdbx_struct_oper_list.vector[3]            0.0000000000 
# 
_struct_biol.id   1 
# 
loop_
_struct_conn.id 
_struct_conn.conn_type_id 
_struct_conn.pdbx_leaving_atom_flag 
_struct_conn.pdbx_PDB_id 
_struct_conn.ptnr1_label_asym_id 
_struct_conn.ptnr1_label_comp_id 
_struct_conn.ptnr1_label_seq_id 
_struct_conn.ptnr1_label_atom_id 
_struct_conn.pdbx_ptnr1_label_alt_id 
_struct_conn.pdbx_ptnr1_PDB_ins_code 
_struct_conn.pdbx_ptnr1_standard_comp_id 
_struct_conn.ptnr1_symmetry 
_struct_conn.ptnr2_label_asym_id 
_struct_conn.ptnr2_label_comp_id 
_struct_conn.ptnr2_label_seq_id 
_struct_conn.ptnr2_label_atom_id 
_struct_conn.pdbx_ptnr2_label_alt_id 
_struct_conn.pdbx_ptnr2_PDB_ins_code 
_struct_conn.ptnr1_auth_asym_id 
_struct_conn.ptnr1_auth_comp_id 
_struct_conn.ptnr1_auth_seq_id 
_struct_conn.ptnr2_auth_asym_id 
_struct_conn.ptnr2_auth_comp_id 
_struct_conn.ptnr2_auth_seq_id 
_struct_conn.ptnr2_symmetry 
_struct_conn.pdbx_ptnr3_label_atom_id 
_struct_conn.pdbx_ptnr3_label_seq_id 
_struct_conn.pdbx_ptnr3_label_comp_id 
_struct_conn.pdbx_ptnr3_label_asym_id 
_struct_conn.pdbx_ptnr3_label_alt_id 
_struct_conn.pdbx_ptnr3_PDB_ins_code 
_struct_conn.details 
_struct_conn.pdbx_dist_value 
_struct_conn.pdbx_value_order 
_struct_conn.pdbx_role 
hydrog1  hydrog ? ? A G 1  N1 ? ? ? 1_555 A C 38 N3 ? ? A G 1  A C 38 1_555 ? ? ? ? ? ? WATSON-CRICK ? ? ? 
hydrog2  hydrog ? ? A G 1  N2 ? ? ? 1_555 A C 38 O2 ? ? A G 1  A C 38 1_555 ? ? ? ? ? ? WATSON-CRICK ? ? ? 
hydrog3  hydrog ? ? A G 1  O6 ? ? ? 1_555 A C 38 N4 ? ? A G 1  A C 38 1_555 ? ? ? ? ? ? WATSON-CRICK ? ? ? 
hydrog4  hydrog ? ? A G 2  N1 ? ? ? 1_555 A C 37 N3 ? ? A G 2  A C 37 1_555 ? ? ? ? ? ? WATSON-CRICK ? ? ? 
hydrog5  hydrog ? ? A G 2  N2 ? ? ? 1_555 A C 37 O2 ? ? A G 2  A C 37 1_555 ? ? ? ? ? ? WATSON-CRICK ? ? ? 
hydrog6  hydrog ? ? A G 2  O6 ? ? ? 1_555 A C 37 N4 ? ? A G 2  A C 37 1_555 ? ? ? ? ? ? WATSON-CRICK ? ? ? 
hydrog7  hydrog ? ? A G 3  N1 ? ? ? 1_555 A C 36 N3 ? ? A G 3  A C 36 1_555 ? ? ? ? ? ? WATSON-CRICK ? ? ? 
hydrog8  hydrog ? ? A G 3  N2 ? ? ? 1_555 A C 36 O2 ? ? A G 3  A C 36 1_555 ? ? ? ? ? ? WATSON-CRICK ? ? ? 
hydrog9  hydrog ? ? A G 3  O6 ? ? ? 1_555 A C 36 N4 ? ? A G 3  A C 36 1_555 ? ? ? ? ? ? WATSON-CRICK ? ? ? 
hydrog10 hydrog ? ? A U 4  N3 ? ? ? 1_555 A A 35 N1 ? ? A U 4  A A 35 1_555 ? ? ? ? ? ? WATSON-CRICK ? ? ? 
hydrog11 hydrog ? ? A U 4  O4 ? ? ? 1_555 A A 35 N6 ? ? A U 4  A A 35 1_555 ? ? ? ? ? ? WATSON-CRICK ? ? ? 
hydrog12 hydrog ? ? A G 5  N1 ? ? ? 1_555 A C 34 N3 ? ? A G 5  A C 34 1_555 ? ? ? ? ? ? WATSON-CRICK ? ? ? 
hydrog13 hydrog ? ? A G 5  N2 ? ? ? 1_555 A C 34 O2 ? ? A G 5  A C 34 1_555 ? ? ? ? ? ? WATSON-CRICK ? ? ? 
hydrog14 hydrog ? ? A G 5  O6 ? ? ? 1_555 A C 34 N4 ? ? A G 5  A C 34 1_555 ? ? ? ? ? ? WATSON-CRICK ? ? ? 
hydrog15 hydrog ? ? A A 6  N1 ? ? ? 1_555 A U 33 N3 ? ? A A 6  A U 33 1_555 ? ? ? ? ? ? WATSON-CRICK ? ? ? 
hydrog16 hydrog ? ? A A 6  N6 ? ? ? 1_555 A U 33 O4 ? ? A A 6  A U 33 1_555 ? ? ? ? ? ? WATSON-CRICK ? ? ? 
hydrog17 hydrog ? ? A C 7  N3 ? ? ? 1_555 A G 29 N1 ? ? A C 7  A G 29 1_555 ? ? ? ? ? ? WATSON-CRICK ? ? ? 
hydrog18 hydrog ? ? A C 7  N4 ? ? ? 1_555 A G 29 O6 ? ? A C 7  A G 29 1_555 ? ? ? ? ? ? WATSON-CRICK ? ? ? 
hydrog19 hydrog ? ? A C 7  O2 ? ? ? 1_555 A G 29 N2 ? ? A C 7  A G 29 1_555 ? ? ? ? ? ? WATSON-CRICK ? ? ? 
hydrog20 hydrog ? ? A U 8  N3 ? ? ? 1_555 A A 28 N1 ? ? A U 8  A A 28 1_555 ? ? ? ? ? ? WATSON-CRICK ? ? ? 
hydrog21 hydrog ? ? A U 8  O4 ? ? ? 1_555 A A 28 N6 ? ? A U 8  A A 28 1_555 ? ? ? ? ? ? WATSON-CRICK ? ? ? 
hydrog22 hydrog ? ? A C 9  N3 ? ? ? 1_555 A G 27 N1 ? ? A C 9  A G 27 1_555 ? ? ? ? ? ? WATSON-CRICK ? ? ? 
hydrog23 hydrog ? ? A C 9  N4 ? ? ? 1_555 A G 27 O6 ? ? A C 9  A G 27 1_555 ? ? ? ? ? ? WATSON-CRICK ? ? ? 
hydrog24 hydrog ? ? A C 9  O2 ? ? ? 1_555 A G 27 N2 ? ? A C 9  A G 27 1_555 ? ? ? ? ? ? WATSON-CRICK ? ? ? 
hydrog25 hydrog ? ? A C 10 N3 ? ? ? 1_555 A G 26 N1 ? ? A C 10 A G 26 1_555 ? ? ? ? ? ? WATSON-CRICK ? ? ? 
hydrog26 hydrog ? ? A C 10 N4 ? ? ? 1_555 A G 26 O6 ? ? A C 10 A G 26 1_555 ? ? ? ? ? ? WATSON-CRICK ? ? ? 
hydrog27 hydrog ? ? A C 10 O2 ? ? ? 1_555 A G 26 N2 ? ? A C 10 A G 26 1_555 ? ? ? ? ? ? WATSON-CRICK ? ? ? 
hydrog28 hydrog ? ? A G 14 N1 ? ? ? 1_555 A C 25 N3 ? ? A G 14 A C 25 1_555 ? ? ? ? ? ? WATSON-CRICK ? ? ? 
hydrog29 hydrog ? ? A G 14 N2 ? ? ? 1_555 A C 25 O2 ? ? A G 14 A C 25 1_555 ? ? ? ? ? ? WATSON-CRICK ? ? ? 
hydrog30 hydrog ? ? A G 14 O6 ? ? ? 1_555 A C 25 N4 ? ? A G 14 A C 25 1_555 ? ? ? ? ? ? WATSON-CRICK ? ? ? 
hydrog31 hydrog ? ? A G 15 N1 ? ? ? 1_555 A C 24 N3 ? ? A G 15 A C 24 1_555 ? ? ? ? ? ? WATSON-CRICK ? ? ? 
hydrog32 hydrog ? ? A G 15 N2 ? ? ? 1_555 A C 24 O2 ? ? A G 15 A C 24 1_555 ? ? ? ? ? ? WATSON-CRICK ? ? ? 
hydrog33 hydrog ? ? A G 15 O6 ? ? ? 1_555 A C 24 N4 ? ? A G 15 A C 24 1_555 ? ? ? ? ? ? WATSON-CRICK ? ? ? 
hydrog34 hydrog ? ? A U 16 N3 ? ? ? 1_555 A A 23 N1 ? ? A U 16 A A 23 1_555 ? ? ? ? ? ? WATSON-CRICK ? ? ? 
hydrog35 hydrog ? ? A U 16 O4 ? ? ? 1_555 A A 23 N6 ? ? A U 16 A A 23 1_555 ? ? ? ? ? ? WATSON-CRICK ? ? ? 
hydrog36 hydrog ? ? A C 17 N3 ? ? ? 1_555 A G 22 N1 ? ? A C 17 A G 22 1_555 ? ? ? ? ? ? WATSON-CRICK ? ? ? 
hydrog37 hydrog ? ? A C 17 N4 ? ? ? 1_555 A G 22 O6 ? ? A C 17 A G 22 1_555 ? ? ? ? ? ? WATSON-CRICK ? ? ? 
hydrog38 hydrog ? ? A C 17 O2 ? ? ? 1_555 A G 22 N2 ? ? A C 17 A G 22 1_555 ? ? ? ? ? ? WATSON-CRICK ? ? ? 
hydrog39 hydrog ? ? A G 18 N2 ? ? ? 1_555 A A 21 N7 ? ? A G 18 A A 21 1_555 ? ? ? ? ? ? TYPE_11_PAIR ? ? ? 
hydrog40 hydrog ? ? A G 18 N3 ? ? ? 1_555 A A 21 N6 ? ? A G 18 A A 21 1_555 ? ? ? ? ? ? TYPE_11_PAIR ? ? ? 
# 
_struct_conn_type.id          hydrog 
_struct_conn_type.criteria    ? 
_struct_conn_type.reference   ? 
# 
_pdbx_validate_close_contact.id               1 
_pdbx_validate_close_contact.PDB_model_num    1 
_pdbx_validate_close_contact.auth_atom_id_1   "HO2'" 
_pdbx_validate_close_contact.auth_asym_id_1   A 
_pdbx_validate_close_contact.auth_comp_id_1   G 
_pdbx_validate_close_contact.auth_seq_id_1    12 
_pdbx_validate_close_contact.PDB_ins_code_1   ? 
_pdbx_validate_close_contact.label_alt_id_1   ? 
_pdbx_validate_close_contact.auth_atom_id_2   "O4'" 
_pdbx_validate_close_contact.auth_asym_id_2   A 
_pdbx_validate_close_contact.auth_comp_id_2   A 
_pdbx_validate_close_contact.auth_seq_id_2    13 
_pdbx_validate_close_contact.PDB_ins_code_2   ? 
_pdbx_validate_close_contact.label_alt_id_2   ? 
_pdbx_validate_close_contact.dist             1.59 
# 
loop_
_pdbx_validate_rmsd_angle.id 
_pdbx_validate_rmsd_angle.PDB_model_num 
_pdbx_validate_rmsd_angle.auth_atom_id_1 
_pdbx_validate_rmsd_angle.auth_asym_id_1 
_pdbx_validate_rmsd_angle.auth_comp_id_1 
_pdbx_validate_rmsd_angle.auth_seq_id_1 
_pdbx_validate_rmsd_angle.PDB_ins_code_1 
_pdbx_validate_rmsd_angle.label_alt_id_1 
_pdbx_validate_rmsd_angle.auth_atom_id_2 
_pdbx_validate_rmsd_angle.auth_asym_id_2 
_pdbx_validate_rmsd_angle.auth_comp_id_2 
_pdbx_validate_rmsd_angle.auth_seq_id_2 
_pdbx_validate_rmsd_angle.PDB_ins_code_2 
_pdbx_validate_rmsd_angle.label_alt_id_2 
_pdbx_validate_rmsd_angle.auth_atom_id_3 
_pdbx_validate_rmsd_angle.auth_asym_id_3 
_pdbx_validate_rmsd_angle.auth_comp_id_3 
_pdbx_validate_rmsd_angle.auth_seq_id_3 
_pdbx_validate_rmsd_angle.PDB_ins_code_3 
_pdbx_validate_rmsd_angle.label_alt_id_3 
_pdbx_validate_rmsd_angle.angle_value 
_pdbx_validate_rmsd_angle.angle_target_value 
_pdbx_validate_rmsd_angle.angle_deviation 
_pdbx_validate_rmsd_angle.angle_standard_deviation 
_pdbx_validate_rmsd_angle.linker_flag 
1  1 "C4'" A A 6  ? ? "C3'" A A 6  ? ? "C2'" A A 6  ? ? 96.56  102.60 -6.04 1.00 N 
2  1 "O4'" A A 6  ? ? "C1'" A A 6  ? ? N9    A A 6  ? ? 112.96 108.50 4.46  0.70 N 
3  1 "O4'" A C 10 ? ? "C1'" A C 10 ? ? N1    A C 10 ? ? 113.58 108.50 5.08  0.70 N 
4  1 "C3'" A A 11 ? ? "C2'" A A 11 ? ? "C1'" A A 11 ? ? 97.00  101.30 -4.30 0.70 N 
5  1 "C5'" A G 12 ? ? "C4'" A G 12 ? ? "C3'" A G 12 ? ? 128.50 116.00 12.50 1.60 N 
6  1 "C5'" A G 12 ? ? "C4'" A G 12 ? ? "O4'" A G 12 ? ? 115.92 109.80 6.12  0.90 N 
7  1 N9    A G 12 ? ? "C1'" A G 12 ? ? "C2'" A G 12 ? ? 124.27 114.00 10.27 1.30 N 
8  1 "C4'" A A 13 ? ? "C3'" A A 13 ? ? "C2'" A A 13 ? ? 95.26  102.60 -7.34 1.00 N 
9  1 N9    A A 13 ? ? "C1'" A A 13 ? ? "C2'" A A 13 ? ? 123.64 114.00 9.64  1.30 N 
10 1 "O4'" A A 13 ? ? "C1'" A A 13 ? ? N9    A A 13 ? ? 103.34 108.20 -4.86 0.80 N 
11 1 N1    A A 21 ? ? C2    A A 21 ? ? N3    A A 21 ? ? 132.63 129.30 3.33  0.50 N 
12 1 N1    A A 21 ? ? C6    A A 21 ? ? N6    A A 21 ? ? 114.91 118.60 -3.69 0.60 N 
13 1 "C1'" A G 22 ? ? "O4'" A G 22 ? ? "C4'" A G 22 ? ? 116.13 109.90 6.23  0.80 N 
14 1 C6    A C 25 ? ? N1    A C 25 ? ? C2    A C 25 ? ? 117.42 120.30 -2.88 0.40 N 
15 1 N1    A U 31 ? ? "C1'" A U 31 ? ? "C2'" A U 31 ? ? 124.52 114.00 10.52 1.30 N 
# 
loop_
_pdbx_validate_planes.id 
_pdbx_validate_planes.PDB_model_num 
_pdbx_validate_planes.auth_comp_id 
_pdbx_validate_planes.auth_asym_id 
_pdbx_validate_planes.auth_seq_id 
_pdbx_validate_planes.PDB_ins_code 
_pdbx_validate_planes.label_alt_id 
_pdbx_validate_planes.rmsd 
_pdbx_validate_planes.type 
1  1 G A 12 ? ? 0.091 'SIDE CHAIN' 
2  1 A A 13 ? ? 0.131 'SIDE CHAIN' 
3  1 G A 14 ? ? 0.169 'SIDE CHAIN' 
4  1 G A 15 ? ? 0.072 'SIDE CHAIN' 
5  1 G A 18 ? ? 0.267 'SIDE CHAIN' 
6  1 A A 19 ? ? 0.096 'SIDE CHAIN' 
7  1 G A 22 ? ? 0.073 'SIDE CHAIN' 
8  1 A A 23 ? ? 0.073 'SIDE CHAIN' 
9  1 C A 25 ? ? 0.094 'SIDE CHAIN' 
10 1 G A 27 ? ? 0.063 'SIDE CHAIN' 
11 1 U A 31 ? ? 0.146 'SIDE CHAIN' 
12 1 C A 34 ? ? 0.068 'SIDE CHAIN' 
# 
_pdbx_nmr_ensemble.entry_id                             2A9L 
_pdbx_nmr_ensemble.conformers_calculated_total_number   65 
_pdbx_nmr_ensemble.conformers_submitted_total_number    1 
_pdbx_nmr_ensemble.conformer_selection_criteria         'LEAST RESTRAINT VIOLATION' 
# 
loop_
_pdbx_nmr_exptl_sample_conditions.conditions_id 
_pdbx_nmr_exptl_sample_conditions.temperature 
_pdbx_nmr_exptl_sample_conditions.pressure 
_pdbx_nmr_exptl_sample_conditions.pH 
_pdbx_nmr_exptl_sample_conditions.ionic_strength 
_pdbx_nmr_exptl_sample_conditions.pressure_units 
_pdbx_nmr_exptl_sample_conditions.temperature_units 
1 283 ? 7.0 ? . K 
2 303 ? 7.0 ? . K 
# 
_pdbx_nmr_exptl.experiment_id   1 
_pdbx_nmr_exptl.conditions_id   1 
_pdbx_nmr_exptl.type            'SEE JRNL REFERENCE' 
_pdbx_nmr_exptl.solution_id     1 
# 
_pdbx_nmr_refine.entry_id           2A9L 
_pdbx_nmr_refine.method             'TORSION ANGLE MOLECULAR DYNAMICS' 
_pdbx_nmr_refine.details            'REFINEMENT DETAILS CAN BE FOUND IN THE JOURNAL CITATION ABOVE. X-PLOR 3.851 ALSO WAS USED.' 
_pdbx_nmr_refine.software_ordinal   1 
# 
loop_
_pdbx_nmr_software.classification 
_pdbx_nmr_software.name 
_pdbx_nmr_software.version 
_pdbx_nmr_software.authors 
_pdbx_nmr_software.ordinal 
refinement           CNS    ?     
'BRUNGER,ADAMS,CLORE,DELANO,GROS, GROSSE-KUNSTLEVE,JIANG,KUSZEWSKI,NILGES, PANNU,READ,RICE,SIMONSON,WARREN' 1 
'structure solution' X-PLOR 3.851 ? 2 
'structure solution' CNS    ?     ? 3 
# 
loop_
_chem_comp_atom.comp_id 
_chem_comp_atom.atom_id 
_chem_comp_atom.type_symbol 
_chem_comp_atom.pdbx_aromatic_flag 
_chem_comp_atom.pdbx_stereo_config 
_chem_comp_atom.pdbx_ordinal 
A OP3    O N N 1   
A P      P N N 2   
A OP1    O N N 3   
A OP2    O N N 4   
A "O5'"  O N N 5   
A "C5'"  C N N 6   
A "C4'"  C N R 7   
A "O4'"  O N N 8   
A "C3'"  C N S 9   
A "O3'"  O N N 10  
A "C2'"  C N R 11  
A "O2'"  O N N 12  
A "C1'"  C N R 13  
A N9     N Y N 14  
A C8     C Y N 15  
A N7     N Y N 16  
A C5     C Y N 17  
A C6     C Y N 18  
A N6     N N N 19  
A N1     N Y N 20  
A C2     C Y N 21  
A N3     N Y N 22  
A C4     C Y N 23  
A HOP3   H N N 24  
A HOP2   H N N 25  
A "H5'"  H N N 26  
A "H5''" H N N 27  
A "H4'"  H N N 28  
A "H3'"  H N N 29  
A "HO3'" H N N 30  
A "H2'"  H N N 31  
A "HO2'" H N N 32  
A "H1'"  H N N 33  
A H8     H N N 34  
A H61    H N N 35  
A H62    H N N 36  
A H2     H N N 37  
C OP3    O N N 38  
C P      P N N 39  
C OP1    O N N 40  
C OP2    O N N 41  
C "O5'"  O N N 42  
C "C5'"  C N N 43  
C "C4'"  C N R 44  
C "O4'"  O N N 45  
C "C3'"  C N S 46  
C "O3'"  O N N 47  
C "C2'"  C N R 48  
C "O2'"  O N N 49  
C "C1'"  C N R 50  
C N1     N N N 51  
C C2     C N N 52  
C O2     O N N 53  
C N3     N N N 54  
C C4     C N N 55  
C N4     N N N 56  
C C5     C N N 57  
C C6     C N N 58  
C HOP3   H N N 59  
C HOP2   H N N 60  
C "H5'"  H N N 61  
C "H5''" H N N 62  
C "H4'"  H N N 63  
C "H3'"  H N N 64  
C "HO3'" H N N 65  
C "H2'"  H N N 66  
C "HO2'" H N N 67  
C "H1'"  H N N 68  
C H41    H N N 69  
C H42    H N N 70  
C H5     H N N 71  
C H6     H N N 72  
G OP3    O N N 73  
G P      P N N 74  
G OP1    O N N 75  
G OP2    O N N 76  
G "O5'"  O N N 77  
G "C5'"  C N N 78  
G "C4'"  C N R 79  
G "O4'"  O N N 80  
G "C3'"  C N S 81  
G "O3'"  O N N 82  
G "C2'"  C N R 83  
G "O2'"  O N N 84  
G "C1'"  C N R 85  
G N9     N Y N 86  
G C8     C Y N 87  
G N7     N Y N 88  
G C5     C Y N 89  
G C6     C N N 90  
G O6     O N N 91  
G N1     N N N 92  
G C2     C N N 93  
G N2     N N N 94  
G N3     N N N 95  
G C4     C Y N 96  
G HOP3   H N N 97  
G HOP2   H N N 98  
G "H5'"  H N N 99  
G "H5''" H N N 100 
G "H4'"  H N N 101 
G "H3'"  H N N 102 
G "HO3'" H N N 103 
G "H2'"  H N N 104 
G "HO2'" H N N 105 
G "H1'"  H N N 106 
G H8     H N N 107 
G H1     H N N 108 
G H21    H N N 109 
G H22    H N N 110 
U OP3    O N N 111 
U P      P N N 112 
U OP1    O N N 113 
U OP2    O N N 114 
U "O5'"  O N N 115 
U "C5'"  C N N 116 
U "C4'"  C N R 117 
U "O4'"  O N N 118 
U "C3'"  C N S 119 
U "O3'"  O N N 120 
U "C2'"  C N R 121 
U "O2'"  O N N 122 
U "C1'"  C N R 123 
U N1     N N N 124 
U C2     C N N 125 
U O2     O N N 126 
U N3     N N N 127 
U C4     C N N 128 
U O4     O N N 129 
U C5     C N N 130 
U C6     C N N 131 
U HOP3   H N N 132 
U HOP2   H N N 133 
U "H5'"  H N N 134 
U "H5''" H N N 135 
U "H4'"  H N N 136 
U "H3'"  H N N 137 
U "HO3'" H N N 138 
U "H2'"  H N N 139 
U "HO2'" H N N 140 
U "H1'"  H N N 141 
U H3     H N N 142 
U H5     H N N 143 
U H6     H N N 144 
# 
loop_
_chem_comp_bond.comp_id 
_chem_comp_bond.atom_id_1 
_chem_comp_bond.atom_id_2 
_chem_comp_bond.value_order 
_chem_comp_bond.pdbx_aromatic_flag 
_chem_comp_bond.pdbx_stereo_config 
_chem_comp_bond.pdbx_ordinal 
A OP3   P      sing N N 1   
A OP3   HOP3   sing N N 2   
A P     OP1    doub N N 3   
A P     OP2    sing N N 4   
A P     "O5'"  sing N N 5   
A OP2   HOP2   sing N N 6   
A "O5'" "C5'"  sing N N 7   
A "C5'" "C4'"  sing N N 8   
A "C5'" "H5'"  sing N N 9   
A "C5'" "H5''" sing N N 10  
A "C4'" "O4'"  sing N N 11  
A "C4'" "C3'"  sing N N 12  
A "C4'" "H4'"  sing N N 13  
A "O4'" "C1'"  sing N N 14  
A "C3'" "O3'"  sing N N 15  
A "C3'" "C2'"  sing N N 16  
A "C3'" "H3'"  sing N N 17  
A "O3'" "HO3'" sing N N 18  
A "C2'" "O2'"  sing N N 19  
A "C2'" "C1'"  sing N N 20  
A "C2'" "H2'"  sing N N 21  
A "O2'" "HO2'" sing N N 22  
A "C1'" N9     sing N N 23  
A "C1'" "H1'"  sing N N 24  
A N9    C8     sing Y N 25  
A N9    C4     sing Y N 26  
A C8    N7     doub Y N 27  
A C8    H8     sing N N 28  
A N7    C5     sing Y N 29  
A C5    C6     sing Y N 30  
A C5    C4     doub Y N 31  
A C6    N6     sing N N 32  
A C6    N1     doub Y N 33  
A N6    H61    sing N N 34  
A N6    H62    sing N N 35  
A N1    C2     sing Y N 36  
A C2    N3     doub Y N 37  
A C2    H2     sing N N 38  
A N3    C4     sing Y N 39  
C OP3   P      sing N N 40  
C OP3   HOP3   sing N N 41  
C P     OP1    doub N N 42  
C P     OP2    sing N N 43  
C P     "O5'"  sing N N 44  
C OP2   HOP2   sing N N 45  
C "O5'" "C5'"  sing N N 46  
C "C5'" "C4'"  sing N N 47  
C "C5'" "H5'"  sing N N 48  
C "C5'" "H5''" sing N N 49  
C "C4'" "O4'"  sing N N 50  
C "C4'" "C3'"  sing N N 51  
C "C4'" "H4'"  sing N N 52  
C "O4'" "C1'"  sing N N 53  
C "C3'" "O3'"  sing N N 54  
C "C3'" "C2'"  sing N N 55  
C "C3'" "H3'"  sing N N 56  
C "O3'" "HO3'" sing N N 57  
C "C2'" "O2'"  sing N N 58  
C "C2'" "C1'"  sing N N 59  
C "C2'" "H2'"  sing N N 60  
C "O2'" "HO2'" sing N N 61  
C "C1'" N1     sing N N 62  
C "C1'" "H1'"  sing N N 63  
C N1    C2     sing N N 64  
C N1    C6     sing N N 65  
C C2    O2     doub N N 66  
C C2    N3     sing N N 67  
C N3    C4     doub N N 68  
C C4    N4     sing N N 69  
C C4    C5     sing N N 70  
C N4    H41    sing N N 71  
C N4    H42    sing N N 72  
C C5    C6     doub N N 73  
C C5    H5     sing N N 74  
C C6    H6     sing N N 75  
G OP3   P      sing N N 76  
G OP3   HOP3   sing N N 77  
G P     OP1    doub N N 78  
G P     OP2    sing N N 79  
G P     "O5'"  sing N N 80  
G OP2   HOP2   sing N N 81  
G "O5'" "C5'"  sing N N 82  
G "C5'" "C4'"  sing N N 83  
G "C5'" "H5'"  sing N N 84  
G "C5'" "H5''" sing N N 85  
G "C4'" "O4'"  sing N N 86  
G "C4'" "C3'"  sing N N 87  
G "C4'" "H4'"  sing N N 88  
G "O4'" "C1'"  sing N N 89  
G "C3'" "O3'"  sing N N 90  
G "C3'" "C2'"  sing N N 91  
G "C3'" "H3'"  sing N N 92  
G "O3'" "HO3'" sing N N 93  
G "C2'" "O2'"  sing N N 94  
G "C2'" "C1'"  sing N N 95  
G "C2'" "H2'"  sing N N 96  
G "O2'" "HO2'" sing N N 97  
G "C1'" N9     sing N N 98  
G "C1'" "H1'"  sing N N 99  
G N9    C8     sing Y N 100 
G N9    C4     sing Y N 101 
G C8    N7     doub Y N 102 
G C8    H8     sing N N 103 
G N7    C5     sing Y N 104 
G C5    C6     sing N N 105 
G C5    C4     doub Y N 106 
G C6    O6     doub N N 107 
G C6    N1     sing N N 108 
G N1    C2     sing N N 109 
G N1    H1     sing N N 110 
G C2    N2     sing N N 111 
G C2    N3     doub N N 112 
G N2    H21    sing N N 113 
G N2    H22    sing N N 114 
G N3    C4     sing N N 115 
U OP3   P      sing N N 116 
U OP3   HOP3   sing N N 117 
U P     OP1    doub N N 118 
U P     OP2    sing N N 119 
U P     "O5'"  sing N N 120 
U OP2   HOP2   sing N N 121 
U "O5'" "C5'"  sing N N 122 
U "C5'" "C4'"  sing N N 123 
U "C5'" "H5'"  sing N N 124 
U "C5'" "H5''" sing N N 125 
U "C4'" "O4'"  sing N N 126 
U "C4'" "C3'"  sing N N 127 
U "C4'" "H4'"  sing N N 128 
U "O4'" "C1'"  sing N N 129 
U "C3'" "O3'"  sing N N 130 
U "C3'" "C2'"  sing N N 131 
U "C3'" "H3'"  sing N N 132 
U "O3'" "HO3'" sing N N 133 
U "C2'" "O2'"  sing N N 134 
U "C2'" "C1'"  sing N N 135 
U "C2'" "H2'"  sing N N 136 
U "O2'" "HO2'" sing N N 137 
U "C1'" N1     sing N N 138 
U "C1'" "H1'"  sing N N 139 
U N1    C2     sing N N 140 
U N1    C6     sing N N 141 
U C2    O2     doub N N 142 
U C2    N3     sing N N 143 
U N3    C4     sing N N 144 
U N3    H3     sing N N 145 
U C4    O4     doub N N 146 
U C4    C5     sing N N 147 
U C5    C6     doub N N 148 
U C5    H5     sing N N 149 
U C6    H6     sing N N 150 
# 
loop_
_ndb_struct_conf_na.entry_id 
_ndb_struct_conf_na.feature 
2A9L 'double helix'         
2A9L 'a-form double helix'  
2A9L tetraloop              
2A9L 'bulge loop'           
2A9L 'mismatched base pair' 
# 
loop_
_ndb_struct_na_base_pair.model_number 
_ndb_struct_na_base_pair.i_label_asym_id 
_ndb_struct_na_base_pair.i_label_comp_id 
_ndb_struct_na_base_pair.i_label_seq_id 
_ndb_struct_na_base_pair.i_symmetry 
_ndb_struct_na_base_pair.j_label_asym_id 
_ndb_struct_na_base_pair.j_label_comp_id 
_ndb_struct_na_base_pair.j_label_seq_id 
_ndb_struct_na_base_pair.j_symmetry 
_ndb_struct_na_base_pair.shear 
_ndb_struct_na_base_pair.stretch 
_ndb_struct_na_base_pair.stagger 
_ndb_struct_na_base_pair.buckle 
_ndb_struct_na_base_pair.propeller 
_ndb_struct_na_base_pair.opening 
_ndb_struct_na_base_pair.pair_number 
_ndb_struct_na_base_pair.pair_name 
_ndb_struct_na_base_pair.i_auth_asym_id 
_ndb_struct_na_base_pair.i_auth_seq_id 
_ndb_struct_na_base_pair.i_PDB_ins_code 
_ndb_struct_na_base_pair.j_auth_asym_id 
_ndb_struct_na_base_pair.j_auth_seq_id 
_ndb_struct_na_base_pair.j_PDB_ins_code 
_ndb_struct_na_base_pair.hbond_type_28 
_ndb_struct_na_base_pair.hbond_type_12 
1 A G 1  1_555 A C 38 1_555 -0.814 -0.157 -0.040 0.720   -5.724  -0.074  1  A_G1:C38_A  A 1  ? A 38 ? 19 1 
1 A G 2  1_555 A C 37 1_555 -1.007 -0.302 -0.044 2.542   -12.234 0.755   2  A_G2:C37_A  A 2  ? A 37 ? 19 1 
1 A G 3  1_555 A C 36 1_555 -1.034 -0.284 0.025  2.400   -10.697 1.073   3  A_G3:C36_A  A 3  ? A 36 ? 19 1 
1 A U 4  1_555 A A 35 1_555 0.157  -0.123 -0.431 2.537   -14.123 2.558   4  A_U4:A35_A  A 4  ? A 35 ? 20 1 
1 A G 5  1_555 A C 34 1_555 0.355  0.107  -0.358 -28.073 -16.745 -2.003  5  A_G5:C34_A  A 5  ? A 34 ? 19 1 
1 A A 6  1_555 A U 33 1_555 0.757  -0.099 0.561  -13.608 -12.376 -2.492  6  A_A6:U33_A  A 6  ? A 33 ? 20 1 
1 A C 7  1_555 A G 29 1_555 0.626  -0.137 -0.066 12.195  -2.889  -2.022  7  A_C7:G29_A  A 7  ? A 29 ? 19 1 
1 A U 8  1_555 A A 28 1_555 0.575  -0.129 -0.143 14.533  -9.666  4.298   8  A_U8:A28_A  A 8  ? A 28 ? 20 1 
1 A C 9  1_555 A G 27 1_555 0.976  -0.344 -0.285 6.367   -1.831  -3.027  9  A_C9:G27_A  A 9  ? A 27 ? 19 1 
1 A C 10 1_555 A G 26 1_555 0.837  -0.215 -0.157 -5.651  -6.215  -1.863  10 A_C10:G26_A A 10 ? A 26 ? 19 1 
1 A G 14 1_555 A C 25 1_555 0.135  -0.111 0.463  1.660   16.018  -2.853  11 A_G14:C25_A A 14 ? A 25 ? 19 1 
1 A G 15 1_555 A C 24 1_555 -0.501 -0.087 0.031  -1.398  -3.260  -1.958  12 A_G15:C24_A A 15 ? A 24 ? 19 1 
1 A U 16 1_555 A A 23 1_555 0.151  -0.037 0.102  -4.505  0.821   -3.201  13 A_U16:A23_A A 16 ? A 23 ? 20 1 
1 A C 17 1_555 A G 22 1_555 1.033  -0.319 0.219  8.727   10.327  -1.439  14 A_C17:G22_A A 17 ? A 22 ? 19 1 
1 A G 18 1_555 A A 21 1_555 4.409  -2.929 -2.456 9.772   -10.996 -55.849 15 A_G18:A21_A A 18 ? A 21 ? 11 4 
# 
loop_
_ndb_struct_na_base_pair_step.model_number 
_ndb_struct_na_base_pair_step.i_label_asym_id_1 
_ndb_struct_na_base_pair_step.i_label_comp_id_1 
_ndb_struct_na_base_pair_step.i_label_seq_id_1 
_ndb_struct_na_base_pair_step.i_symmetry_1 
_ndb_struct_na_base_pair_step.j_label_asym_id_1 
_ndb_struct_na_base_pair_step.j_label_comp_id_1 
_ndb_struct_na_base_pair_step.j_label_seq_id_1 
_ndb_struct_na_base_pair_step.j_symmetry_1 
_ndb_struct_na_base_pair_step.i_label_asym_id_2 
_ndb_struct_na_base_pair_step.i_label_comp_id_2 
_ndb_struct_na_base_pair_step.i_label_seq_id_2 
_ndb_struct_na_base_pair_step.i_symmetry_2 
_ndb_struct_na_base_pair_step.j_label_asym_id_2 
_ndb_struct_na_base_pair_step.j_label_comp_id_2 
_ndb_struct_na_base_pair_step.j_label_seq_id_2 
_ndb_struct_na_base_pair_step.j_symmetry_2 
_ndb_struct_na_base_pair_step.shift 
_ndb_struct_na_base_pair_step.slide 
_ndb_struct_na_base_pair_step.rise 
_ndb_struct_na_base_pair_step.tilt 
_ndb_struct_na_base_pair_step.roll 
_ndb_struct_na_base_pair_step.twist 
_ndb_struct_na_base_pair_step.x_displacement 
_ndb_struct_na_base_pair_step.y_displacement 
_ndb_struct_na_base_pair_step.helical_rise 
_ndb_struct_na_base_pair_step.inclination 
_ndb_struct_na_base_pair_step.tip 
_ndb_struct_na_base_pair_step.helical_twist 
_ndb_struct_na_base_pair_step.step_number 
_ndb_struct_na_base_pair_step.step_name 
_ndb_struct_na_base_pair_step.i_auth_asym_id_1 
_ndb_struct_na_base_pair_step.i_auth_seq_id_1 
_ndb_struct_na_base_pair_step.i_PDB_ins_code_1 
_ndb_struct_na_base_pair_step.j_auth_asym_id_1 
_ndb_struct_na_base_pair_step.j_auth_seq_id_1 
_ndb_struct_na_base_pair_step.j_PDB_ins_code_1 
_ndb_struct_na_base_pair_step.i_auth_asym_id_2 
_ndb_struct_na_base_pair_step.i_auth_seq_id_2 
_ndb_struct_na_base_pair_step.i_PDB_ins_code_2 
_ndb_struct_na_base_pair_step.j_auth_asym_id_2 
_ndb_struct_na_base_pair_step.j_auth_seq_id_2 
_ndb_struct_na_base_pair_step.j_PDB_ins_code_2 
1 A G 1  1_555 A C 38 1_555 A G 2  1_555 A C 37 1_555 -0.431 -2.391 3.080 -4.464 8.970  26.444 -6.644 0.015  2.208 18.773  9.343   
28.247 1  AA_G1G2:C37C38_AA   A 1  ? A 38 ? A 2  ? A 37 ? 
1 A G 2  1_555 A C 37 1_555 A G 3  1_555 A C 36 1_555 -0.133 -2.559 3.079 -6.474 11.783 28.983 -6.375 -0.700 1.906 22.104  12.146  
31.889 2  AA_G2G3:C36C37_AA   A 2  ? A 37 ? A 3  ? A 36 ? 
1 A G 3  1_555 A C 36 1_555 A U 4  1_555 A A 35 1_555 -0.225 -2.203 3.219 3.065  3.280  32.900 -4.378 0.881  2.959 5.758   -5.380  
33.196 3  AA_G3U4:A35C36_AA   A 3  ? A 36 ? A 4  ? A 35 ? 
1 A U 4  1_555 A A 35 1_555 A G 5  1_555 A C 34 1_555 0.037  -2.137 3.828 5.333  23.262 34.217 -5.466 0.510  2.020 34.790  -7.976  
41.512 4  AA_U4G5:C34A35_AA   A 4  ? A 35 ? A 5  ? A 34 ? 
1 A G 5  1_555 A C 34 1_555 A A 6  1_555 A U 33 1_555 1.228  -1.754 2.916 1.923  6.925  21.260 -6.624 -2.570 2.334 18.115  -5.030  
22.429 5  AA_G5A6:U33C34_AA   A 5  ? A 34 ? A 6  ? A 33 ? 
1 A C 7  1_555 A G 29 1_555 A U 8  1_555 A A 28 1_555 -0.102 -2.389 3.219 -3.823 4.461  26.698 -6.086 -0.666 2.778 9.515   8.154   
27.326 6  AA_C7U8:A28G29_AA   A 7  ? A 29 ? A 8  ? A 28 ? 
1 A U 8  1_555 A A 28 1_555 A C 9  1_555 A G 27 1_555 -0.717 -2.528 3.464 -1.380 8.684  34.465 -5.374 0.980  2.791 14.368  2.283   
35.536 7  AA_U8C9:G27A28_AA   A 8  ? A 28 ? A 9  ? A 27 ? 
1 A C 9  1_555 A G 27 1_555 A C 10 1_555 A G 26 1_555 1.447  -2.155 3.427 3.120  5.197  35.859 -4.194 -1.876 3.204 8.366   -5.024  
36.351 8  AA_C9C10:G26G27_AA  A 9  ? A 27 ? A 10 ? A 26 ? 
1 A G 14 1_555 A C 25 1_555 A G 15 1_555 A C 24 1_555 0.199  -1.162 3.614 -0.035 17.694 25.748 -5.551 -0.378 2.350 34.937  0.069   
31.157 9  AA_G14G15:C24C25_AA A 14 ? A 25 ? A 15 ? A 24 ? 
1 A G 15 1_555 A C 24 1_555 A U 16 1_555 A A 23 1_555 0.082  -1.335 3.482 -0.983 15.930 31.262 -4.555 -0.281 2.524 27.436  1.693   
35.009 10 AA_G15U16:A23C24_AA A 15 ? A 24 ? A 16 ? A 23 ? 
1 A U 16 1_555 A A 23 1_555 A C 17 1_555 A G 22 1_555 0.694  -1.095 3.188 1.458  8.146  29.702 -3.550 -1.040 2.825 15.515  -2.777  
30.808 11 AA_U16C17:G22A23_AA A 16 ? A 23 ? A 17 ? A 22 ? 
1 A C 17 1_555 A G 22 1_555 A G 18 1_555 A A 21 1_555 -2.772 -0.321 4.273 10.995 -7.588 25.330 1.340  8.496  2.830 -15.966 -23.135 
28.586 12 AA_C17G18:A21G22_AA A 17 ? A 22 ? A 18 ? A 21 ? 
# 
loop_
_pdbx_nmr_spectrometer.spectrometer_id 
_pdbx_nmr_spectrometer.model 
_pdbx_nmr_spectrometer.manufacturer 
_pdbx_nmr_spectrometer.field_strength 
1 UNITY     Varian 500 
2 UNITYPLUS GE     600 
3 OMEGA     GE     600 
# 
_atom_sites.entry_id                    2A9L 
_atom_sites.fract_transf_matrix[1][1]   1.000000 
_atom_sites.fract_transf_matrix[1][2]   0.000000 
_atom_sites.fract_transf_matrix[1][3]   0.000000 
_atom_sites.fract_transf_matrix[2][1]   0.000000 
_atom_sites.fract_transf_matrix[2][2]   1.000000 
_atom_sites.fract_transf_matrix[2][3]   0.000000 
_atom_sites.fract_transf_matrix[3][1]   0.000000 
_atom_sites.fract_transf_matrix[3][2]   0.000000 
_atom_sites.fract_transf_matrix[3][3]   1.000000 
_atom_sites.fract_transf_vector[1]      0.00000 
_atom_sites.fract_transf_vector[2]      0.00000 
_atom_sites.fract_transf_vector[3]      0.00000 
# 
loop_
_atom_type.symbol 
C 
H 
N 
O 
P 
# 
loop_
_atom_site.group_PDB 
_atom_site.id 
_atom_site.type_symbol 
_atom_site.label_atom_id 
_atom_site.label_alt_id 
_atom_site.label_comp_id 
_atom_site.label_asym_id 
_atom_site.label_entity_id 
_atom_site.label_seq_id 
_atom_site.pdbx_PDB_ins_code 
_atom_site.Cartn_x 
_atom_site.Cartn_y 
_atom_site.Cartn_z 
_atom_site.occupancy 
_atom_site.B_iso_or_equiv 
_atom_site.pdbx_formal_charge 
_atom_site.auth_seq_id 
_atom_site.auth_comp_id 
_atom_site.auth_asym_id 
_atom_site.auth_atom_id 
_atom_site.pdbx_PDB_model_num 
ATOM 1    O "O5'"  . G A 1 1  ? -3.396  -25.218 11.511  1.00 4.00 ? 1  G A "O5'"  1 
ATOM 2    C "C5'"  . G A 1 1  ? -4.251  -26.363 11.386  1.00 4.42 ? 1  G A "C5'"  1 
ATOM 3    C "C4'"  . G A 1 1  ? -5.293  -26.460 12.484  1.00 4.45 ? 1  G A "C4'"  1 
ATOM 4    O "O4'"  . G A 1 1  ? -4.661  -26.521 13.794  1.00 4.36 ? 1  G A "O4'"  1 
ATOM 5    C "C3'"  . G A 1 1  ? -6.240  -25.270 12.634  1.00 4.17 ? 1  G A "C3'"  1 
ATOM 6    O "O3'"  . G A 1 1  ? -7.181  -25.202 11.559  1.00 4.37 ? 1  G A "O3'"  1 
ATOM 7    C "C2'"  . G A 1 1  ? -6.827  -25.576 14.013  1.00 4.26 ? 1  G A "C2'"  1 
ATOM 8    O "O2'"  . G A 1 1  ? -7.687  -26.713 14.029  1.00 4.71 ? 1  G A "O2'"  1 
ATOM 9    C "C1'"  . G A 1 1  ? -5.526  -25.921 14.752  1.00 4.24 ? 1  G A "C1'"  1 
ATOM 10   N N9     . G A 1 1  ? -4.821  -24.768 15.346  1.00 3.85 ? 1  G A N9     1 
ATOM 11   C C8     . G A 1 1  ? -3.594  -24.256 14.984  1.00 3.62 ? 1  G A C8     1 
ATOM 12   N N7     . G A 1 1  ? -3.222  -23.237 15.705  1.00 3.36 ? 1  G A N7     1 
ATOM 13   C C5     . G A 1 1  ? -4.260  -23.056 16.610  1.00 3.42 ? 1  G A C5     1 
ATOM 14   C C6     . G A 1 1  ? -4.424  -22.097 17.648  1.00 3.28 ? 1  G A C6     1 
ATOM 15   O O6     . G A 1 1  ? -3.669  -21.181 17.994  1.00 3.08 ? 1  G A O6     1 
ATOM 16   N N1     . G A 1 1  ? -5.622  -22.272 18.321  1.00 3.46 ? 1  G A N1     1 
ATOM 17   C C2     . G A 1 1  ? -6.547  -23.232 18.022  1.00 3.73 ? 1  G A C2     1 
ATOM 18   N N2     . G A 1 1  ? -7.670  -23.198 18.736  1.00 3.90 ? 1  G A N2     1 
ATOM 19   N N3     . G A 1 1  ? -6.419  -24.138 17.073  1.00 3.88 ? 1  G A N3     1 
ATOM 20   C C4     . G A 1 1  ? -5.253  -23.995 16.404  1.00 3.71 ? 1  G A C4     1 
ATOM 21   H "H5'"  . G A 1 1  ? -3.630  -27.261 11.383  1.00 4.66 ? 1  G A "H5'"  1 
ATOM 22   H "H5''" . G A 1 1  ? -4.775  -26.322 10.432  1.00 4.56 ? 1  G A "H5''" 1 
ATOM 23   H "H4'"  . G A 1 1  ? -5.905  -27.335 12.259  1.00 4.81 ? 1  G A "H4'"  1 
ATOM 24   H "H3'"  . G A 1 1  ? -5.702  -24.325 12.664  1.00 3.82 ? 1  G A "H3'"  1 
ATOM 25   H "H2'"  . G A 1 1  ? -7.262  -24.654 14.418  1.00 4.03 ? 1  G A "H2'"  1 
ATOM 26   H "HO2'" . G A 1 1  ? -8.518  -26.444 14.418  1.00 4.64 ? 1  G A "HO2'" 1 
ATOM 27   H "H1'"  . G A 1 1  ? -5.694  -26.669 15.532  1.00 4.50 ? 1  G A "H1'"  1 
ATOM 28   H H8     . G A 1 1  ? -2.982  -24.650 14.187  1.00 3.68 ? 1  G A H8     1 
ATOM 29   H H1     . G A 1 1  ? -5.832  -21.616 19.060  1.00 3.40 ? 1  G A H1     1 
ATOM 30   H H21    . G A 1 1  ? -7.806  -22.469 19.423  1.00 3.81 ? 1  G A H21    1 
ATOM 31   H H22    . G A 1 1  ? -8.390  -23.874 18.546  1.00 4.12 ? 1  G A H22    1 
ATOM 32   H "HO5'" . G A 1 1  ? -3.951  -24.433 11.506  1.00 4.10 ? 1  G A "HO5'" 1 
ATOM 33   P P      . G A 1 2  ? -7.694  -23.798 10.961  1.00 4.12 ? 2  G A P      1 
ATOM 34   O OP1    . G A 1 2  ? -8.589  -24.058 9.808   1.00 4.51 ? 2  G A OP1    1 
ATOM 35   O OP2    . G A 1 2  ? -6.502  -22.932 10.762  1.00 3.73 ? 2  G A OP2    1 
ATOM 36   O "O5'"  . G A 1 2  ? -8.595  -23.247 12.164  1.00 3.97 ? 2  G A "O5'"  1 
ATOM 37   C "C5'"  . G A 1 2  ? -9.836  -23.865 12.508  1.00 4.32 ? 2  G A "C5'"  1 
ATOM 38   C "C4'"  . G A 1 2  ? -10.473 -23.180 13.696  1.00 4.17 ? 2  G A "C4'"  1 
ATOM 39   O "O4'"  . G A 1 2  ? -9.637  -23.309 14.879  1.00 3.99 ? 2  G A "O4'"  1 
ATOM 40   C "C3'"  . G A 1 2  ? -10.672 -21.668 13.619  1.00 3.84 ? 2  G A "C3'"  1 
ATOM 41   O "O3'"  . G A 1 2  ? -11.665 -21.280 12.667  1.00 4.07 ? 2  G A "O3'"  1 
ATOM 42   C "C2'"  . G A 1 2  ? -11.026 -21.386 15.076  1.00 3.74 ? 2  G A "C2'"  1 
ATOM 43   O "O2'"  . G A 1 2  ? -12.295 -21.898 15.476  1.00 4.11 ? 2  G A "O2'"  1 
ATOM 44   C "C1'"  . G A 1 2  ? -9.916  -22.211 15.741  1.00 3.72 ? 2  G A "C1'"  1 
ATOM 45   N N9     . G A 1 2  ? -8.688  -21.433 15.960  1.00 3.31 ? 2  G A N9     1 
ATOM 46   C C8     . G A 1 2  ? -7.505  -21.488 15.257  1.00 3.17 ? 2  G A C8     1 
ATOM 47   N N7     . G A 1 2  ? -6.628  -20.611 15.657  1.00 2.85 ? 2  G A N7     1 
ATOM 48   C C5     . G A 1 2  ? -7.269  -19.920 16.680  1.00 2.78 ? 2  G A C5     1 
ATOM 49   C C6     . G A 1 2  ? -6.831  -18.834 17.486  1.00 2.53 ? 2  G A C6     1 
ATOM 50   O O6     . G A 1 2  ? -5.741  -18.250 17.489  1.00 2.31 ? 2  G A O6     1 
ATOM 51   N N1     . G A 1 2  ? -7.832  -18.400 18.344  1.00 2.61 ? 2  G A N1     1 
ATOM 52   C C2     . G A 1 2  ? -9.072  -18.964 18.444  1.00 2.87 ? 2  G A C2     1 
ATOM 53   N N2     . G A 1 2  ? -9.907  -18.420 19.329  1.00 2.94 ? 2  G A N2     1 
ATOM 54   N N3     . G A 1 2  ? -9.490  -19.986 17.732  1.00 3.11 ? 2  G A N3     1 
ATOM 55   C C4     . G A 1 2  ? -8.544  -20.409 16.868  1.00 3.05 ? 2  G A C4     1 
ATOM 56   H "H5'"  . G A 1 2  ? -9.682  -24.921 12.738  1.00 4.55 ? 2  G A "H5'"  1 
ATOM 57   H "H5''" . G A 1 2  ? -10.531 -23.795 11.673  1.00 4.51 ? 2  G A "H5''" 1 
ATOM 58   H "H4'"  . G A 1 2  ? -11.454 -23.642 13.823  1.00 4.48 ? 2  G A "H4'"  1 
ATOM 59   H "H3'"  . G A 1 2  ? -9.744  -21.164 13.355  1.00 3.54 ? 2  G A "H3'"  1 
ATOM 60   H "H2'"  . G A 1 2  ? -10.872 -20.316 15.263  1.00 3.44 ? 2  G A "H2'"  1 
ATOM 61   H "HO2'" . G A 1 2  ? -12.952 -21.518 14.894  1.00 4.43 ? 2  G A "HO2'" 1 
ATOM 62   H "H1'"  . G A 1 2  ? -10.239 -22.629 16.696  1.00 3.89 ? 2  G A "H1'"  1 
ATOM 63   H H8     . G A 1 2  ? -7.307  -22.185 14.458  1.00 3.33 ? 2  G A H8     1 
ATOM 64   H H1     . G A 1 2  ? -7.626  -17.600 18.922  1.00 2.49 ? 2  G A H1     1 
ATOM 65   H H21    . G A 1 2  ? -9.619  -17.601 19.848  1.00 2.80 ? 2  G A H21    1 
ATOM 66   H H22    . G A 1 2  ? -10.828 -18.813 19.437  1.00 3.14 ? 2  G A H22    1 
ATOM 67   P P      . G A 1 3  ? -11.542 -19.913 11.824  1.00 3.87 ? 3  G A P      1 
ATOM 68   O OP1    . G A 1 3  ? -12.635 -19.866 10.824  1.00 4.28 ? 3  G A OP1    1 
ATOM 69   O OP2    . G A 1 3  ? -10.136 -19.781 11.351  1.00 3.62 ? 3  G A OP2    1 
ATOM 70   O "O5'"  . G A 1 3  ? -11.864 -18.812 12.947  1.00 3.54 ? 3  G A "O5'"  1 
ATOM 71   C "C5'"  . G A 1 3  ? -13.165 -18.695 13.532  1.00 3.57 ? 3  G A "C5'"  1 
ATOM 72   C "C4'"  . G A 1 3  ? -13.194 -17.626 14.606  1.00 3.32 ? 3  G A "C4'"  1 
ATOM 73   O "O4'"  . G A 1 3  ? -12.244 -17.935 15.664  1.00 3.13 ? 3  G A "O4'"  1 
ATOM 74   C "C3'"  . G A 1 3  ? -12.777 -16.213 14.202  1.00 3.03 ? 3  G A "C3'"  1 
ATOM 75   O "O3'"  . G A 1 3  ? -13.734 -15.576 13.351  1.00 3.23 ? 3  G A "O3'"  1 
ATOM 76   C "C2'"  . G A 1 3  ? -12.622 -15.589 15.587  1.00 2.83 ? 3  G A "C2'"  1 
ATOM 77   O "O2'"  . G A 1 3  ? -13.847 -15.391 16.288  1.00 3.07 ? 3  G A "O2'"  1 
ATOM 78   C "C1'"  . G A 1 3  ? -11.837 -16.715 16.270  1.00 2.83 ? 3  G A "C1'"  1 
ATOM 79   N N9     . G A 1 3  ? -10.381 -16.565 16.137  1.00 2.49 ? 3  G A N9     1 
ATOM 80   C C8     . G A 1 3  ? -9.510  -17.316 15.382  1.00 2.46 ? 3  G A C8     1 
ATOM 81   N N7     . G A 1 3  ? -8.279  -16.894 15.448  1.00 2.16 ? 3  G A N7     1 
ATOM 82   C C5     . G A 1 3  ? -8.330  -15.790 16.292  1.00 1.99 ? 3  G A C5     1 
ATOM 83   C C6     . G A 1 3  ? -7.309  -14.902 16.736  1.00 1.71 ? 3  G A C6     1 
ATOM 84   O O6     . G A 1 3  ? -6.096  -14.909 16.498  1.00 1.54 ? 3  G A O6     1 
ATOM 85   N N1     . G A 1 3  ? -7.830  -13.884 17.521  1.00 1.72 ? 3  G A N1     1 
ATOM 86   C C2     . G A 1 3  ? -9.146  -13.746 17.852  1.00 1.94 ? 3  G A C2     1 
ATOM 87   N N2     . G A 1 3  ? -9.462  -12.667 18.561  1.00 1.98 ? 3  G A N2     1 
ATOM 88   N N3     . G A 1 3  ? -10.103 -14.571 17.488  1.00 2.18 ? 3  G A N3     1 
ATOM 89   C C4     . G A 1 3  ? -9.626  -15.566 16.709  1.00 2.19 ? 3  G A C4     1 
ATOM 90   H "H5'"  . G A 1 3  ? -13.469 -19.649 13.964  1.00 3.62 ? 3  G A "H5'"  1 
ATOM 91   H "H5''" . G A 1 3  ? -13.895 -18.420 12.771  1.00 3.86 ? 3  G A "H5''" 1 
ATOM 92   H "H4'"  . G A 1 3  ? -14.223 -17.573 14.963  1.00 3.53 ? 3  G A "H4'"  1 
ATOM 93   H "H3'"  . G A 1 3  ? -11.820 -16.218 13.683  1.00 2.85 ? 3  G A "H3'"  1 
ATOM 94   H "H2'"  . G A 1 3  ? -11.995 -14.696 15.482  1.00 2.57 ? 3  G A "H2'"  1 
ATOM 95   H "HO2'" . G A 1 3  ? -13.632 -14.937 17.106  1.00 3.05 ? 3  G A "HO2'" 1 
ATOM 96   H "H1'"  . G A 1 3  ? -12.083 -16.788 17.332  1.00 2.92 ? 3  G A "H1'"  1 
ATOM 97   H H8     . G A 1 3  ? -9.799  -18.174 14.792  1.00 2.69 ? 3  G A H8     1 
ATOM 98   H H1     . G A 1 3  ? -7.176  -13.187 17.855  1.00 1.60 ? 3  G A H1     1 
ATOM 99   H H21    . G A 1 3  ? -8.745  -11.988 18.783  1.00 1.86 ? 3  G A H21    1 
ATOM 100  H H22    . G A 1 3  ? -10.425 -12.502 18.807  1.00 2.16 ? 3  G A H22    1 
ATOM 101  P P      . U A 1 4  ? -13.299 -14.512 12.223  1.00 3.13 ? 4  U A P      1 
ATOM 102  O OP1    . U A 1 4  ? -14.488 -14.130 11.425  1.00 3.46 ? 4  U A OP1    1 
ATOM 103  O OP2    . U A 1 4  ? -12.109 -15.060 11.518  1.00 3.09 ? 4  U A OP2    1 
ATOM 104  O "O5'"  . U A 1 4  ? -12.888 -13.247 13.111  1.00 2.77 ? 4  U A "O5'"  1 
ATOM 105  C "C5'"  . U A 1 4  ? -13.828 -12.510 13.900  1.00 2.82 ? 4  U A "C5'"  1 
ATOM 106  C "C4'"  . U A 1 4  ? -13.108 -11.421 14.672  1.00 2.50 ? 4  U A "C4'"  1 
ATOM 107  O "O4'"  . U A 1 4  ? -12.124 -12.007 15.572  1.00 2.28 ? 4  U A "O4'"  1 
ATOM 108  C "C3'"  . U A 1 4  ? -12.251 -10.466 13.845  1.00 2.33 ? 4  U A "C3'"  1 
ATOM 109  O "O3'"  . U A 1 4  ? -13.022 -9.547  13.068  1.00 2.56 ? 4  U A "O3'"  1 
ATOM 110  C "C2'"  . U A 1 4  ? -11.409 -9.834  14.946  1.00 2.06 ? 4  U A "C2'"  1 
ATOM 111  O "O2'"  . U A 1 4  ? -12.102 -8.922  15.790  1.00 2.19 ? 4  U A "O2'"  1 
ATOM 112  C "C1'"  . U A 1 4  ? -11.037 -11.096 15.729  1.00 2.00 ? 4  U A "C1'"  1 
ATOM 113  N N1     . U A 1 4  ? -9.755  -11.683 15.251  1.00 1.77 ? 4  U A N1     1 
ATOM 114  C C2     . U A 1 4  ? -8.568  -11.072 15.637  1.00 1.54 ? 4  U A C2     1 
ATOM 115  O O2     . U A 1 4  ? -8.509  -10.074 16.335  1.00 1.56 ? 4  U A O2     1 
ATOM 116  N N3     . U A 1 4  ? -7.439  -11.654 15.137  1.00 1.36 ? 4  U A N3     1 
ATOM 117  C C4     . U A 1 4  ? -7.338  -12.722 14.285  1.00 1.42 ? 4  U A C4     1 
ATOM 118  O O4     . U A 1 4  ? -6.230  -13.093 13.906  1.00 1.31 ? 4  U A O4     1 
ATOM 119  C C5     . U A 1 4  ? -8.588  -13.285 13.911  1.00 1.72 ? 4  U A C5     1 
ATOM 120  C C6     . U A 1 4  ? -9.717  -12.753 14.384  1.00 1.86 ? 4  U A C6     1 
ATOM 121  H "H5'"  . U A 1 4  ? -14.342 -13.170 14.600  1.00 2.94 ? 4  U A "H5'"  1 
ATOM 122  H "H5''" . U A 1 4  ? -14.572 -12.041 13.257  1.00 3.02 ? 4  U A "H5''" 1 
ATOM 123  H "H4'"  . U A 1 4  ? -13.862 -10.823 15.186  1.00 2.62 ? 4  U A "H4'"  1 
ATOM 124  H "H3'"  . U A 1 4  ? -11.602 -11.007 13.161  1.00 2.28 ? 4  U A "H3'"  1 
ATOM 125  H "H2'"  . U A 1 4  ? -10.509 -9.441  14.468  1.00 1.91 ? 4  U A "H2'"  1 
ATOM 126  H "HO2'" . U A 1 4  ? -11.449 -8.337  16.176  1.00 2.42 ? 4  U A "HO2'" 1 
ATOM 127  H "H1'"  . U A 1 4  ? -10.962 -10.908 16.802  1.00 2.00 ? 4  U A "H1'"  1 
ATOM 128  H H3     . U A 1 4  ? -6.568  -11.220 15.393  1.00 1.24 ? 4  U A H3     1 
ATOM 129  H H5     . U A 1 4  ? -8.619  -14.129 13.223  1.00 1.87 ? 4  U A H5     1 
ATOM 130  H H6     . U A 1 4  ? -10.648 -13.174 14.037  1.00 2.11 ? 4  U A H6     1 
ATOM 131  P P      . G A 1 5  ? -12.497 -9.009  11.646  1.00 2.63 ? 5  G A P      1 
ATOM 132  O OP1    . G A 1 5  ? -13.527 -8.130  11.045  1.00 2.98 ? 5  G A OP1    1 
ATOM 133  O OP2    . G A 1 5  ? -12.017 -10.183 10.869  1.00 2.65 ? 5  G A OP2    1 
ATOM 134  O "O5'"  . G A 1 5  ? -11.262 -8.085  12.084  1.00 2.34 ? 5  G A "O5'"  1 
ATOM 135  C "C5'"  . G A 1 5  ? -11.455 -6.867  12.808  1.00 2.38 ? 5  G A "C5'"  1 
ATOM 136  C "C4'"  . G A 1 5  ? -10.143 -6.150  13.061  1.00 2.18 ? 5  G A "C4'"  1 
ATOM 137  O "O4'"  . G A 1 5  ? -9.272  -6.915  13.949  1.00 1.90 ? 5  G A "O4'"  1 
ATOM 138  C "C3'"  . G A 1 5  ? -9.235  -5.921  11.854  1.00 2.25 ? 5  G A "C3'"  1 
ATOM 139  O "O3'"  . G A 1 5  ? -9.790  -4.986  10.922  1.00 2.63 ? 5  G A "O3'"  1 
ATOM 140  C "C2'"  . G A 1 5  ? -7.973  -5.473  12.591  1.00 2.09 ? 5  G A "C2'"  1 
ATOM 141  O "O2'"  . G A 1 5  ? -8.092  -4.215  13.255  1.00 2.31 ? 5  G A "O2'"  1 
ATOM 142  C "C1'"  . G A 1 5  ? -7.920  -6.600  13.623  1.00 1.79 ? 5  G A "C1'"  1 
ATOM 143  N N9     . G A 1 5  ? -7.249  -7.813  13.119  1.00 1.59 ? 5  G A N9     1 
ATOM 144  C C8     . G A 1 5  ? -7.840  -8.995  12.730  1.00 1.58 ? 5  G A C8     1 
ATOM 145  N N7     . G A 1 5  ? -6.989  -9.886  12.311  1.00 1.47 ? 5  G A N7     1 
ATOM 146  C C5     . G A 1 5  ? -5.754  -9.264  12.427  1.00 1.39 ? 5  G A C5     1 
ATOM 147  C C6     . G A 1 5  ? -4.451  -9.755  12.153  1.00 1.33 ? 5  G A C6     1 
ATOM 148  O O6     . G A 1 5  ? -4.108  -10.864 11.730  1.00 1.32 ? 5  G A O6     1 
ATOM 149  N N1     . G A 1 5  ? -3.479  -8.816  12.460  1.00 1.41 ? 5  G A N1     1 
ATOM 150  C C2     . G A 1 5  ? -3.727  -7.552  12.898  1.00 1.57 ? 5  G A C2     1 
ATOM 151  N N2     . G A 1 5  ? -2.652  -6.798  13.111  1.00 1.75 ? 5  G A N2     1 
ATOM 152  N N3     . G A 1 5  ? -4.927  -7.057  13.125  1.00 1.61 ? 5  G A N3     1 
ATOM 153  C C4     . G A 1 5  ? -5.896  -7.974  12.897  1.00 1.50 ? 5  G A C4     1 
ATOM 154  H "H5'"  . G A 1 5  ? -11.954 -7.059  13.758  1.00 2.57 ? 5  G A "H5'"  1 
ATOM 155  H "H5''" . G A 1 5  ? -12.085 -6.193  12.227  1.00 2.78 ? 5  G A "H5''" 1 
ATOM 156  H "H4'"  . G A 1 5  ? -10.416 -5.174  13.464  1.00 2.32 ? 5  G A "H4'"  1 
ATOM 157  H "H3'"  . G A 1 5  ? -9.062  -6.858  11.332  1.00 2.21 ? 5  G A "H3'"  1 
ATOM 158  H "H2'"  . G A 1 5  ? -7.115  -5.579  11.930  1.00 2.10 ? 5  G A "H2'"  1 
ATOM 159  H "HO2'" . G A 1 5  ? -8.491  -3.599  12.638  1.00 2.57 ? 5  G A "HO2'" 1 
ATOM 160  H "H1'"  . G A 1 5  ? -7.423  -6.279  14.539  1.00 1.80 ? 5  G A "H1'"  1 
ATOM 161  H H8     . G A 1 5  ? -8.901  -9.183  12.760  1.00 1.71 ? 5  G A H8     1 
ATOM 162  H H1     . G A 1 5  ? -2.513  -9.073  12.322  1.00 1.44 ? 5  G A H1     1 
ATOM 163  H H21    . G A 1 5  ? -1.721  -7.167  12.952  1.00 1.76 ? 5  G A H21    1 
ATOM 164  H H22    . G A 1 5  ? -2.774  -5.852  13.434  1.00 1.92 ? 5  G A H22    1 
ATOM 165  P P      . A A 1 6  ? -9.595  -5.123  9.321   1.00 2.90 ? 6  A A P      1 
ATOM 166  O OP1    . A A 1 6  ? -10.837 -4.644  8.672   1.00 3.48 ? 6  A A OP1    1 
ATOM 167  O OP2    . A A 1 6  ? -9.099  -6.486  8.983   1.00 2.77 ? 6  A A OP2    1 
ATOM 168  O "O5'"  . A A 1 6  ? -8.472  -4.009  9.031   1.00 2.87 ? 6  A A "O5'"  1 
ATOM 169  C "C5'"  . A A 1 6  ? -7.188  -4.298  8.466   1.00 2.98 ? 6  A A "C5'"  1 
ATOM 170  C "C4'"  . A A 1 6  ? -6.134  -4.573  9.530   1.00 2.75 ? 6  A A "C4'"  1 
ATOM 171  O "O4'"  . A A 1 6  ? -6.029  -6.008  9.837   1.00 2.53 ? 6  A A "O4'"  1 
ATOM 172  C "C3'"  . A A 1 6  ? -4.691  -4.141  9.209   1.00 2.78 ? 6  A A "C3'"  1 
ATOM 173  O "O3'"  . A A 1 6  ? -3.959  -3.919  10.441  1.00 2.68 ? 6  A A "O3'"  1 
ATOM 174  C "C2'"  . A A 1 6  ? -4.288  -5.418  8.472   1.00 2.67 ? 6  A A "C2'"  1 
ATOM 175  O "O2'"  . A A 1 6  ? -2.903  -5.469  8.255   1.00 2.66 ? 6  A A "O2'"  1 
ATOM 176  C "C1'"  . A A 1 6  ? -4.711  -6.419  9.535   1.00 2.43 ? 6  A A "C1'"  1 
ATOM 177  N N9     . A A 1 6  ? -4.627  -7.834  9.140   1.00 2.31 ? 6  A A N9     1 
ATOM 178  C C8     . A A 1 6  ? -5.635  -8.746  8.933   1.00 2.29 ? 6  A A C8     1 
ATOM 179  N N7     . A A 1 6  ? -5.205  -9.964  8.700   1.00 2.23 ? 6  A A N7     1 
ATOM 180  C C5     . A A 1 6  ? -3.817  -9.860  8.798   1.00 2.15 ? 6  A A C5     1 
ATOM 181  C C6     . A A 1 6  ? -2.762  -10.799 8.734   1.00 2.08 ? 6  A A C6     1 
ATOM 182  N N6     . A A 1 6  ? -2.904  -12.104 8.518   1.00 2.09 ? 6  A A N6     1 
ATOM 183  N N1     . A A 1 6  ? -1.507  -10.364 8.961   1.00 2.06 ? 6  A A N1     1 
ATOM 184  C C2     . A A 1 6  ? -1.319  -9.068  9.225   1.00 2.14 ? 6  A A C2     1 
ATOM 185  N N3     . A A 1 6  ? -2.212  -8.091  9.293   1.00 2.24 ? 6  A A N3     1 
ATOM 186  C C4     . A A 1 6  ? -3.456  -8.556  9.077   1.00 2.21 ? 6  A A C4     1 
ATOM 187  H "H5'"  . A A 1 6  ? -6.903  -3.401  7.911   1.00 3.26 ? 6  A A "H5'"  1 
ATOM 188  H "H5''" . A A 1 6  ? -7.222  -5.117  7.749   1.00 3.33 ? 6  A A "H5''" 1 
ATOM 189  H "H4'"  . A A 1 6  ? -6.420  -3.962  10.387  1.00 2.78 ? 6  A A "H4'"  1 
ATOM 190  H "H3'"  . A A 1 6  ? -4.642  -3.230  8.616   1.00 2.99 ? 6  A A "H3'"  1 
ATOM 191  H "H2'"  . A A 1 6  ? -4.907  -5.552  7.576   1.00 2.79 ? 6  A A "H2'"  1 
ATOM 192  H "HO2'" . A A 1 6  ? -2.582  -6.324  8.553   1.00 2.60 ? 6  A A "HO2'" 1 
ATOM 193  H "H1'"  . A A 1 6  ? -4.163  -6.253  10.472  1.00 2.34 ? 6  A A "H1'"  1 
ATOM 194  H H8     . A A 1 6  ? -6.684  -8.481  8.980   1.00 2.37 ? 6  A A H8     1 
ATOM 195  H H61    . A A 1 6  ? -2.087  -12.695 8.610   1.00 2.06 ? 6  A A H61    1 
ATOM 196  H H62    . A A 1 6  ? -3.825  -12.502 8.413   1.00 2.15 ? 6  A A H62    1 
ATOM 197  H H2     . A A 1 6  ? -0.286  -8.769  9.402   1.00 2.19 ? 6  A A H2     1 
ATOM 198  P P      . C A 1 7  ? -2.826  -2.779  10.652  1.00 2.78 ? 7  C A P      1 
ATOM 199  O OP1    . C A 1 7  ? -2.690  -2.504  12.101  1.00 2.78 ? 7  C A OP1    1 
ATOM 200  O OP2    . C A 1 7  ? -3.164  -1.645  9.749   1.00 2.97 ? 7  C A OP2    1 
ATOM 201  O "O5'"  . C A 1 7  ? -1.450  -3.484  10.187  1.00 2.66 ? 7  C A "O5'"  1 
ATOM 202  C "C5'"  . C A 1 7  ? -0.775  -4.494  10.947  1.00 2.58 ? 7  C A "C5'"  1 
ATOM 203  C "C4'"  . C A 1 7  ? 0.290   -5.197  10.112  1.00 2.48 ? 7  C A "C4'"  1 
ATOM 204  O "O4'"  . C A 1 7  ? -0.329  -5.642  8.881   1.00 2.49 ? 7  C A "O4'"  1 
ATOM 205  C "C3'"  . C A 1 7  ? 1.524   -4.440  9.609   1.00 2.41 ? 7  C A "C3'"  1 
ATOM 206  O "O3'"  . C A 1 7  ? 2.517   -4.254  10.623  1.00 2.41 ? 7  C A "O3'"  1 
ATOM 207  C "C2'"  . C A 1 7  ? 1.958   -5.396  8.490   1.00 2.37 ? 7  C A "C2'"  1 
ATOM 208  O "O2'"  . C A 1 7  ? 2.479   -6.637  8.958   1.00 2.38 ? 7  C A "O2'"  1 
ATOM 209  C "C1'"  . C A 1 7  ? 0.605   -5.646  7.822   1.00 2.42 ? 7  C A "C1'"  1 
ATOM 210  N N1     . C A 1 7  ? 0.233   -4.670  6.749   1.00 2.41 ? 7  C A N1     1 
ATOM 211  C C2     . C A 1 7  ? 0.866   -4.757  5.498   1.00 2.23 ? 7  C A C2     1 
ATOM 212  O O2     . C A 1 7  ? 1.795   -5.557  5.320   1.00 2.13 ? 7  C A O2     1 
ATOM 213  N N3     . C A 1 7  ? 0.471   -3.943  4.494   1.00 2.20 ? 7  C A N3     1 
ATOM 214  C C4     . C A 1 7  ? -0.536  -3.100  4.665   1.00 2.35 ? 7  C A C4     1 
ATOM 215  N N4     . C A 1 7  ? -0.905  -2.349  3.638   1.00 2.31 ? 7  C A N4     1 
ATOM 216  C C5     . C A 1 7  ? -1.192  -2.961  5.911   1.00 2.59 ? 7  C A C5     1 
ATOM 217  C C6     . C A 1 7  ? -0.766  -3.739  6.910   1.00 2.62 ? 7  C A C6     1 
ATOM 218  H "H5'"  . C A 1 7  ? -1.512  -5.229  11.267  1.00 2.60 ? 7  C A "H5'"  1 
ATOM 219  H "H5''" . C A 1 7  ? -0.301  -4.076  11.834  1.00 2.59 ? 7  C A "H5''" 1 
ATOM 220  H "H4'"  . C A 1 7  ? 0.652   -6.044  10.690  1.00 2.47 ? 7  C A "H4'"  1 
ATOM 221  H "H3'"  . C A 1 7  ? 1.266   -3.463  9.206   1.00 2.42 ? 7  C A "H3'"  1 
ATOM 222  H "H2'"  . C A 1 7  ? 2.609   -4.855  7.801   1.00 2.32 ? 7  C A "H2'"  1 
ATOM 223  H "HO2'" . C A 1 7  ? 2.744   -7.148  8.191   1.00 2.46 ? 7  C A "HO2'" 1 
ATOM 224  H "H1'"  . C A 1 7  ? 0.519   -6.659  7.431   1.00 2.45 ? 7  C A "H1'"  1 
ATOM 225  H H41    . C A 1 7  ? -0.377  -2.418  2.777   1.00 2.17 ? 7  C A H41    1 
ATOM 226  H H42    . C A 1 7  ? -1.661  -1.690  3.736   1.00 2.44 ? 7  C A H42    1 
ATOM 227  H H5     . C A 1 7  ? -1.996  -2.240  6.053   1.00 2.76 ? 7  C A H5     1 
ATOM 228  H H6     . C A 1 7  ? -1.271  -3.608  7.857   1.00 2.84 ? 7  C A H6     1 
ATOM 229  P P      . U A 1 8  ? 3.601   -3.064  10.563  1.00 2.35 ? 8  U A P      1 
ATOM 230  O OP1    . U A 1 8  ? 4.454   -3.112  11.775  1.00 2.43 ? 8  U A OP1    1 
ATOM 231  O OP2    . U A 1 8  ? 2.862   -1.808  10.262  1.00 2.40 ? 8  U A OP2    1 
ATOM 232  O "O5'"  . U A 1 8  ? 4.523   -3.479  9.319   1.00 2.16 ? 8  U A "O5'"  1 
ATOM 233  C "C5'"  . U A 1 8  ? 5.417   -4.598  9.343   1.00 2.15 ? 8  U A "C5'"  1 
ATOM 234  C "C4'"  . U A 1 8  ? 6.053   -4.762  7.976   1.00 2.00 ? 8  U A "C4'"  1 
ATOM 235  O "O4'"  . U A 1 8  ? 5.003   -4.859  6.973   1.00 2.01 ? 8  U A "O4'"  1 
ATOM 236  C "C3'"  . U A 1 8  ? 6.905   -3.592  7.478   1.00 1.85 ? 8  U A "C3'"  1 
ATOM 237  O "O3'"  . U A 1 8  ? 8.179   -3.555  8.130   1.00 1.85 ? 8  U A "O3'"  1 
ATOM 238  C "C2'"  . U A 1 8  ? 6.941   -3.915  5.984   1.00 1.77 ? 8  U A "C2'"  1 
ATOM 239  O "O2'"  . U A 1 8  ? 7.766   -5.029  5.655   1.00 1.82 ? 8  U A "O2'"  1 
ATOM 240  C "C1'"  . U A 1 8  ? 5.471   -4.299  5.756   1.00 1.87 ? 8  U A "C1'"  1 
ATOM 241  N N1     . U A 1 8  ? 4.584   -3.183  5.310   1.00 1.83 ? 8  U A N1     1 
ATOM 242  C C2     . U A 1 8  ? 4.730   -2.741  4.004   1.00 1.72 ? 8  U A C2     1 
ATOM 243  O O2     . U A 1 8  ? 5.595   -3.143  3.243   1.00 1.66 ? 8  U A O2     1 
ATOM 244  N N3     . U A 1 8  ? 3.809   -1.815  3.601   1.00 1.71 ? 8  U A N3     1 
ATOM 245  C C4     . U A 1 8  ? 2.762   -1.292  4.309   1.00 1.83 ? 8  U A C4     1 
ATOM 246  O O4     . U A 1 8  ? 2.020   -0.474  3.766   1.00 1.84 ? 8  U A O4     1 
ATOM 247  C C5     . U A 1 8  ? 2.692   -1.749  5.656   1.00 1.96 ? 8  U A C5     1 
ATOM 248  C C6     . U A 1 8  ? 3.584   -2.642  6.100   1.00 1.96 ? 8  U A C6     1 
ATOM 249  H "H5'"  . U A 1 8  ? 4.877   -5.509  9.600   1.00 2.26 ? 8  U A "H5'"  1 
ATOM 250  H "H5''" . U A 1 8  ? 6.205   -4.442  10.079  1.00 2.19 ? 8  U A "H5''" 1 
ATOM 251  H "H4'"  . U A 1 8  ? 6.700   -5.639  8.008   1.00 2.01 ? 8  U A "H4'"  1 
ATOM 252  H "H3'"  . U A 1 8  ? 6.420   -2.631  7.640   1.00 1.86 ? 8  U A "H3'"  1 
ATOM 253  H "H2'"  . U A 1 8  ? 7.177   -2.996  5.440   1.00 1.68 ? 8  U A "H2'"  1 
ATOM 254  H "HO2'" . U A 1 8  ? 7.974   -4.963  4.721   1.00 1.79 ? 8  U A "HO2'" 1 
ATOM 255  H "H1'"  . U A 1 8  ? 5.396   -5.117  5.033   1.00 1.91 ? 8  U A "H1'"  1 
ATOM 256  H H3     . U A 1 8  ? 3.909   -1.487  2.652   1.00 1.64 ? 8  U A H3     1 
ATOM 257  H H5     . U A 1 8  ? 1.914   -1.367  6.318   1.00 2.09 ? 8  U A H5     1 
ATOM 258  H H6     . U A 1 8  ? 3.481   -2.941  7.136   1.00 2.08 ? 8  U A H6     1 
ATOM 259  P P      . C A 1 9  ? 8.926   -2.181  8.503   1.00 1.82 ? 9  C A P      1 
ATOM 260  O OP1    . C A 1 9  ? 10.173  -2.492  9.241   1.00 1.90 ? 9  C A OP1    1 
ATOM 261  O OP2    . C A 1 9  ? 7.925   -1.285  9.142   1.00 1.92 ? 9  C A OP2    1 
ATOM 262  O "O5'"  . C A 1 9  ? 9.340   -1.615  7.056   1.00 1.65 ? 9  C A "O5'"  1 
ATOM 263  C "C5'"  . C A 1 9  ? 10.400  -2.203  6.293   1.00 1.62 ? 9  C A "C5'"  1 
ATOM 264  C "C4'"  . C A 1 9  ? 10.593  -1.500  4.965   1.00 1.48 ? 9  C A "C4'"  1 
ATOM 265  O "O4'"  . C A 1 9  ? 9.407   -1.651  4.131   1.00 1.47 ? 9  C A "O4'"  1 
ATOM 266  C "C3'"  . C A 1 9  ? 10.777  0.017   4.979   1.00 1.41 ? 9  C A "C3'"  1 
ATOM 267  O "O3'"  . C A 1 9  ? 12.039  0.455   5.496   1.00 1.50 ? 9  C A "O3'"  1 
ATOM 268  C "C2'"  . C A 1 9  ? 10.588  0.297   3.492   1.00 1.32 ? 9  C A "C2'"  1 
ATOM 269  O "O2'"  . C A 1 9  ? 11.669  -0.129  2.669   1.00 1.38 ? 9  C A "O2'"  1 
ATOM 270  C "C1'"  . C A 1 9  ? 9.357   -0.564  3.213   1.00 1.37 ? 9  C A "C1'"  1 
ATOM 271  N N1     . C A 1 9  ? 8.068   0.179   3.332   1.00 1.35 ? 9  C A N1     1 
ATOM 272  C C2     . C A 1 9  ? 7.676   1.032   2.284   1.00 1.29 ? 9  C A C2     1 
ATOM 273  O O2     . C A 1 9  ? 8.456   1.282   1.350   1.00 1.28 ? 9  C A O2     1 
ATOM 274  N N3     . C A 1 9  ? 6.453   1.597   2.321   1.00 1.32 ? 9  C A N3     1 
ATOM 275  C C4     . C A 1 9  ? 5.635   1.356   3.337   1.00 1.44 ? 9  C A C4     1 
ATOM 276  N N4     . C A 1 9  ? 4.454   1.953   3.313   1.00 1.52 ? 9  C A N4     1 
ATOM 277  C C5     . C A 1 9  ? 6.021   0.574   4.454   1.00 1.52 ? 9  C A C5     1 
ATOM 278  C C6     . C A 1 9  ? 7.236   0.022   4.416   1.00 1.45 ? 9  C A C6     1 
ATOM 279  H "H5'"  . C A 1 9  ? 10.189  -3.259  6.117   1.00 1.68 ? 9  C A "H5'"  1 
ATOM 280  H "H5''" . C A 1 9  ? 11.338  -2.127  6.841   1.00 1.67 ? 9  C A "H5''" 1 
ATOM 281  H "H4'"  . C A 1 9  ? 11.481  -1.936  4.507   1.00 1.51 ? 9  C A "H4'"  1 
ATOM 282  H "H3'"  . C A 1 9  ? 9.993   0.507   5.554   1.00 1.43 ? 9  C A "H3'"  1 
ATOM 283  H "H2'"  . C A 1 9  ? 10.319  1.344   3.388   1.00 1.26 ? 9  C A "H2'"  1 
ATOM 284  H "HO2'" . C A 1 9  ? 11.570  0.313   1.824   1.00 1.43 ? 9  C A "HO2'" 1 
ATOM 285  H "H1'"  . C A 1 9  ? 9.419   -0.999  2.213   1.00 1.41 ? 9  C A "H1'"  1 
ATOM 286  H H41    . C A 1 9  ? 4.238   2.552   2.523   1.00 1.48 ? 9  C A H41    1 
ATOM 287  H H42    . C A 1 9  ? 3.796   1.816   4.063   1.00 1.64 ? 9  C A H42    1 
ATOM 288  H H5     . C A 1 9  ? 5.357   0.443   5.307   1.00 1.66 ? 9  C A H5     1 
ATOM 289  H H6     . C A 1 9  ? 7.551   -0.555  5.285   1.00 1.54 ? 9  C A H6     1 
ATOM 290  P P      . C A 1 10 ? 12.189  1.852   6.286   1.00 1.60 ? 10 C A P      1 
ATOM 291  O OP1    . C A 1 10 ? 13.609  2.075   6.648   1.00 1.79 ? 10 C A OP1    1 
ATOM 292  O OP2    . C A 1 10 ? 11.164  1.842   7.365   1.00 1.68 ? 10 C A OP2    1 
ATOM 293  O "O5'"  . C A 1 10 ? 11.794  2.925   5.157   1.00 1.49 ? 10 C A "O5'"  1 
ATOM 294  C "C5'"  . C A 1 10 ? 12.651  3.219   4.047   1.00 1.53 ? 10 C A "C5'"  1 
ATOM 295  C "C4'"  . C A 1 10 ? 11.956  4.151   3.074   1.00 1.44 ? 10 C A "C4'"  1 
ATOM 296  O "O4'"  . C A 1 10 ? 10.718  3.544   2.604   1.00 1.24 ? 10 C A "O4'"  1 
ATOM 297  C "C3'"  . C A 1 10 ? 11.449  5.472   3.645   1.00 1.51 ? 10 C A "C3'"  1 
ATOM 298  O "O3'"  . C A 1 10 ? 12.473  6.434   3.914   1.00 1.78 ? 10 C A "O3'"  1 
ATOM 299  C "C2'"  . C A 1 10 ? 10.538  5.876   2.490   1.00 1.38 ? 10 C A "C2'"  1 
ATOM 300  O "O2'"  . C A 1 10 ? 11.202  6.355   1.327   1.00 1.51 ? 10 C A "O2'"  1 
ATOM 301  C "C1'"  . C A 1 10 ? 9.822   4.563   2.188   1.00 1.19 ? 10 C A "C1'"  1 
ATOM 302  N N1     . C A 1 10 ? 8.504   4.517   2.882   1.00 1.15 ? 10 C A N1     1 
ATOM 303  C C2     . C A 1 10 ? 7.449   5.329   2.412   1.00 1.13 ? 10 C A C2     1 
ATOM 304  O O2     . C A 1 10 ? 7.588   6.021   1.388   1.00 1.11 ? 10 C A O2     1 
ATOM 305  N N3     . C A 1 10 ? 6.309   5.408   3.129   1.00 1.23 ? 10 C A N3     1 
ATOM 306  C C4     . C A 1 10 ? 6.176   4.707   4.250   1.00 1.35 ? 10 C A C4     1 
ATOM 307  N N4     . C A 1 10 ? 5.037   4.839   4.913   1.00 1.52 ? 10 C A N4     1 
ATOM 308  C C5     . C A 1 10 ? 7.214   3.887   4.765   1.00 1.36 ? 10 C A C5     1 
ATOM 309  C C6     . C A 1 10 ? 8.351   3.837   4.065   1.00 1.25 ? 10 C A C6     1 
ATOM 310  H "H5'"  . C A 1 10 ? 12.926  2.298   3.530   1.00 1.52 ? 10 C A "H5'"  1 
ATOM 311  H "H5''" . C A 1 10 ? 13.563  3.702   4.393   1.00 1.71 ? 10 C A "H5''" 1 
ATOM 312  H "H4'"  . C A 1 10 ? 12.657  4.376   2.270   1.00 1.56 ? 10 C A "H4'"  1 
ATOM 313  H "H3'"  . C A 1 10 ? 10.870  5.326   4.557   1.00 1.50 ? 10 C A "H3'"  1 
ATOM 314  H "H2'"  . C A 1 10 ? 9.809   6.557   2.914   1.00 1.42 ? 10 C A "H2'"  1 
ATOM 315  H "HO2'" . C A 1 10 ? 11.151  7.313   1.347   1.00 1.61 ? 10 C A "HO2'" 1 
ATOM 316  H "H1'"  . C A 1 10 ? 9.678   4.404   1.119   1.00 1.15 ? 10 C A "H1'"  1 
ATOM 317  H H41    . C A 1 10 ? 4.325   5.439   4.517   1.00 1.54 ? 10 C A H41    1 
ATOM 318  H H42    . C A 1 10 ? 4.886   4.347   5.779   1.00 1.65 ? 10 C A H42    1 
ATOM 319  H H5     . C A 1 10 ? 7.100   3.329   5.694   1.00 1.51 ? 10 C A H5     1 
ATOM 320  H H6     . C A 1 10 ? 9.166   3.250   4.480   1.00 1.30 ? 10 C A H6     1 
ATOM 321  P P      . A A 1 11 ? 12.381  7.431   5.176   1.00 1.99 ? 11 A A P      1 
ATOM 322  O OP1    . A A 1 11 ? 13.511  8.388   5.125   1.00 2.39 ? 11 A A OP1    1 
ATOM 323  O OP2    . A A 1 11 ? 12.264  6.533   6.358   1.00 1.89 ? 11 A A OP2    1 
ATOM 324  O "O5'"  . A A 1 11 ? 11.012  8.259   4.962   1.00 2.32 ? 11 A A "O5'"  1 
ATOM 325  C "C5'"  . A A 1 11 ? 10.938  9.593   4.433   1.00 2.60 ? 11 A A "C5'"  1 
ATOM 326  C "C4'"  . A A 1 11 ? 11.074  9.640   2.922   1.00 2.16 ? 11 A A "C4'"  1 
ATOM 327  O "O4'"  . A A 1 11 ? 10.083  8.748   2.347   1.00 1.91 ? 11 A A "O4'"  1 
ATOM 328  C "C3'"  . A A 1 11 ? 10.678  10.946  2.238   1.00 1.96 ? 11 A A "C3'"  1 
ATOM 329  O "O3'"  . A A 1 11 ? 11.646  11.994  2.312   1.00 2.13 ? 11 A A "O3'"  1 
ATOM 330  C "C2'"  . A A 1 11 ? 10.380  10.426  0.828   1.00 1.68 ? 11 A A "C2'"  1 
ATOM 331  O "O2'"  . A A 1 11 ? 11.498  9.814   0.180   1.00 1.78 ? 11 A A "O2'"  1 
ATOM 332  C "C1'"  . A A 1 11 ? 9.413   9.322   1.239   1.00 1.66 ? 11 A A "C1'"  1 
ATOM 333  N N9     . A A 1 11 ? 8.086   9.693   1.786   1.00 1.62 ? 11 A A N9     1 
ATOM 334  C C8     . A A 1 11 ? 7.426   9.051   2.802   1.00 1.71 ? 11 A A C8     1 
ATOM 335  N N7     . A A 1 11 ? 6.317   9.627   3.185   1.00 1.76 ? 11 A A N7     1 
ATOM 336  C C5     . A A 1 11 ? 6.226   10.733  2.350   1.00 1.69 ? 11 A A C5     1 
ATOM 337  C C6     . A A 1 11 ? 5.278   11.766  2.249   1.00 1.81 ? 11 A A C6     1 
ATOM 338  N N6     . A A 1 11 ? 4.164   11.835  2.969   1.00 2.00 ? 11 A A N6     1 
ATOM 339  N N1     . A A 1 11 ? 5.493   12.742  1.344   1.00 1.81 ? 11 A A N1     1 
ATOM 340  C C2     . A A 1 11 ? 6.569   12.637  0.555   1.00 1.68 ? 11 A A C2     1 
ATOM 341  N N3     . A A 1 11 ? 7.501   11.697  0.520   1.00 1.57 ? 11 A A N3     1 
ATOM 342  C C4     . A A 1 11 ? 7.292   10.774  1.469   1.00 1.59 ? 11 A A C4     1 
ATOM 343  H "H5'"  . A A 1 11 ? 11.675  10.247  4.904   1.00 2.99 ? 11 A A "H5'"  1 
ATOM 344  H "H5''" . A A 1 11 ? 9.951   9.984   4.680   1.00 3.13 ? 11 A A "H5''" 1 
ATOM 345  H "H4'"  . A A 1 11 ? 12.093  9.374   2.643   1.00 2.28 ? 11 A A "H4'"  1 
ATOM 346  H "H3'"  . A A 1 11 ? 9.762   11.313  2.705   1.00 2.00 ? 11 A A "H3'"  1 
ATOM 347  H "H2'"  . A A 1 11 ? 9.856   11.184  0.245   1.00 1.55 ? 11 A A "H2'"  1 
ATOM 348  H "HO2'" . A A 1 11 ? 11.547  10.174  -0.709  1.00 1.77 ? 11 A A "HO2'" 1 
ATOM 349  H "H1'"  . A A 1 11 ? 9.303   8.560   0.462   1.00 1.63 ? 11 A A "H1'"  1 
ATOM 350  H H8     . A A 1 11 ? 7.820   8.161   3.260   1.00 1.81 ? 11 A A H8     1 
ATOM 351  H H61    . A A 1 11 ? 3.533   12.609  2.831   1.00 2.15 ? 11 A A H61    1 
ATOM 352  H H62    . A A 1 11 ? 3.962   11.104  3.634   1.00 2.04 ? 11 A A H62    1 
ATOM 353  H H2     . A A 1 11 ? 6.701   13.394  -0.214  1.00 1.74 ? 11 A A H2     1 
ATOM 354  P P      . G A 1 12 ? 11.202  13.523  2.047   1.00 2.15 ? 12 G A P      1 
ATOM 355  O OP1    . G A 1 12 ? 12.378  14.415  2.184   1.00 2.35 ? 12 G A OP1    1 
ATOM 356  O OP2    . G A 1 12 ? 9.986   13.797  2.858   1.00 2.20 ? 12 G A OP2    1 
ATOM 357  O "O5'"  . G A 1 12 ? 10.819  13.435  0.489   1.00 2.08 ? 12 G A "O5'"  1 
ATOM 358  C "C5'"  . G A 1 12 ? 11.829  13.216  -0.491  1.00 2.28 ? 12 G A "C5'"  1 
ATOM 359  C "C4'"  . G A 1 12 ? 11.307  12.922  -1.883  1.00 2.01 ? 12 G A "C4'"  1 
ATOM 360  O "O4'"  . G A 1 12 ? 11.372  11.535  -2.305  1.00 2.11 ? 12 G A "O4'"  1 
ATOM 361  C "C3'"  . G A 1 12 ? 10.108  13.557  -2.611  1.00 1.74 ? 12 G A "C3'"  1 
ATOM 362  O "O3'"  . G A 1 12 ? 10.556  14.741  -3.282  1.00 1.75 ? 12 G A "O3'"  1 
ATOM 363  C "C2'"  . G A 1 12 ? 9.423   12.409  -3.413  1.00 1.62 ? 12 G A "C2'"  1 
ATOM 364  O "O2'"  . G A 1 12 ? 9.303   12.667  -4.800  1.00 1.53 ? 12 G A "O2'"  1 
ATOM 365  C "C1'"  . G A 1 12 ? 10.576  11.430  -3.461  1.00 1.82 ? 12 G A "C1'"  1 
ATOM 366  N N9     . G A 1 12 ? 10.460  10.031  -3.915  1.00 1.85 ? 12 G A N9     1 
ATOM 367  C C8     . G A 1 12 ? 9.619   9.037   -3.457  1.00 1.86 ? 12 G A C8     1 
ATOM 368  N N7     . G A 1 12 ? 9.648   7.956   -4.184  1.00 2.01 ? 12 G A N7     1 
ATOM 369  C C5     . G A 1 12 ? 10.585  8.228   -5.172  1.00 2.06 ? 12 G A C5     1 
ATOM 370  C C6     . G A 1 12 ? 10.994  7.458   -6.297  1.00 2.26 ? 12 G A C6     1 
ATOM 371  O O6     . G A 1 12 ? 10.563  6.369   -6.695  1.00 2.42 ? 12 G A O6     1 
ATOM 372  N N1     . G A 1 12 ? 11.980  8.096   -7.035  1.00 2.34 ? 12 G A N1     1 
ATOM 373  C C2     . G A 1 12 ? 12.521  9.310   -6.718  1.00 2.29 ? 12 G A C2     1 
ATOM 374  N N2     . G A 1 12 ? 13.456  9.768   -7.552  1.00 2.50 ? 12 G A N2     1 
ATOM 375  N N3     . G A 1 12 ? 12.142  10.055  -5.696  1.00 2.13 ? 12 G A N3     1 
ATOM 376  C C4     . G A 1 12 ? 11.161  9.466   -4.969  1.00 1.99 ? 12 G A C4     1 
ATOM 377  H "H5'"  . G A 1 12 ? 12.505  12.418  -0.171  1.00 2.74 ? 12 G A "H5'"  1 
ATOM 378  H "H5''" . G A 1 12 ? 12.432  14.119  -0.560  1.00 2.60 ? 12 G A "H5''" 1 
ATOM 379  H "H4'"  . G A 1 12 ? 12.108  13.448  -2.416  1.00 2.14 ? 12 G A "H4'"  1 
ATOM 380  H "H3'"  . G A 1 12 ? 9.396   13.899  -1.865  1.00 1.77 ? 12 G A "H3'"  1 
ATOM 381  H "H2'"  . G A 1 12 ? 8.494   12.064  -2.950  1.00 1.71 ? 12 G A "H2'"  1 
ATOM 382  H "HO2'" . G A 1 12 ? 8.895   13.532  -4.888  1.00 1.70 ? 12 G A "HO2'" 1 
ATOM 383  H "H1'"  . G A 1 12 ? 11.152  11.985  -4.202  1.00 1.90 ? 12 G A "H1'"  1 
ATOM 384  H H8     . G A 1 12 ? 8.996   9.095   -2.581  1.00 1.85 ? 12 G A H8     1 
ATOM 385  H H1     . G A 1 12 ? 12.327  7.620   -7.851  1.00 2.51 ? 12 G A H1     1 
ATOM 386  H H21    . G A 1 12 ? 13.726  9.234   -8.364  1.00 2.65 ? 12 G A H21    1 
ATOM 387  H H22    . G A 1 12 ? 13.872  10.668  -7.365  1.00 2.53 ? 12 G A H22    1 
ATOM 388  P P      . A A 1 13 ? 10.481  16.208  -2.595  1.00 1.94 ? 13 A A P      1 
ATOM 389  O OP1    . A A 1 13 ? 11.764  16.476  -1.904  1.00 2.05 ? 13 A A OP1    1 
ATOM 390  O OP2    . A A 1 13 ? 9.218   16.316  -1.818  1.00 1.96 ? 13 A A OP2    1 
ATOM 391  O "O5'"  . A A 1 13 ? 10.433  17.170  -3.885  1.00 2.14 ? 13 A A "O5'"  1 
ATOM 392  C "C5'"  . A A 1 13 ? 9.303   17.247  -4.765  1.00 2.15 ? 13 A A "C5'"  1 
ATOM 393  C "C4'"  . A A 1 13 ? 9.101   15.926  -5.492  1.00 1.96 ? 13 A A "C4'"  1 
ATOM 394  O "O4'"  . A A 1 13 ? 8.300   14.997  -4.719  1.00 1.74 ? 13 A A "O4'"  1 
ATOM 395  C "C3'"  . A A 1 13 ? 8.473   15.867  -6.868  1.00 1.98 ? 13 A A "C3'"  1 
ATOM 396  O "O3'"  . A A 1 13 ? 9.071   14.674  -7.427  1.00 1.92 ? 13 A A "O3'"  1 
ATOM 397  C "C2'"  . A A 1 13 ? 7.017   15.847  -6.358  1.00 1.88 ? 13 A A "C2'"  1 
ATOM 398  O "O2'"  . A A 1 13 ? 6.074   15.667  -7.390  1.00 1.87 ? 13 A A "O2'"  1 
ATOM 399  C "C1'"  . A A 1 13 ? 7.110   14.683  -5.386  1.00 1.68 ? 13 A A "C1'"  1 
ATOM 400  N N9     . A A 1 13 ? 6.161   14.459  -4.294  1.00 1.67 ? 13 A A N9     1 
ATOM 401  C C8     . A A 1 13 ? 6.257   15.022  -3.063  1.00 1.80 ? 13 A A C8     1 
ATOM 402  N N7     . A A 1 13 ? 5.531   14.457  -2.132  1.00 1.78 ? 13 A A N7     1 
ATOM 403  C C5     . A A 1 13 ? 5.077   13.298  -2.758  1.00 1.67 ? 13 A A C5     1 
ATOM 404  C C6     . A A 1 13 ? 4.490   12.108  -2.274  1.00 1.77 ? 13 A A C6     1 
ATOM 405  N N6     . A A 1 13 ? 4.042   11.926  -1.041  1.00 1.94 ? 13 A A N6     1 
ATOM 406  N N1     . A A 1 13 ? 4.508   11.015  -3.056  1.00 1.82 ? 13 A A N1     1 
ATOM 407  C C2     . A A 1 13 ? 4.977   11.135  -4.298  1.00 1.70 ? 13 A A C2     1 
ATOM 408  N N3     . A A 1 13 ? 5.452   12.221  -4.898  1.00 1.54 ? 13 A A N3     1 
ATOM 409  C C4     . A A 1 13 ? 5.507   13.270  -4.068  1.00 1.57 ? 13 A A C4     1 
ATOM 410  H "H5'"  . A A 1 13 ? 9.512   18.033  -5.494  1.00 2.34 ? 13 A A "H5'"  1 
ATOM 411  H "H5''" . A A 1 13 ? 8.399   17.523  -4.220  1.00 2.16 ? 13 A A "H5''" 1 
ATOM 412  H "H4'"  . A A 1 13 ? 10.109  15.542  -5.635  1.00 2.00 ? 13 A A "H4'"  1 
ATOM 413  H "H3'"  . A A 1 13 ? 8.697   16.692  -7.511  1.00 2.16 ? 13 A A "H3'"  1 
ATOM 414  H "H2'"  . A A 1 13 ? 6.866   16.756  -5.751  1.00 2.00 ? 13 A A "H2'"  1 
ATOM 415  H "HO2'" . A A 1 13 ? 6.008   14.734  -7.613  1.00 1.72 ? 13 A A "HO2'" 1 
ATOM 416  H "H1'"  . A A 1 13 ? 7.352   13.727  -5.832  1.00 1.58 ? 13 A A "H1'"  1 
ATOM 417  H H8     . A A 1 13 ? 7.024   15.762  -2.934  1.00 1.96 ? 13 A A H8     1 
ATOM 418  H H61    . A A 1 13 ? 3.784   10.989  -0.759  1.00 2.10 ? 13 A A H61    1 
ATOM 419  H H62    . A A 1 13 ? 4.112   12.668  -0.359  1.00 1.96 ? 13 A A H62    1 
ATOM 420  H H2     . A A 1 13 ? 5.018   10.216  -4.893  1.00 1.83 ? 13 A A H2     1 
ATOM 421  P P      . G A 1 14 ? 9.516   14.580  -8.983  1.00 2.08 ? 14 G A P      1 
ATOM 422  O OP1    . G A 1 14 ? 10.876  15.152  -9.114  1.00 2.34 ? 14 G A OP1    1 
ATOM 423  O OP2    . G A 1 14 ? 8.416   15.173  -9.791  1.00 1.99 ? 14 G A OP2    1 
ATOM 424  O "O5'"  . G A 1 14 ? 9.641   12.991  -9.260  1.00 2.15 ? 14 G A "O5'"  1 
ATOM 425  C "C5'"  . G A 1 14 ? 10.392  12.101  -8.412  1.00 2.09 ? 14 G A "C5'"  1 
ATOM 426  C "C4'"  . G A 1 14 ? 9.477   11.035  -7.826  1.00 1.90 ? 14 G A "C4'"  1 
ATOM 427  O "O4'"  . G A 1 14 ? 8.353   11.708  -7.216  1.00 1.72 ? 14 G A "O4'"  1 
ATOM 428  C "C3'"  . G A 1 14 ? 8.769   10.097  -8.791  1.00 1.81 ? 14 G A "C3'"  1 
ATOM 429  O "O3'"  . G A 1 14 ? 9.551   9.056   -9.382  1.00 2.09 ? 14 G A "O3'"  1 
ATOM 430  C "C2'"  . G A 1 14 ? 7.599   9.597   -7.944  1.00 1.64 ? 14 G A "C2'"  1 
ATOM 431  O "O2'"  . G A 1 14 ? 7.949   8.686   -6.912  1.00 1.75 ? 14 G A "O2'"  1 
ATOM 432  C "C1'"  . G A 1 14 ? 7.189   10.915  -7.325  1.00 1.54 ? 14 G A "C1'"  1 
ATOM 433  N N9     . G A 1 14 ? 6.126   11.651  -8.010  1.00 1.42 ? 14 G A N9     1 
ATOM 434  C C8     . G A 1 14 ? 6.323   12.873  -8.559  1.00 1.52 ? 14 G A C8     1 
ATOM 435  N N7     . G A 1 14 ? 5.253   13.514  -8.895  1.00 1.46 ? 14 G A N7     1 
ATOM 436  C C5     . G A 1 14 ? 4.251   12.719  -8.382  1.00 1.30 ? 14 G A C5     1 
ATOM 437  C C6     . G A 1 14 ? 2.904   13.065  -8.136  1.00 1.29 ? 14 G A C6     1 
ATOM 438  O O6     . G A 1 14 ? 2.339   14.141  -8.346  1.00 1.40 ? 14 G A O6     1 
ATOM 439  N N1     . G A 1 14 ? 2.291   12.120  -7.340  1.00 1.28 ? 14 G A N1     1 
ATOM 440  C C2     . G A 1 14 ? 2.817   10.912  -7.031  1.00 1.28 ? 14 G A C2     1 
ATOM 441  N N2     . G A 1 14 ? 1.986   10.122  -6.359  1.00 1.37 ? 14 G A N2     1 
ATOM 442  N N3     . G A 1 14 ? 4.070   10.551  -7.245  1.00 1.30 ? 14 G A N3     1 
ATOM 443  C C4     . G A 1 14 ? 4.753   11.535  -7.876  1.00 1.30 ? 14 G A C4     1 
ATOM 444  H "H5'"  . G A 1 14 ? 10.875  12.650  -7.602  1.00 2.53 ? 14 G A "H5'"  1 
ATOM 445  H "H5''" . G A 1 14 ? 11.167  11.604  -8.992  1.00 2.26 ? 14 G A "H5''" 1 
ATOM 446  H "H4'"  . G A 1 14 ? 10.018  10.423  -7.121  1.00 2.07 ? 14 G A "H4'"  1 
ATOM 447  H "H3'"  . G A 1 14 ? 8.423   10.736  -9.581  1.00 1.76 ? 14 G A "H3'"  1 
ATOM 448  H "H2'"  . G A 1 14 ? 6.815   9.266   -8.620  1.00 1.61 ? 14 G A "H2'"  1 
ATOM 449  H "HO2'" . G A 1 14 ? 8.590   8.071   -7.271  1.00 1.87 ? 14 G A "HO2'" 1 
ATOM 450  H "H1'"  . G A 1 14 ? 6.951   10.860  -6.290  1.00 1.53 ? 14 G A "H1'"  1 
ATOM 451  H H8     . G A 1 14 ? 7.296   13.292  -8.536  1.00 1.71 ? 14 G A H8     1 
ATOM 452  H H1     . G A 1 14 ? 1.488   12.406  -6.803  1.00 1.37 ? 14 G A H1     1 
ATOM 453  H H21    . G A 1 14 ? 1.037   10.423  -6.167  1.00 1.45 ? 14 G A H21    1 
ATOM 454  H H22    . G A 1 14 ? 2.346   9.271   -5.960  1.00 1.46 ? 14 G A H22    1 
ATOM 455  P P      . G A 1 15 ? 9.186   8.446   -10.836 1.00 2.22 ? 15 G A P      1 
ATOM 456  O OP1    . G A 1 15 ? 10.143  7.367   -11.182 1.00 2.57 ? 15 G A OP1    1 
ATOM 457  O OP2    . G A 1 15 ? 9.055   9.603   -11.763 1.00 2.22 ? 15 G A OP2    1 
ATOM 458  O "O5'"  . G A 1 15 ? 7.748   7.764   -10.593 1.00 1.99 ? 15 G A "O5'"  1 
ATOM 459  C "C5'"  . G A 1 15 ? 7.576   6.568   -9.822  1.00 1.89 ? 15 G A "C5'"  1 
ATOM 460  C "C4'"  . G A 1 15 ? 6.101   6.239   -9.669  1.00 1.77 ? 15 G A "C4'"  1 
ATOM 461  O "O4'"  . G A 1 15 ? 5.394   7.378   -9.111  1.00 1.50 ? 15 G A "O4'"  1 
ATOM 462  C "C3'"  . G A 1 15 ? 5.308   5.972   -10.949 1.00 1.85 ? 15 G A "C3'"  1 
ATOM 463  O "O3'"  . G A 1 15 ? 5.608   4.693   -11.512 1.00 2.16 ? 15 G A "O3'"  1 
ATOM 464  C "C2'"  . G A 1 15 ? 3.878   6.108   -10.421 1.00 1.68 ? 15 G A "C2'"  1 
ATOM 465  O "O2'"  . G A 1 15 ? 3.452   5.014   -9.616  1.00 1.82 ? 15 G A "O2'"  1 
ATOM 466  C "C1'"  . G A 1 15 ? 4.038   7.328   -9.519  1.00 1.42 ? 15 G A "C1'"  1 
ATOM 467  N N9     . G A 1 15 ? 3.670   8.618   -10.119 1.00 1.23 ? 15 G A N9     1 
ATOM 468  C C8     . G A 1 15 ? 4.499   9.608   -10.601 1.00 1.20 ? 15 G A C8     1 
ATOM 469  N N7     . G A 1 15 ? 3.865   10.704  -10.908 1.00 1.08 ? 15 G A N7     1 
ATOM 470  C C5     . G A 1 15 ? 2.535   10.428  -10.618 1.00 1.00 ? 15 G A C5     1 
ATOM 471  C C6     . G A 1 15 ? 1.374   11.242  -10.707 1.00 0.94 ? 15 G A C6     1 
ATOM 472  O O6     . G A 1 15 ? 1.267   12.425  -11.053 1.00 0.93 ? 15 G A O6     1 
ATOM 473  N N1     . G A 1 15 ? 0.231   10.539  -10.364 1.00 1.02 ? 15 G A N1     1 
ATOM 474  C C2     . G A 1 15 ? 0.207   9.233   -9.979  1.00 1.16 ? 15 G A C2     1 
ATOM 475  N N2     . G A 1 15 ? -0.999  8.723   -9.736  1.00 1.34 ? 15 G A N2     1 
ATOM 476  N N3     . G A 1 15 ? 1.266   8.464   -9.856  1.00 1.22 ? 15 G A N3     1 
ATOM 477  C C4     . G A 1 15 ? 2.395   9.127   -10.184 1.00 1.12 ? 15 G A C4     1 
ATOM 478  H "H5'"  . G A 1 15 ? 8.021   6.693   -8.834  1.00 1.93 ? 15 G A "H5'"  1 
ATOM 479  H "H5''" . G A 1 15 ? 8.065   5.727   -10.312 1.00 2.12 ? 15 G A "H5''" 1 
ATOM 480  H "H4'"  . G A 1 15 ? 6.028   5.349   -9.046  1.00 1.88 ? 15 G A "H4'"  1 
ATOM 481  H "H3'"  . G A 1 15 ? 5.501   6.719   -11.714 1.00 1.83 ? 15 G A "H3'"  1 
ATOM 482  H "H2'"  . G A 1 15 ? 3.211   6.350   -11.252 1.00 1.68 ? 15 G A "H2'"  1 
ATOM 483  H "HO2'" . G A 1 15 ? 3.917   4.235   -9.919  1.00 1.92 ? 15 G A "HO2'" 1 
ATOM 484  H "H1'"  . G A 1 15 ? 3.433   7.183   -8.619  1.00 1.41 ? 15 G A "H1'"  1 
ATOM 485  H H8     . G A 1 15 ? 5.572   9.520   -10.684 1.00 1.33 ? 15 G A H8     1 
ATOM 486  H H1     . G A 1 15 ? -0.649  11.032  -10.423 1.00 1.05 ? 15 G A H1     1 
ATOM 487  H H21    . G A 1 15 ? -1.824  9.301   -9.838  1.00 1.35 ? 15 G A H21    1 
ATOM 488  H H22    . G A 1 15 ? -1.082  7.754   -9.470  1.00 1.48 ? 15 G A H22    1 
ATOM 489  P P      . U A 1 16 ? 5.562   4.436   -13.097 1.00 2.31 ? 16 U A P      1 
ATOM 490  O OP1    . U A 1 16 ? 5.874   3.014   -13.388 1.00 2.66 ? 16 U A OP1    1 
ATOM 491  O OP2    . U A 1 16 ? 6.372   5.498   -13.750 1.00 2.25 ? 16 U A OP2    1 
ATOM 492  O "O5'"  . U A 1 16 ? 4.002   4.674   -13.393 1.00 2.14 ? 16 U A "O5'"  1 
ATOM 493  C "C5'"  . U A 1 16 ? 2.987   3.755   -12.970 1.00 2.26 ? 16 U A "C5'"  1 
ATOM 494  C "C4'"  . U A 1 16 ? 1.610   4.262   -13.358 1.00 2.07 ? 16 U A "C4'"  1 
ATOM 495  O "O4'"  . U A 1 16 ? 1.298   5.508   -12.676 1.00 1.80 ? 16 U A "O4'"  1 
ATOM 496  C "C3'"  . U A 1 16 ? 1.430   4.656   -14.821 1.00 1.99 ? 16 U A "C3'"  1 
ATOM 497  O "O3'"  . U A 1 16 ? 1.441   3.502   -15.665 1.00 2.25 ? 16 U A "O3'"  1 
ATOM 498  C "C2'"  . U A 1 16 ? 0.101   5.411   -14.728 1.00 1.77 ? 16 U A "C2'"  1 
ATOM 499  O "O2'"  . U A 1 16 ? -1.029  4.564   -14.552 1.00 1.92 ? 16 U A "O2'"  1 
ATOM 500  C "C1'"  . U A 1 16 ? 0.324   6.215   -13.438 1.00 1.61 ? 16 U A "C1'"  1 
ATOM 501  N N1     . U A 1 16 ? 0.749   7.625   -13.659 1.00 1.36 ? 16 U A N1     1 
ATOM 502  C C2     . U A 1 16 ? -0.233  8.587   -13.895 1.00 1.19 ? 16 U A C2     1 
ATOM 503  O O2     . U A 1 16 ? -1.417  8.335   -14.045 1.00 1.24 ? 16 U A O2     1 
ATOM 504  N N3     . U A 1 16 ? 0.218   9.878   -13.955 1.00 1.03 ? 16 U A N3     1 
ATOM 505  C C4     . U A 1 16 ? 1.519   10.310  -13.854 1.00 1.05 ? 16 U A C4     1 
ATOM 506  O O4     . U A 1 16 ? 1.763   11.511  -13.935 1.00 1.00 ? 16 U A O4     1 
ATOM 507  C C5     . U A 1 16 ? 2.480   9.270   -13.686 1.00 1.23 ? 16 U A C5     1 
ATOM 508  C C6     . U A 1 16 ? 2.079   7.999   -13.601 1.00 1.37 ? 16 U A C6     1 
ATOM 509  H "H5'"  . U A 1 16 ? 3.027   3.598   -11.894 1.00 2.30 ? 16 U A "H5'"  1 
ATOM 510  H "H5''" . U A 1 16 ? 3.135   2.794   -13.460 1.00 2.50 ? 16 U A "H5''" 1 
ATOM 511  H "H4'"  . U A 1 16 ? 0.902   3.459   -13.144 1.00 2.21 ? 16 U A "H4'"  1 
ATOM 512  H "H3'"  . U A 1 16 ? 2.215   5.326   -15.164 1.00 1.92 ? 16 U A "H3'"  1 
ATOM 513  H "H2'"  . U A 1 16 ? 0.031   6.094   -15.579 1.00 1.64 ? 16 U A "H2'"  1 
ATOM 514  H "HO2'" . U A 1 16 ? -1.141  4.061   -15.359 1.00 1.99 ? 16 U A "HO2'" 1 
ATOM 515  H "H1'"  . U A 1 16 ? -0.573  6.210   -12.814 1.00 1.62 ? 16 U A "H1'"  1 
ATOM 516  H H3     . U A 1 16 ? -0.485  10.593  -14.099 1.00 0.96 ? 16 U A H3     1 
ATOM 517  H H5     . U A 1 16 ? 3.538   9.519   -13.611 1.00 1.30 ? 16 U A H5     1 
ATOM 518  H H6     . U A 1 16 ? 2.853   7.242   -13.472 1.00 1.54 ? 16 U A H6     1 
ATOM 519  P P      . C A 1 17 ? 2.086   3.527   -17.136 1.00 2.34 ? 17 C A P      1 
ATOM 520  O OP1    . C A 1 17 ? 1.971   2.188   -17.760 1.00 2.76 ? 17 C A OP1    1 
ATOM 521  O OP2    . C A 1 17 ? 3.426   4.164   -17.033 1.00 2.35 ? 17 C A OP2    1 
ATOM 522  O "O5'"  . C A 1 17 ? 1.068   4.508   -17.884 1.00 2.17 ? 17 C A "O5'"  1 
ATOM 523  C "C5'"  . C A 1 17 ? -0.268  4.112   -18.203 1.00 2.16 ? 17 C A "C5'"  1 
ATOM 524  C "C4'"  . C A 1 17 ? -1.022  5.273   -18.813 1.00 2.03 ? 17 C A "C4'"  1 
ATOM 525  O "O4'"  . C A 1 17 ? -1.173  6.340   -17.838 1.00 1.79 ? 17 C A "O4'"  1 
ATOM 526  C "C3'"  . C A 1 17 ? -0.338  5.981   -19.979 1.00 2.07 ? 17 C A "C3'"  1 
ATOM 527  O "O3'"  . C A 1 17 ? -0.330  5.142   -21.143 1.00 2.30 ? 17 C A "O3'"  1 
ATOM 528  C "C2'"  . C A 1 17 ? -1.204  7.241   -20.032 1.00 1.92 ? 17 C A "C2'"  1 
ATOM 529  O "O2'"  . C A 1 17 ? -2.491  7.036   -20.599 1.00 2.05 ? 17 C A "O2'"  1 
ATOM 530  C "C1'"  . C A 1 17 ? -1.364  7.564   -18.536 1.00 1.69 ? 17 C A "C1'"  1 
ATOM 531  N N1     . C A 1 17 ? -0.433  8.609   -18.023 1.00 1.50 ? 17 C A N1     1 
ATOM 532  C C2     . C A 1 17 ? -0.839  9.960   -17.977 1.00 1.34 ? 17 C A C2     1 
ATOM 533  O O2     . C A 1 17 ? -2.012  10.288  -18.228 1.00 1.38 ? 17 C A O2     1 
ATOM 534  N N3     . C A 1 17 ? 0.061   10.904  -17.632 1.00 1.25 ? 17 C A N3     1 
ATOM 535  C C4     . C A 1 17 ? 1.313   10.564  -17.343 1.00 1.31 ? 17 C A C4     1 
ATOM 536  N N4     . C A 1 17 ? 2.162   11.539  -17.048 1.00 1.33 ? 17 C A N4     1 
ATOM 537  C C5     . C A 1 17 ? 1.753   9.218   -17.340 1.00 1.47 ? 17 C A C5     1 
ATOM 538  C C6     . C A 1 17 ? 0.857   8.284   -17.674 1.00 1.55 ? 17 C A C6     1 
ATOM 539  H "H5'"  . C A 1 17 ? -0.794  3.765   -17.313 1.00 2.17 ? 17 C A "H5'"  1 
ATOM 540  H "H5''" . C A 1 17 ? -0.251  3.299   -18.929 1.00 2.32 ? 17 C A "H5''" 1 
ATOM 541  H "H4'"  . C A 1 17 ? -1.974  4.881   -19.178 1.00 2.12 ? 17 C A "H4'"  1 
ATOM 542  H "H3'"  . C A 1 17 ? 0.690   6.250   -19.747 1.00 2.06 ? 17 C A "H3'"  1 
ATOM 543  H "H2'"  . C A 1 17 ? -0.618  8.025   -20.511 1.00 1.92 ? 17 C A "H2'"  1 
ATOM 544  H "HO2'" . C A 1 17 ? -2.475  7.416   -21.479 1.00 2.20 ? 17 C A "HO2'" 1 
ATOM 545  H "H1'"  . C A 1 17 ? -2.389  7.858   -18.313 1.00 1.67 ? 17 C A "H1'"  1 
ATOM 546  H H41    . C A 1 17 ? 1.821   12.491  -17.080 1.00 1.29 ? 17 C A H41    1 
ATOM 547  H H42    . C A 1 17 ? 3.123   11.332  -16.824 1.00 1.43 ? 17 C A H42    1 
ATOM 548  H H5     . C A 1 17 ? 2.778   8.961   -17.078 1.00 1.58 ? 17 C A H5     1 
ATOM 549  H H6     . C A 1 17 ? 1.191   7.246   -17.680 1.00 1.73 ? 17 C A H6     1 
ATOM 550  P P      . G A 1 18 ? 0.890   5.101   -22.206 1.00 2.50 ? 18 G A P      1 
ATOM 551  O OP1    . G A 1 18 ? 0.771   3.866   -23.018 1.00 2.86 ? 18 G A OP1    1 
ATOM 552  O OP2    . G A 1 18 ? 2.160   5.342   -21.471 1.00 2.46 ? 18 G A OP2    1 
ATOM 553  O "O5'"  . G A 1 18 ? 0.541   6.340   -23.159 1.00 2.64 ? 18 G A "O5'"  1 
ATOM 554  C "C5'"  . G A 1 18 ? -0.516  6.272   -24.124 1.00 2.96 ? 18 G A "C5'"  1 
ATOM 555  C "C4'"  . G A 1 18 ? -1.112  7.648   -24.322 1.00 2.72 ? 18 G A "C4'"  1 
ATOM 556  O "O4'"  . G A 1 18 ? -1.381  8.193   -23.004 1.00 2.57 ? 18 G A "O4'"  1 
ATOM 557  C "C3'"  . G A 1 18 ? -0.247  8.731   -24.973 1.00 2.56 ? 18 G A "C3'"  1 
ATOM 558  O "O3'"  . G A 1 18 ? -0.096  8.554   -26.389 1.00 2.84 ? 18 G A "O3'"  1 
ATOM 559  C "C2'"  . G A 1 18 ? -1.029  9.976   -24.544 1.00 2.37 ? 18 G A "C2'"  1 
ATOM 560  O "O2'"  . G A 1 18 ? -2.236  10.133  -25.275 1.00 2.48 ? 18 G A "O2'"  1 
ATOM 561  C "C1'"  . G A 1 18 ? -1.379  9.602   -23.088 1.00 2.28 ? 18 G A "C1'"  1 
ATOM 562  N N9     . G A 1 18 ? -0.489  10.172  -22.054 1.00 2.00 ? 18 G A N9     1 
ATOM 563  C C8     . G A 1 18 ? 0.861   9.960   -21.891 1.00 2.05 ? 18 G A C8     1 
ATOM 564  N N7     . G A 1 18 ? 1.489   10.996  -21.407 1.00 1.93 ? 18 G A N7     1 
ATOM 565  C C5     . G A 1 18 ? 0.480   11.920  -21.156 1.00 1.77 ? 18 G A C5     1 
ATOM 566  C C6     . G A 1 18 ? 0.527   13.302  -20.812 1.00 1.74 ? 18 G A C6     1 
ATOM 567  O O6     . G A 1 18 ? 1.501   14.054  -20.686 1.00 1.84 ? 18 G A O6     1 
ATOM 568  N N1     . G A 1 18 ? -0.752  13.831  -20.792 1.00 1.73 ? 18 G A N1     1 
ATOM 569  C C2     . G A 1 18 ? -1.878  13.098  -20.764 1.00 1.72 ? 18 G A C2     1 
ATOM 570  N N2     . G A 1 18 ? -2.950  13.854  -20.595 1.00 1.80 ? 18 G A N2     1 
ATOM 571  N N3     . G A 1 18 ? -1.971  11.842  -21.132 1.00 1.78 ? 18 G A N3     1 
ATOM 572  C C4     . G A 1 18 ? -0.749  11.333  -21.367 1.00 1.80 ? 18 G A C4     1 
ATOM 573  H "H5'"  . G A 1 18 ? -1.297  5.598   -23.762 1.00 3.27 ? 18 G A "H5'"  1 
ATOM 574  H "H5''" . G A 1 18 ? -0.158  5.893   -25.080 1.00 3.35 ? 18 G A "H5''" 1 
ATOM 575  H "H4'"  . G A 1 18 ? -2.021  7.543   -24.913 1.00 2.90 ? 18 G A "H4'"  1 
ATOM 576  H "H3'"  . G A 1 18 ? 0.741   8.738   -24.535 1.00 2.56 ? 18 G A "H3'"  1 
ATOM 577  H "H2'"  . G A 1 18 ? -0.361  10.844  -24.574 1.00 2.28 ? 18 G A "H2'"  1 
ATOM 578  H "HO2'" . G A 1 18 ? -2.300  11.052  -25.555 1.00 2.46 ? 18 G A "HO2'" 1 
ATOM 579  H "H1'"  . G A 1 18 ? -2.408  9.892   -22.862 1.00 2.32 ? 18 G A "H1'"  1 
ATOM 580  H H8     . G A 1 18 ? 1.371   9.053   -22.175 1.00 2.26 ? 18 G A H8     1 
ATOM 581  H H1     . G A 1 18 ? -0.987  14.812  -20.916 1.00 1.82 ? 18 G A H1     1 
ATOM 582  H H21    . G A 1 18 ? -2.802  14.813  -20.912 1.00 1.89 ? 18 G A H21    1 
ATOM 583  H H22    . G A 1 18 ? -3.863  13.428  -20.642 1.00 1.86 ? 18 G A H22    1 
ATOM 584  P P      . A A 1 19 ? 1.258   8.955   -27.180 1.00 3.08 ? 19 A A P      1 
ATOM 585  O OP1    . A A 1 19 ? 1.709   7.795   -27.984 1.00 3.35 ? 19 A A OP1    1 
ATOM 586  O OP2    . A A 1 19 ? 2.218   9.588   -26.237 1.00 3.71 ? 19 A A OP2    1 
ATOM 587  O "O5'"  . A A 1 19 ? 0.678   10.053  -28.201 1.00 3.33 ? 19 A A "O5'"  1 
ATOM 588  C "C5'"  . A A 1 19 ? 1.290   10.337  -29.468 1.00 3.49 ? 19 A A "C5'"  1 
ATOM 589  C "C4'"  . A A 1 19 ? 0.582   11.504  -30.133 1.00 3.30 ? 19 A A "C4'"  1 
ATOM 590  O "O4'"  . A A 1 19 ? -0.801  11.123  -30.331 1.00 3.04 ? 19 A A "O4'"  1 
ATOM 591  C "C3'"  . A A 1 19 ? 0.495   12.774  -29.285 1.00 3.21 ? 19 A A "C3'"  1 
ATOM 592  O "O3'"  . A A 1 19 ? 1.723   13.504  -29.370 1.00 3.76 ? 19 A A "O3'"  1 
ATOM 593  C "C2'"  . A A 1 19 ? -0.716  13.474  -29.913 1.00 2.86 ? 19 A A "C2'"  1 
ATOM 594  O "O2'"  . A A 1 19 ? -0.378  14.216  -31.079 1.00 3.41 ? 19 A A "O2'"  1 
ATOM 595  C "C1'"  . A A 1 19 ? -1.596  12.290  -30.323 1.00 2.89 ? 19 A A "C1'"  1 
ATOM 596  N N9     . A A 1 19 ? -2.788  11.979  -29.520 1.00 2.63 ? 19 A A N9     1 
ATOM 597  C C8     . A A 1 19 ? -2.997  10.887  -28.703 1.00 2.63 ? 19 A A C8     1 
ATOM 598  N N7     . A A 1 19 ? -4.263  10.659  -28.448 1.00 2.84 ? 19 A A N7     1 
ATOM 599  C C5     . A A 1 19 ? -4.929  11.709  -29.075 1.00 2.89 ? 19 A A C5     1 
ATOM 600  C C6     . A A 1 19 ? -6.289  12.069  -29.157 1.00 3.26 ? 19 A A C6     1 
ATOM 601  N N6     . A A 1 19 ? -7.285  11.396  -28.586 1.00 3.73 ? 19 A A N6     1 
ATOM 602  N N1     . A A 1 19 ? -6.617  13.180  -29.844 1.00 3.29 ? 19 A A N1     1 
ATOM 603  C C2     . A A 1 19 ? -5.631  13.882  -30.413 1.00 3.02 ? 19 A A C2     1 
ATOM 604  N N3     . A A 1 19 ? -4.319  13.654  -30.413 1.00 2.80 ? 19 A A N3     1 
ATOM 605  C C4     . A A 1 19 ? -4.029  12.543  -29.711 1.00 2.70 ? 19 A A C4     1 
ATOM 606  H "H5'"  . A A 1 19 ? 1.238   9.463   -30.119 1.00 3.70 ? 19 A A "H5'"  1 
ATOM 607  H "H5''" . A A 1 19 ? 2.336   10.607  -29.325 1.00 3.73 ? 19 A A "H5''" 1 
ATOM 608  H "H4'"  . A A 1 19 ? 1.108   11.759  -31.054 1.00 3.60 ? 19 A A "H4'"  1 
ATOM 609  H "H3'"  . A A 1 19 ? 0.309   12.578  -28.233 1.00 3.14 ? 19 A A "H3'"  1 
ATOM 610  H "H2'"  . A A 1 19 ? -1.224  14.062  -29.150 1.00 2.45 ? 19 A A "H2'"  1 
ATOM 611  H "HO2'" . A A 1 19 ? -1.072  14.862  -31.224 1.00 3.41 ? 19 A A "HO2'" 1 
ATOM 612  H "H1'"  . A A 1 19 ? -1.921  12.464  -31.350 1.00 3.30 ? 19 A A "H1'"  1 
ATOM 613  H H8     . A A 1 19 ? -2.207  10.238  -28.337 1.00 2.65 ? 19 A A H8     1 
ATOM 614  H H61    . A A 1 19 ? -8.230  11.726  -28.707 1.00 4.08 ? 19 A A H61    1 
ATOM 615  H H62    . A A 1 19 ? -7.087  10.555  -28.062 1.00 3.80 ? 19 A A H62    1 
ATOM 616  H H2     . A A 1 19 ? -5.948  14.768  -30.962 1.00 3.15 ? 19 A A H2     1 
ATOM 617  P P      . G A 1 20 ? 2.335   14.322  -28.135 1.00 4.03 ? 20 G A P      1 
ATOM 618  O OP1    . G A 1 20 ? 3.527   15.085  -28.576 1.00 4.65 ? 20 G A OP1    1 
ATOM 619  O OP2    . G A 1 20 ? 2.480   13.345  -27.023 1.00 4.24 ? 20 G A OP2    1 
ATOM 620  O "O5'"  . G A 1 20 ? 1.171   15.367  -27.803 1.00 3.52 ? 20 G A "O5'"  1 
ATOM 621  C "C5'"  . G A 1 20 ? 0.936   16.565  -28.556 1.00 3.43 ? 20 G A "C5'"  1 
ATOM 622  C "C4'"  . G A 1 20 ? -0.291  17.252  -27.989 1.00 3.14 ? 20 G A "C4'"  1 
ATOM 623  O "O4'"  . G A 1 20 ? -1.402  16.327  -28.154 1.00 2.76 ? 20 G A "O4'"  1 
ATOM 624  C "C3'"  . G A 1 20 ? -0.219  17.538  -26.485 1.00 2.99 ? 20 G A "C3'"  1 
ATOM 625  O "O3'"  . G A 1 20 ? 0.424   18.800  -26.260 1.00 3.40 ? 20 G A "O3'"  1 
ATOM 626  C "C2'"  . G A 1 20 ? -1.691  17.458  -26.072 1.00 2.64 ? 20 G A "C2'"  1 
ATOM 627  O "O2'"  . G A 1 20 ? -2.372  18.696  -26.194 1.00 2.87 ? 20 G A "O2'"  1 
ATOM 628  C "C1'"  . G A 1 20 ? -2.286  16.465  -27.066 1.00 2.52 ? 20 G A "C1'"  1 
ATOM 629  N N9     . G A 1 20 ? -2.619  15.098  -26.639 1.00 2.40 ? 20 G A N9     1 
ATOM 630  C C8     . G A 1 20 ? -1.778  14.030  -26.425 1.00 2.30 ? 20 G A C8     1 
ATOM 631  N N7     . G A 1 20 ? -2.410  12.912  -26.210 1.00 2.49 ? 20 G A N7     1 
ATOM 632  C C5     . G A 1 20 ? -3.758  13.259  -26.251 1.00 3.03 ? 20 G A C5     1 
ATOM 633  C C6     . G A 1 20 ? -4.932  12.499  -25.975 1.00 3.91 ? 20 G A C6     1 
ATOM 634  O O6     . G A 1 20 ? -5.041  11.331  -25.587 1.00 4.30 ? 20 G A O6     1 
ATOM 635  N N1     . G A 1 20 ? -6.083  13.255  -26.110 1.00 4.51 ? 20 G A N1     1 
ATOM 636  C C2     . G A 1 20 ? -6.105  14.578  -26.436 1.00 4.22 ? 20 G A C2     1 
ATOM 637  N N2     . G A 1 20 ? -7.308  15.145  -26.492 1.00 4.94 ? 20 G A N2     1 
ATOM 638  N N3     . G A 1 20 ? -5.038  15.316  -26.652 1.00 3.39 ? 20 G A N3     1 
ATOM 639  C C4     . G A 1 20 ? -3.899  14.599  -26.539 1.00 2.88 ? 20 G A C4     1 
ATOM 640  H "H5'"  . G A 1 20 ? 0.769   16.336  -29.608 1.00 3.78 ? 20 G A "H5'"  1 
ATOM 641  H "H5''" . G A 1 20 ? 1.788   17.239  -28.469 1.00 3.32 ? 20 G A "H5''" 1 
ATOM 642  H "H4'"  . G A 1 20 ? -0.425  18.210  -28.496 1.00 3.43 ? 20 G A "H4'"  1 
ATOM 643  H "H3'"  . G A 1 20 ? 0.343   16.797  -25.929 1.00 2.94 ? 20 G A "H3'"  1 
ATOM 644  H "H2'"  . G A 1 20 ? -1.738  17.034  -25.080 1.00 2.50 ? 20 G A "H2'"  1 
ATOM 645  H "HO2'" . G A 1 20 ? -2.506  19.039  -25.305 1.00 2.85 ? 20 G A "HO2'" 1 
ATOM 646  H "H1'"  . G A 1 20 ? -3.198  16.927  -27.434 1.00 2.60 ? 20 G A "H1'"  1 
ATOM 647  H H8     . G A 1 20 ? -0.702  14.076  -26.470 1.00 2.43 ? 20 G A H8     1 
ATOM 648  H H1     . G A 1 20 ? -6.959  12.795  -25.924 1.00 5.26 ? 20 G A H1     1 
ATOM 649  H H21    . G A 1 20 ? -8.139  14.601  -26.322 1.00 5.68 ? 20 G A H21    1 
ATOM 650  H H22    . G A 1 20 ? -7.367  16.127  -26.716 1.00 4.77 ? 20 G A H22    1 
ATOM 651  P P      . A A 1 21 ? 1.213   19.174  -24.905 1.00 3.52 ? 21 A A P      1 
ATOM 652  O OP1    . A A 1 21 ? 2.013   20.399  -25.137 1.00 4.09 ? 21 A A OP1    1 
ATOM 653  O OP2    . A A 1 21 ? 1.907   17.953  -24.418 1.00 3.43 ? 21 A A OP2    1 
ATOM 654  O "O5'"  . A A 1 21 ? 0.007   19.566  -23.920 1.00 3.19 ? 21 A A "O5'"  1 
ATOM 655  C "C5'"  . A A 1 21 ? -0.642  20.846  -23.965 1.00 3.18 ? 21 A A "C5'"  1 
ATOM 656  C "C4'"  . A A 1 21 ? -1.875  20.829  -23.083 1.00 2.96 ? 21 A A "C4'"  1 
ATOM 657  O "O4'"  . A A 1 21 ? -2.751  19.790  -23.631 1.00 2.80 ? 21 A A "O4'"  1 
ATOM 658  C "C3'"  . A A 1 21 ? -1.641  20.517  -21.589 1.00 2.70 ? 21 A A "C3'"  1 
ATOM 659  O "O3'"  . A A 1 21 ? -1.588  21.731  -20.811 1.00 2.82 ? 21 A A "O3'"  1 
ATOM 660  C "C2'"  . A A 1 21 ? -2.907  19.713  -21.298 1.00 2.57 ? 21 A A "C2'"  1 
ATOM 661  O "O2'"  . A A 1 21 ? -4.003  20.514  -20.880 1.00 2.73 ? 21 A A "O2'"  1 
ATOM 662  C "C1'"  . A A 1 21 ? -3.269  19.028  -22.573 1.00 2.59 ? 21 A A "C1'"  1 
ATOM 663  N N9     . A A 1 21 ? -2.862  17.626  -22.735 1.00 2.36 ? 21 A A N9     1 
ATOM 664  C C8     . A A 1 21 ? -1.660  16.987  -22.579 1.00 2.22 ? 21 A A C8     1 
ATOM 665  N N7     . A A 1 21 ? -1.741  15.683  -22.714 1.00 2.08 ? 21 A A N7     1 
ATOM 666  C C5     . A A 1 21 ? -3.076  15.441  -23.001 1.00 2.12 ? 21 A A C5     1 
ATOM 667  C C6     . A A 1 21 ? -3.834  14.277  -23.270 1.00 2.09 ? 21 A A C6     1 
ATOM 668  N N6     . A A 1 21 ? -3.396  13.025  -23.333 1.00 2.03 ? 21 A A N6     1 
ATOM 669  N N1     . A A 1 21 ? -5.162  14.411  -23.328 1.00 2.18 ? 21 A A N1     1 
ATOM 670  C C2     . A A 1 21 ? -5.640  15.646  -23.255 1.00 2.33 ? 21 A A C2     1 
ATOM 671  N N3     . A A 1 21 ? -5.063  16.812  -23.132 1.00 2.42 ? 21 A A N3     1 
ATOM 672  C C4     . A A 1 21 ? -3.757  16.635  -22.986 1.00 2.29 ? 21 A A C4     1 
ATOM 673  H "H5'"  . A A 1 21 ? -0.935  21.081  -24.990 1.00 3.28 ? 21 A A "H5'"  1 
ATOM 674  H "H5''" . A A 1 21 ? 0.030   21.625  -23.607 1.00 3.39 ? 21 A A "H5''" 1 
ATOM 675  H "H4'"  . A A 1 21 ? -2.314  21.829  -23.116 1.00 3.20 ? 21 A A "H4'"  1 
ATOM 676  H "H3'"  . A A 1 21 ? -0.760  19.929  -21.345 1.00 2.57 ? 21 A A "H3'"  1 
ATOM 677  H "H2'"  . A A 1 21 ? -2.741  18.871  -20.652 1.00 2.37 ? 21 A A "H2'"  1 
ATOM 678  H "HO2'" . A A 1 21 ? -4.159  20.297  -19.959 1.00 2.99 ? 21 A A "HO2'" 1 
ATOM 679  H "H1'"  . A A 1 21 ? -4.370  19.057  -22.465 1.00 2.64 ? 21 A A "H1'"  1 
ATOM 680  H H8     . A A 1 21 ? -0.731  17.508  -22.448 1.00 2.28 ? 21 A A H8     1 
ATOM 681  H H61    . A A 1 21 ? -4.067  12.296  -23.525 1.00 2.08 ? 21 A A H61    1 
ATOM 682  H H62    . A A 1 21 ? -2.464  12.781  -23.021 1.00 1.98 ? 21 A A H62    1 
ATOM 683  H H2     . A A 1 21 ? -6.675  15.769  -23.215 1.00 2.46 ? 21 A A H2     1 
ATOM 684  P P      . G A 1 22 ? -0.843  21.907  -19.380 1.00 2.65 ? 22 G A P      1 
ATOM 685  O OP1    . G A 1 22 ? -0.899  23.335  -18.985 1.00 2.89 ? 22 G A OP1    1 
ATOM 686  O OP2    . G A 1 22 ? 0.497   21.282  -19.553 1.00 2.57 ? 22 G A OP2    1 
ATOM 687  O "O5'"  . G A 1 22 ? -1.723  21.092  -18.290 1.00 2.52 ? 22 G A "O5'"  1 
ATOM 688  C "C5'"  . G A 1 22 ? -3.011  21.495  -17.768 1.00 2.56 ? 22 G A "C5'"  1 
ATOM 689  C "C4'"  . G A 1 22 ? -4.006  20.327  -17.803 1.00 2.42 ? 22 G A "C4'"  1 
ATOM 690  O "O4'"  . G A 1 22 ? -3.428  19.310  -18.628 1.00 2.29 ? 22 G A "O4'"  1 
ATOM 691  C "C3'"  . G A 1 22 ? -4.386  19.470  -16.595 1.00 2.21 ? 22 G A "C3'"  1 
ATOM 692  O "O3'"  . G A 1 22 ? -5.332  20.158  -15.770 1.00 2.38 ? 22 G A "O3'"  1 
ATOM 693  C "C2'"  . G A 1 22 ? -4.955  18.264  -17.392 1.00 2.13 ? 22 G A "C2'"  1 
ATOM 694  O "O2'"  . G A 1 22 ? -6.215  18.444  -18.023 1.00 2.34 ? 22 G A "O2'"  1 
ATOM 695  C "C1'"  . G A 1 22 ? -3.892  18.006  -18.417 1.00 2.09 ? 22 G A "C1'"  1 
ATOM 696  N N9     . G A 1 22 ? -2.726  17.191  -17.987 1.00 1.84 ? 22 G A N9     1 
ATOM 697  C C8     . G A 1 22 ? -1.477  17.708  -17.802 1.00 1.86 ? 22 G A C8     1 
ATOM 698  N N7     . G A 1 22 ? -0.538  16.834  -17.622 1.00 1.70 ? 22 G A N7     1 
ATOM 699  C C5     . G A 1 22 ? -1.219  15.629  -17.626 1.00 1.53 ? 22 G A C5     1 
ATOM 700  C C6     . G A 1 22 ? -0.704  14.318  -17.488 1.00 1.36 ? 22 G A C6     1 
ATOM 701  O O6     . G A 1 22 ? 0.469   13.959  -17.340 1.00 1.35 ? 22 G A O6     1 
ATOM 702  N N1     . G A 1 22 ? -1.702  13.366  -17.538 1.00 1.30 ? 22 G A N1     1 
ATOM 703  C C2     . G A 1 22 ? -3.033  13.650  -17.647 1.00 1.40 ? 22 G A C2     1 
ATOM 704  N N2     . G A 1 22 ? -3.817  12.574  -17.700 1.00 1.41 ? 22 G A N2     1 
ATOM 705  N N3     . G A 1 22 ? -3.545  14.866  -17.799 1.00 1.57 ? 22 G A N3     1 
ATOM 706  C C4     . G A 1 22 ? -2.581  15.821  -17.797 1.00 1.62 ? 22 G A C4     1 
ATOM 707  H "H5'"  . G A 1 22 ? -3.400  22.311  -18.380 1.00 2.84 ? 22 G A "H5'"  1 
ATOM 708  H "H5''" . G A 1 22 ? -2.924  21.859  -16.745 1.00 2.60 ? 22 G A "H5''" 1 
ATOM 709  H "H4'"  . G A 1 22 ? -4.921  20.677  -18.273 1.00 2.60 ? 22 G A "H4'"  1 
ATOM 710  H "H3'"  . G A 1 22 ? -3.524  19.186  -15.995 1.00 2.05 ? 22 G A "H3'"  1 
ATOM 711  H "H2'"  . G A 1 22 ? -4.817  17.319  -16.952 1.00 1.96 ? 22 G A "H2'"  1 
ATOM 712  H "HO2'" . G A 1 22 ? -6.856  17.907  -17.553 1.00 2.56 ? 22 G A "HO2'" 1 
ATOM 713  H "H1'"  . G A 1 22 ? -4.301  17.626  -19.358 1.00 2.16 ? 22 G A "H1'"  1 
ATOM 714  H H8     . G A 1 22 ? -1.329  18.757  -17.845 1.00 2.03 ? 22 G A H8     1 
ATOM 715  H H1     . G A 1 22 ? -1.404  12.398  -17.497 1.00 1.24 ? 22 G A H1     1 
ATOM 716  H H21    . G A 1 22 ? -3.381  11.658  -17.744 1.00 1.36 ? 22 G A H21    1 
ATOM 717  H H22    . G A 1 22 ? -4.812  12.684  -17.816 1.00 1.53 ? 22 G A H22    1 
ATOM 718  P P      . A A 1 23 ? -5.406  19.973  -14.170 1.00 2.33 ? 23 A A P      1 
ATOM 719  O OP1    . A A 1 23 ? -6.401  20.917  -13.607 1.00 2.63 ? 23 A A OP1    1 
ATOM 720  O OP2    . A A 1 23 ? -4.014  19.999  -13.648 1.00 2.20 ? 23 A A OP2    1 
ATOM 721  O "O5'"  . A A 1 23 ? -6.016  18.497  -14.054 1.00 2.15 ? 23 A A "O5'"  1 
ATOM 722  C "C5'"  . A A 1 23 ? -7.332  18.169  -14.510 1.00 2.28 ? 23 A A "C5'"  1 
ATOM 723  C "C4'"  . A A 1 23 ? -7.541  16.669  -14.450 1.00 2.08 ? 23 A A "C4'"  1 
ATOM 724  O "O4'"  . A A 1 23 ? -6.581  15.998  -15.314 1.00 1.84 ? 23 A A "O4'"  1 
ATOM 725  C "C3'"  . A A 1 23 ? -7.306  16.014  -13.087 1.00 2.01 ? 23 A A "C3'"  1 
ATOM 726  O "O3'"  . A A 1 23 ? -8.392  16.318  -12.207 1.00 2.27 ? 23 A A "O3'"  1 
ATOM 727  C "C2'"  . A A 1 23 ? -7.192  14.554  -13.544 1.00 1.82 ? 23 A A "C2'"  1 
ATOM 728  O "O2'"  . A A 1 23 ? -8.438  14.009  -13.980 1.00 1.97 ? 23 A A "O2'"  1 
ATOM 729  C "C1'"  . A A 1 23 ? -6.264  14.732  -14.754 1.00 1.66 ? 23 A A "C1'"  1 
ATOM 730  N N9     . A A 1 23 ? -4.809  14.721  -14.475 1.00 1.46 ? 23 A A N9     1 
ATOM 731  C C8     . A A 1 23 ? -3.952  15.799  -14.444 1.00 1.47 ? 23 A A C8     1 
ATOM 732  N N7     . A A 1 23 ? -2.687  15.483  -14.359 1.00 1.31 ? 23 A A N7     1 
ATOM 733  C C5     . A A 1 23 ? -2.699  14.097  -14.319 1.00 1.17 ? 23 A A C5     1 
ATOM 734  C C6     . A A 1 23 ? -1.656  13.155  -14.275 1.00 1.04 ? 23 A A C6     1 
ATOM 735  N N6     . A A 1 23 ? -0.372  13.491  -14.307 1.00 1.01 ? 23 A A N6     1 
ATOM 736  N N1     . A A 1 23 ? -1.979  11.848  -14.216 1.00 1.03 ? 23 A A N1     1 
ATOM 737  C C2     . A A 1 23 ? -3.281  11.527  -14.228 1.00 1.15 ? 23 A A C2     1 
ATOM 738  N N3     . A A 1 23 ? -4.355  12.316  -14.303 1.00 1.28 ? 23 A A N3     1 
ATOM 739  C C4     . A A 1 23 ? -3.995  13.612  -14.346 1.00 1.28 ? 23 A A C4     1 
ATOM 740  H "H5'"  . A A 1 23 ? -7.481  18.514  -15.534 1.00 2.37 ? 23 A A "H5'"  1 
ATOM 741  H "H5''" . A A 1 23 ? -8.077  18.646  -13.876 1.00 2.49 ? 23 A A "H5''" 1 
ATOM 742  H "H4'"  . A A 1 23 ? -8.581  16.484  -14.725 1.00 2.21 ? 23 A A "H4'"  1 
ATOM 743  H "H3'"  . A A 1 23 ? -6.381  16.339  -12.613 1.00 1.94 ? 23 A A "H3'"  1 
ATOM 744  H "H2'"  . A A 1 23 ? -6.677  13.965  -12.783 1.00 1.72 ? 23 A A "H2'"  1 
ATOM 745  H "HO2'" . A A 1 23 ? -8.383  13.058  -13.888 1.00 1.99 ? 23 A A "HO2'" 1 
ATOM 746  H "H1'"  . A A 1 23 ? -6.477  13.994  -15.533 1.00 1.63 ? 23 A A "H1'"  1 
ATOM 747  H H8     . A A 1 23 ? -4.265  16.824  -14.521 1.00 1.63 ? 23 A A H8     1 
ATOM 748  H H61    . A A 1 23 ? 0.343   12.777  -14.272 1.00 0.98 ? 23 A A H61    1 
ATOM 749  H H62    . A A 1 23 ? -0.118  14.465  -14.386 1.00 1.10 ? 23 A A H62    1 
ATOM 750  H H2     . A A 1 23 ? -3.493  10.458  -14.186 1.00 1.22 ? 23 A A H2     1 
ATOM 751  P P      . C A 1 24 ? -8.189  16.566  -10.631 1.00 2.39 ? 24 C A P      1 
ATOM 752  O OP1    . C A 1 24 ? -9.495  16.867  -9.998  1.00 2.68 ? 24 C A OP1    1 
ATOM 753  O OP2    . C A 1 24 ? -7.082  17.550  -10.495 1.00 2.38 ? 24 C A OP2    1 
ATOM 754  O "O5'"  . C A 1 24 ? -7.715  15.127  -10.117 1.00 2.21 ? 24 C A "O5'"  1 
ATOM 755  C "C5'"  . C A 1 24 ? -8.612  14.020  -10.015 1.00 2.27 ? 24 C A "C5'"  1 
ATOM 756  C "C4'"  . C A 1 24 ? -7.858  12.761  -9.633  1.00 2.11 ? 24 C A "C4'"  1 
ATOM 757  O "O4'"  . C A 1 24 ? -6.901  12.427  -10.675 1.00 1.84 ? 24 C A "O4'"  1 
ATOM 758  C "C3'"  . C A 1 24 ? -6.979  12.804  -8.381  1.00 2.11 ? 24 C A "C3'"  1 
ATOM 759  O "O3'"  . C A 1 24 ? -7.774  12.866  -7.189  1.00 2.41 ? 24 C A "O3'"  1 
ATOM 760  C "C2'"  . C A 1 24 ? -6.166  11.524  -8.604  1.00 1.92 ? 24 C A "C2'"  1 
ATOM 761  O "O2'"  . C A 1 24 ? -6.938  10.331  -8.485  1.00 2.09 ? 24 C A "O2'"  1 
ATOM 762  C "C1'"  . C A 1 24 ? -5.807  11.731  -10.086 1.00 1.71 ? 24 C A "C1'"  1 
ATOM 763  N N1     . C A 1 24 ? -4.532  12.474  -10.341 1.00 1.51 ? 24 C A N1     1 
ATOM 764  C C2     . C A 1 24 ? -3.316  11.770  -10.299 1.00 1.35 ? 24 C A C2     1 
ATOM 765  O O2     . C A 1 24 ? -3.298  10.573  -9.968  1.00 1.41 ? 24 C A O2     1 
ATOM 766  N N3     . C A 1 24 ? -2.163  12.403  -10.602 1.00 1.19 ? 24 C A N3     1 
ATOM 767  C C4     . C A 1 24 ? -2.178  13.689  -10.929 1.00 1.24 ? 24 C A C4     1 
ATOM 768  N N4     . C A 1 24 ? -1.018  14.270  -11.200 1.00 1.17 ? 24 C A N4     1 
ATOM 769  C C5     . C A 1 24 ? -3.374  14.446  -10.975 1.00 1.44 ? 24 C A C5     1 
ATOM 770  C C6     . C A 1 24 ? -4.511  13.813  -10.676 1.00 1.55 ? 24 C A C6     1 
ATOM 771  H "H5'"  . C A 1 24 ? -9.124  13.862  -10.965 1.00 2.25 ? 24 C A "H5'"  1 
ATOM 772  H "H5''" . C A 1 24 ? -9.360  14.214  -9.246  1.00 2.49 ? 24 C A "H5''" 1 
ATOM 773  H "H4'"  . C A 1 24 ? -8.609  11.985  -9.491  1.00 2.23 ? 24 C A "H4'"  1 
ATOM 774  H "H3'"  . C A 1 24 ? -6.319  13.668  -8.391  1.00 2.07 ? 24 C A "H3'"  1 
ATOM 775  H "H2'"  . C A 1 24 ? -5.257  11.550  -7.985  1.00 1.86 ? 24 C A "H2'"  1 
ATOM 776  H "HO2'" . C A 1 24 ? -6.337  9.613   -8.285  1.00 2.18 ? 24 C A "HO2'" 1 
ATOM 777  H "H1'"  . C A 1 24 ? -5.771  10.777  -10.620 1.00 1.67 ? 24 C A "H1'"  1 
ATOM 778  H H41    . C A 1 24 ? -0.179  13.706  -11.191 1.00 1.07 ? 24 C A H41    1 
ATOM 779  H H42    . C A 1 24 ? -0.986  15.244  -11.452 1.00 1.28 ? 24 C A H42    1 
ATOM 780  H H5     . C A 1 24 ? -3.366  15.502  -11.245 1.00 1.55 ? 24 C A H5     1 
ATOM 781  H H6     . C A 1 24 ? -5.412  14.419  -10.711 1.00 1.73 ? 24 C A H6     1 
ATOM 782  P P      . C A 1 25 ? -7.331  13.699  -5.877  1.00 2.58 ? 25 C A P      1 
ATOM 783  O OP1    . C A 1 25 ? -8.511  13.880  -5.001  1.00 2.93 ? 25 C A OP1    1 
ATOM 784  O OP2    . C A 1 25 ? -6.583  14.907  -6.316  1.00 2.53 ? 25 C A OP2    1 
ATOM 785  O "O5'"  . C A 1 25 ? -6.352  12.670  -5.135  1.00 2.46 ? 25 C A "O5'"  1 
ATOM 786  C "C5'"  . C A 1 25 ? -6.791  11.382  -4.705  1.00 2.97 ? 25 C A "C5'"  1 
ATOM 787  C "C4'"  . C A 1 25 ? -5.654  10.536  -4.156  1.00 2.78 ? 25 C A "C4'"  1 
ATOM 788  O "O4'"  . C A 1 25 ? -4.533  10.451  -5.088  1.00 2.27 ? 25 C A "O4'"  1 
ATOM 789  C "C3'"  . C A 1 25 ? -4.997  10.834  -2.806  1.00 2.92 ? 25 C A "C3'"  1 
ATOM 790  O "O3'"  . C A 1 25 ? -4.519  9.576   -2.307  1.00 2.89 ? 25 C A "O3'"  1 
ATOM 791  C "C2'"  . C A 1 25 ? -3.908  11.814  -3.265  1.00 2.86 ? 25 C A "C2'"  1 
ATOM 792  O "O2'"  . C A 1 25 ? -2.842  11.939  -2.332  1.00 3.18 ? 25 C A "O2'"  1 
ATOM 793  C "C1'"  . C A 1 25 ? -3.383  11.066  -4.506  1.00 2.27 ? 25 C A "C1'"  1 
ATOM 794  N N1     . C A 1 25 ? -2.634  11.845  -5.551  1.00 1.88 ? 25 C A N1     1 
ATOM 795  C C2     . C A 1 25 ? -1.246  11.664  -5.742  1.00 1.71 ? 25 C A C2     1 
ATOM 796  O O2     . C A 1 25 ? -0.650  10.728  -5.195  1.00 1.83 ? 25 C A O2     1 
ATOM 797  N N3     . C A 1 25 ? -0.570  12.490  -6.574  1.00 1.51 ? 25 C A N3     1 
ATOM 798  C C4     . C A 1 25 ? -1.210  13.447  -7.234  1.00 1.56 ? 25 C A C4     1 
ATOM 799  N N4     . C A 1 25 ? -0.502  14.277  -7.988  1.00 1.56 ? 25 C A N4     1 
ATOM 800  C C5     . C A 1 25 ? -2.617  13.572  -7.189  1.00 1.72 ? 25 C A C5     1 
ATOM 801  C C6     . C A 1 25 ? -3.277  12.746  -6.375  1.00 1.83 ? 25 C A C6     1 
ATOM 802  H "H5'"  . C A 1 25 ? -7.244  10.862  -5.550  1.00 3.34 ? 25 C A "H5'"  1 
ATOM 803  H "H5''" . C A 1 25 ? -7.548  11.471  -3.928  1.00 3.47 ? 25 C A "H5''" 1 
ATOM 804  H "H4'"  . C A 1 25 ? -6.119  9.559   -4.026  1.00 3.01 ? 25 C A "H4'"  1 
ATOM 805  H "H3'"  . C A 1 25 ? -5.700  11.218  -2.069  1.00 3.15 ? 25 C A "H3'"  1 
ATOM 806  H "H2'"  . C A 1 25 ? -4.421  12.752  -3.501  1.00 3.09 ? 25 C A "H2'"  1 
ATOM 807  H "HO2'" . C A 1 25 ? -2.101  12.350  -2.781  1.00 3.33 ? 25 C A "HO2'" 1 
ATOM 808  H "H1'"  . C A 1 25 ? -2.760  10.252  -4.112  1.00 2.31 ? 25 C A "H1'"  1 
ATOM 809  H H41    . C A 1 25 ? 0.500   14.155  -8.054  1.00 1.48 ? 25 C A H41    1 
ATOM 810  H H42    . C A 1 25 ? -0.964  14.983  -8.538  1.00 1.71 ? 25 C A H42    1 
ATOM 811  H H5     . C A 1 25 ? -3.138  14.298  -7.812  1.00 1.82 ? 25 C A H5     1 
ATOM 812  H H6     . C A 1 25 ? -4.354  12.837  -6.417  1.00 1.97 ? 25 C A H6     1 
ATOM 813  P P      . G A 1 26 ? -4.263  9.268   -0.742  1.00 3.10 ? 26 G A P      1 
ATOM 814  O OP1    . G A 1 26 ? -4.537  7.840   -0.456  1.00 3.34 ? 26 G A OP1    1 
ATOM 815  O OP2    . G A 1 26 ? -4.906  10.314  0.096   1.00 3.31 ? 26 G A OP2    1 
ATOM 816  O "O5'"  . G A 1 26 ? -2.681  9.474   -0.752  1.00 2.75 ? 26 G A "O5'"  1 
ATOM 817  C "C5'"  . G A 1 26 ? -1.802  8.563   -1.419  1.00 2.56 ? 26 G A "C5'"  1 
ATOM 818  C "C4'"  . G A 1 26 ? -0.660  9.323   -2.067  1.00 2.30 ? 26 G A "C4'"  1 
ATOM 819  O "O4'"  . G A 1 26 ? -0.149  10.315  -1.131  1.00 2.16 ? 26 G A "O4'"  1 
ATOM 820  C "C3'"  . G A 1 26 ? 0.541   8.461   -2.464  1.00 2.12 ? 26 G A "C3'"  1 
ATOM 821  O "O3'"  . G A 1 26 ? 0.293   7.855   -3.748  1.00 2.20 ? 26 G A "O3'"  1 
ATOM 822  C "C2'"  . G A 1 26 ? 1.627   9.548   -2.393  1.00 1.80 ? 26 G A "C2'"  1 
ATOM 823  O "O2'"  . G A 1 26 ? 1.505   10.548  -3.397  1.00 1.93 ? 26 G A "O2'"  1 
ATOM 824  C "C1'"  . G A 1 26 ? 1.255   10.220  -1.044  1.00 1.83 ? 26 G A "C1'"  1 
ATOM 825  N N9     . G A 1 26 ? 1.510   9.424   0.170   1.00 1.64 ? 26 G A N9     1 
ATOM 826  C C8     . G A 1 26 ? 0.555   9.017   1.076   1.00 1.73 ? 26 G A C8     1 
ATOM 827  N N7     . G A 1 26 ? 1.027   8.249   2.017   1.00 1.67 ? 26 G A N7     1 
ATOM 828  C C5     . G A 1 26 ? 2.378   8.118   1.704   1.00 1.49 ? 26 G A C5     1 
ATOM 829  C C6     . G A 1 26 ? 3.395   7.348   2.329   1.00 1.39 ? 26 G A C6     1 
ATOM 830  O O6     . G A 1 26 ? 3.321   6.647   3.346   1.00 1.46 ? 26 G A O6     1 
ATOM 831  N N1     . G A 1 26 ? 4.591   7.405   1.627   1.00 1.26 ? 26 G A N1     1 
ATOM 832  C C2     . G A 1 26 ? 4.803   8.185   0.525   1.00 1.24 ? 26 G A C2     1 
ATOM 833  N N2     . G A 1 26 ? 6.009   8.093   -0.035  1.00 1.19 ? 26 G A N2     1 
ATOM 834  N N3     . G A 1 26 ? 3.894   8.953   -0.041  1.00 1.34 ? 26 G A N3     1 
ATOM 835  C C4     . G A 1 26 ? 2.696   8.851   0.578   1.00 1.45 ? 26 G A C4     1 
ATOM 836  H "H5'"  . G A 1 26 ? -2.335  7.989   -2.179  1.00 2.67 ? 26 G A "H5'"  1 
ATOM 837  H "H5''" . G A 1 26 ? -1.400  7.854   -0.700  1.00 2.55 ? 26 G A "H5''" 1 
ATOM 838  H "H4'"  . G A 1 26 ? -1.053  9.736   -2.986  1.00 2.48 ? 26 G A "H4'"  1 
ATOM 839  H "H3'"  . G A 1 26 ? 0.757   7.674   -1.746  1.00 2.27 ? 26 G A "H3'"  1 
ATOM 840  H "H2'"  . G A 1 26 ? 2.593   9.019   -2.383  1.00 1.63 ? 26 G A "H2'"  1 
ATOM 841  H "HO2'" . G A 1 26 ? 0.745   10.334  -3.943  1.00 1.90 ? 26 G A "HO2'" 1 
ATOM 842  H "H1'"  . G A 1 26 ? 1.567   11.270  -0.862  1.00 1.91 ? 26 G A "H1'"  1 
ATOM 843  H H8     . G A 1 26 ? -0.495  9.287   0.966   1.00 1.89 ? 26 G A H8     1 
ATOM 844  H H1     . G A 1 26 ? 5.351   6.837   1.977   1.00 1.21 ? 26 G A H1     1 
ATOM 845  H H21    . G A 1 26 ? 6.675   7.427   0.338   1.00 1.14 ? 26 G A H21    1 
ATOM 846  H H22    . G A 1 26 ? 6.198   8.616   -0.877  1.00 1.23 ? 26 G A H22    1 
ATOM 847  P P      . G A 1 27 ? 0.766   6.357   -4.158  1.00 2.40 ? 27 G A P      1 
ATOM 848  O OP1    . G A 1 27 ? 0.066   5.971   -5.406  1.00 2.59 ? 27 G A OP1    1 
ATOM 849  O OP2    . G A 1 27 ? 0.549   5.514   -2.950  1.00 2.68 ? 27 G A OP2    1 
ATOM 850  O "O5'"  . G A 1 27 ? 2.332   6.466   -4.511  1.00 2.14 ? 27 G A "O5'"  1 
ATOM 851  C "C5'"  . G A 1 27 ? 2.859   6.677   -5.827  1.00 2.03 ? 27 G A "C5'"  1 
ATOM 852  C "C4'"  . G A 1 27 ? 4.367   6.495   -5.835  1.00 1.91 ? 27 G A "C4'"  1 
ATOM 853  O "O4'"  . G A 1 27 ? 4.979   7.246   -4.745  1.00 1.85 ? 27 G A "O4'"  1 
ATOM 854  C "C3'"  . G A 1 27 ? 4.839   5.056   -5.633  1.00 1.88 ? 27 G A "C3'"  1 
ATOM 855  O "O3'"  . G A 1 27 ? 4.739   4.327   -6.862  1.00 2.00 ? 27 G A "O3'"  1 
ATOM 856  C "C2'"  . G A 1 27 ? 6.268   5.328   -5.156  1.00 1.83 ? 27 G A "C2'"  1 
ATOM 857  O "O2'"  . G A 1 27 ? 7.118   5.811   -6.198  1.00 1.95 ? 27 G A "O2'"  1 
ATOM 858  C "C1'"  . G A 1 27 ? 5.988   6.449   -4.139  1.00 1.77 ? 27 G A "C1'"  1 
ATOM 859  N N9     . G A 1 27 ? 5.450   5.997   -2.839  1.00 1.68 ? 27 G A N9     1 
ATOM 860  C C8     . G A 1 27 ? 4.260   6.377   -2.260  1.00 1.73 ? 27 G A C8     1 
ATOM 861  N N7     . G A 1 27 ? 3.939   5.692   -1.205  1.00 1.65 ? 27 G A N7     1 
ATOM 862  C C5     . G A 1 27 ? 5.038   4.877   -0.999  1.00 1.54 ? 27 G A C5     1 
ATOM 863  C C6     . G A 1 27 ? 5.297   3.956   0.043   1.00 1.47 ? 27 G A C6     1 
ATOM 864  O O6     . G A 1 27 ? 4.571   3.640   0.989   1.00 1.49 ? 27 G A O6     1 
ATOM 865  N N1     . G A 1 27 ? 6.551   3.383   -0.079  1.00 1.43 ? 27 G A N1     1 
ATOM 866  C C2     . G A 1 27 ? 7.448   3.682   -1.063  1.00 1.50 ? 27 G A C2     1 
ATOM 867  N N2     . G A 1 27 ? 8.622   3.056   -0.990  1.00 1.54 ? 27 G A N2     1 
ATOM 868  N N3     . G A 1 27 ? 7.222   4.514   -2.059  1.00 1.58 ? 27 G A N3     1 
ATOM 869  C C4     . G A 1 27 ? 6.001   5.080   -1.968  1.00 1.58 ? 27 G A C4     1 
ATOM 870  H "H5'"  . G A 1 27 ? 2.615   7.669   -6.181  1.00 2.01 ? 27 G A "H5'"  1 
ATOM 871  H "H5''" . G A 1 27 ? 2.437   5.953   -6.525  1.00 2.31 ? 27 G A "H5''" 1 
ATOM 872  H "H4'"  . G A 1 27 ? 4.718   6.775   -6.824  1.00 1.97 ? 27 G A "H4'"  1 
ATOM 873  H "H3'"  . G A 1 27 ? 4.269   4.518   -4.878  1.00 1.85 ? 27 G A "H3'"  1 
ATOM 874  H "H2'"  . G A 1 27 ? 6.629   4.429   -4.647  1.00 1.80 ? 27 G A "H2'"  1 
ATOM 875  H "HO2'" . G A 1 27 ? 7.393   6.701   -5.968  1.00 1.97 ? 27 G A "HO2'" 1 
ATOM 876  H "H1'"  . G A 1 27 ? 6.854   7.091   -3.968  1.00 1.83 ? 27 G A "H1'"  1 
ATOM 877  H H8     . G A 1 27 ? 3.625   7.150   -2.644  1.00 1.86 ? 27 G A H8     1 
ATOM 878  H H1     . G A 1 27 ? 6.817   2.710   0.627   1.00 1.40 ? 27 G A H1     1 
ATOM 879  H H21    . G A 1 27 ? 8.793   2.397   -0.241  1.00 1.50 ? 27 G A H21    1 
ATOM 880  H H22    . G A 1 27 ? 9.313   3.242   -1.700  1.00 1.64 ? 27 G A H22    1 
ATOM 881  P P      . A A 1 28 ? 4.327   2.777   -6.927  1.00 2.06 ? 28 A A P      1 
ATOM 882  O OP1    . A A 1 28 ? 4.488   2.282   -8.315  1.00 2.27 ? 28 A A OP1    1 
ATOM 883  O OP2    . A A 1 28 ? 2.984   2.709   -6.291  1.00 2.07 ? 28 A A OP2    1 
ATOM 884  O "O5'"  . A A 1 28 ? 5.417   2.055   -6.007  1.00 1.94 ? 28 A A "O5'"  1 
ATOM 885  C "C5'"  . A A 1 28 ? 6.780   1.893   -6.400  1.00 2.08 ? 28 A A "C5'"  1 
ATOM 886  C "C4'"  . A A 1 28 ? 7.483   1.007   -5.393  1.00 1.94 ? 28 A A "C4'"  1 
ATOM 887  O "O4'"  . A A 1 28 ? 7.471   1.629   -4.077  1.00 1.70 ? 28 A A "O4'"  1 
ATOM 888  C "C3'"  . A A 1 28 ? 6.815   -0.338  -5.109  1.00 1.98 ? 28 A A "C3'"  1 
ATOM 889  O "O3'"  . A A 1 28 ? 6.928   -1.258  -6.195  1.00 2.24 ? 28 A A "O3'"  1 
ATOM 890  C "C2'"  . A A 1 28 ? 7.547   -0.735  -3.833  1.00 1.80 ? 28 A A "C2'"  1 
ATOM 891  O "O2'"  . A A 1 28 ? 8.925   -1.048  -4.019  1.00 1.88 ? 28 A A "O2'"  1 
ATOM 892  C "C1'"  . A A 1 28 ? 7.419   0.602   -3.093  1.00 1.63 ? 28 A A "C1'"  1 
ATOM 893  N N9     . A A 1 28 ? 6.166   0.733   -2.323  1.00 1.56 ? 28 A A N9     1 
ATOM 894  C C8     . A A 1 28 ? 5.082   1.549   -2.558  1.00 1.59 ? 28 A A C8     1 
ATOM 895  N N7     . A A 1 28 ? 4.122   1.421   -1.675  1.00 1.58 ? 28 A A N7     1 
ATOM 896  C C5     . A A 1 28 ? 4.601   0.462   -0.791  1.00 1.52 ? 28 A A C5     1 
ATOM 897  C C6     . A A 1 28 ? 4.077   -0.109  0.386   1.00 1.52 ? 28 A A C6     1 
ATOM 898  N N6     . A A 1 28 ? 2.904   0.203   0.936   1.00 1.59 ? 28 A A N6     1 
ATOM 899  N N1     . A A 1 28 ? 4.827   -1.033  1.014   1.00 1.49 ? 28 A A N1     1 
ATOM 900  C C2     . A A 1 28 ? 6.007   -1.380  0.492   1.00 1.45 ? 28 A A C2     1 
ATOM 901  N N3     . A A 1 28 ? 6.606   -0.921  -0.599  1.00 1.46 ? 28 A A N3     1 
ATOM 902  C C4     . A A 1 28 ? 5.847   0.017   -1.194  1.00 1.49 ? 28 A A C4     1 
ATOM 903  H "H5'"  . A A 1 28 ? 7.292   2.854   -6.454  1.00 2.27 ? 28 A A "H5'"  1 
ATOM 904  H "H5''" . A A 1 28 ? 6.836   1.409   -7.376  1.00 2.34 ? 28 A A "H5''" 1 
ATOM 905  H "H4'"  . A A 1 28 ? 8.487   0.811   -5.774  1.00 2.04 ? 28 A A "H4'"  1 
ATOM 906  H "H3'"  . A A 1 28 ? 5.755   -0.216  -4.892  1.00 1.97 ? 28 A A "H3'"  1 
ATOM 907  H "H2'"  . A A 1 28 ? 6.948   -1.503  -3.326  1.00 1.78 ? 28 A A "H2'"  1 
ATOM 908  H "HO2'" . A A 1 28 ? 9.186   -1.638  -3.310  1.00 1.90 ? 28 A A "HO2'" 1 
ATOM 909  H "H1'"  . A A 1 28 ? 8.262   0.762   -2.417  1.00 1.56 ? 28 A A "H1'"  1 
ATOM 910  H H8     . A A 1 28 ? 5.017   2.244   -3.382  1.00 1.66 ? 28 A A H8     1 
ATOM 911  H H61    . A A 1 28 ? 2.605   -0.236  1.799   1.00 1.63 ? 28 A A H61    1 
ATOM 912  H H62    . A A 1 28 ? 2.324   0.898   0.492   1.00 1.63 ? 28 A A H62    1 
ATOM 913  H H2     . A A 1 28 ? 6.565   -2.139  1.038   1.00 1.43 ? 28 A A H2     1 
ATOM 914  P P      . G A 1 29 ? 5.742   -2.285  -6.540  1.00 2.44 ? 29 G A P      1 
ATOM 915  O OP1    . G A 1 29 ? 6.122   -3.096  -7.720  1.00 2.71 ? 29 G A OP1    1 
ATOM 916  O OP2    . G A 1 29 ? 4.475   -1.508  -6.585  1.00 2.47 ? 29 G A OP2    1 
ATOM 917  O "O5'"  . G A 1 29 ? 5.755   -3.254  -5.260  1.00 2.29 ? 29 G A "O5'"  1 
ATOM 918  C "C5'"  . G A 1 29 ? 6.853   -4.131  -4.990  1.00 2.24 ? 29 G A "C5'"  1 
ATOM 919  C "C4'"  . G A 1 29 ? 6.639   -4.895  -3.698  1.00 2.10 ? 29 G A "C4'"  1 
ATOM 920  O "O4'"  . G A 1 29 ? 6.427   -3.988  -2.581  1.00 1.89 ? 29 G A "O4'"  1 
ATOM 921  C "C3'"  . G A 1 29 ? 5.420   -5.811  -3.597  1.00 2.20 ? 29 G A "C3'"  1 
ATOM 922  O "O3'"  . G A 1 29 ? 5.516   -6.968  -4.433  1.00 2.42 ? 29 G A "O3'"  1 
ATOM 923  C "C2'"  . G A 1 29 ? 5.447   -6.101  -2.097  1.00 2.03 ? 29 G A "C2'"  1 
ATOM 924  O "O2'"  . G A 1 29 ? 6.460   -7.008  -1.683  1.00 1.99 ? 29 G A "O2'"  1 
ATOM 925  C "C1'"  . G A 1 29 ? 5.766   -4.710  -1.550  1.00 1.86 ? 29 G A "C1'"  1 
ATOM 926  N N9     . G A 1 29 ? 4.564   -4.007  -1.089  1.00 1.84 ? 29 G A N9     1 
ATOM 927  C C8     . G A 1 29 ? 3.825   -3.062  -1.764  1.00 1.88 ? 29 G A C8     1 
ATOM 928  N N7     . G A 1 29 ? 2.756   -2.688  -1.116  1.00 1.90 ? 29 G A N7     1 
ATOM 929  C C5     . G A 1 29 ? 2.781   -3.438  0.056   1.00 1.88 ? 29 G A C5     1 
ATOM 930  C C6     . G A 1 29 ? 1.889   -3.467  1.162   1.00 1.95 ? 29 G A C6     1 
ATOM 931  O O6     . G A 1 29 ? 0.853   -2.817  1.350   1.00 2.03 ? 29 G A O6     1 
ATOM 932  N N1     . G A 1 29 ? 2.292   -4.380  2.126   1.00 1.96 ? 29 G A N1     1 
ATOM 933  C C2     . G A 1 29 ? 3.382   -5.192  2.023   1.00 1.89 ? 29 G A C2     1 
ATOM 934  N N2     . G A 1 29 ? 3.571   -6.052  3.025   1.00 1.93 ? 29 G A N2     1 
ATOM 935  N N3     . G A 1 29 ? 4.226   -5.185  1.013   1.00 1.83 ? 29 G A N3     1 
ATOM 936  C C4     . G A 1 29 ? 3.876   -4.275  0.075   1.00 1.83 ? 29 G A C4     1 
ATOM 937  H "H5'"  . G A 1 29 ? 7.779   -3.559  -4.920  1.00 2.26 ? 29 G A "H5'"  1 
ATOM 938  H "H5''" . G A 1 29 ? 6.964   -4.857  -5.795  1.00 2.51 ? 29 G A "H5''" 1 
ATOM 939  H "H4'"  . G A 1 29 ? 7.521   -5.522  -3.565  1.00 2.11 ? 29 G A "H4'"  1 
ATOM 940  H "H3'"  . G A 1 29 ? 4.510   -5.279  -3.868  1.00 2.25 ? 29 G A "H3'"  1 
ATOM 941  H "H2'"  . G A 1 29 ? 4.432   -6.381  -1.808  1.00 2.10 ? 29 G A "H2'"  1 
ATOM 942  H "HO2'" . G A 1 29 ? 6.049   -7.632  -1.082  1.00 2.06 ? 29 G A "HO2'" 1 
ATOM 943  H "H1'"  . G A 1 29 ? 6.477   -4.764  -0.722  1.00 1.76 ? 29 G A "H1'"  1 
ATOM 944  H H8     . G A 1 29 ? 4.098   -2.663  -2.730  1.00 1.93 ? 29 G A H8     1 
ATOM 945  H H1     . G A 1 29 ? 1.714   -4.466  2.948   1.00 2.03 ? 29 G A H1     1 
ATOM 946  H H21    . G A 1 29 ? 2.919   -6.091  3.799   1.00 2.01 ? 29 G A H21    1 
ATOM 947  H H22    . G A 1 29 ? 4.361   -6.675  2.979   1.00 1.91 ? 29 G A H22    1 
ATOM 948  P P      . A A 1 30 ? 4.218   -7.798  -4.918  1.00 2.67 ? 30 A A P      1 
ATOM 949  O OP1    . A A 1 30 ? 4.628   -8.809  -5.920  1.00 3.04 ? 30 A A OP1    1 
ATOM 950  O OP2    . A A 1 30 ? 3.166   -6.812  -5.285  1.00 2.58 ? 30 A A OP2    1 
ATOM 951  O "O5'"  . A A 1 30 ? 3.801   -8.588  -3.581  1.00 2.87 ? 30 A A "O5'"  1 
ATOM 952  C "C5'"  . A A 1 30 ? 4.629   -9.606  -3.002  1.00 2.87 ? 30 A A "C5'"  1 
ATOM 953  C "C4'"  . A A 1 30 ? 4.218   -9.866  -1.563  1.00 2.77 ? 30 A A "C4'"  1 
ATOM 954  O "O4'"  . A A 1 30 ? 3.952   -8.593  -0.914  1.00 2.62 ? 30 A A "O4'"  1 
ATOM 955  C "C3'"  . A A 1 30 ? 2.930   -10.657 -1.314  1.00 2.91 ? 30 A A "C3'"  1 
ATOM 956  O "O3'"  . A A 1 30 ? 3.113   -12.068 -1.517  1.00 3.15 ? 30 A A "O3'"  1 
ATOM 957  C "C2'"  . A A 1 30 ? 2.693   -10.280 0.153   1.00 2.81 ? 30 A A "C2'"  1 
ATOM 958  O "O2'"  . A A 1 30 ? 3.558   -10.957 1.053   1.00 2.93 ? 30 A A "O2'"  1 
ATOM 959  C "C1'"  . A A 1 30 ? 3.070   -8.796  0.171   1.00 2.60 ? 30 A A "C1'"  1 
ATOM 960  N N9     . A A 1 30 ? 1.937   -7.855  0.084   1.00 2.56 ? 30 A A N9     1 
ATOM 961  C C8     . A A 1 30 ? 1.553   -7.069  -0.979  1.00 2.53 ? 30 A A C8     1 
ATOM 962  N N7     . A A 1 30 ? 0.568   -6.248  -0.709  1.00 2.55 ? 30 A A N7     1 
ATOM 963  C C5     . A A 1 30 ? 0.259   -6.521  0.620   1.00 2.59 ? 30 A A C5     1 
ATOM 964  C C6     . A A 1 30 ? -0.683  -5.976  1.518   1.00 2.68 ? 30 A A C6     1 
ATOM 965  N N6     . A A 1 30 ? -1.517  -4.973  1.251   1.00 2.73 ? 30 A A N6     1 
ATOM 966  N N1     . A A 1 30 ? -0.738  -6.483  2.764   1.00 2.77 ? 30 A A N1     1 
ATOM 967  C C2     . A A 1 30 ? 0.114   -7.460  3.091   1.00 2.77 ? 30 A A C2     1 
ATOM 968  N N3     . A A 1 30 ? 1.054   -8.044  2.353   1.00 2.69 ? 30 A A N3     1 
ATOM 969  C C4     . A A 1 30 ? 1.079   -7.523  1.111   1.00 2.60 ? 30 A A C4     1 
ATOM 970  H "H5'"  . A A 1 30 ? 5.669   -9.276  -3.020  1.00 3.07 ? 30 A A "H5'"  1 
ATOM 971  H "H5''" . A A 1 30 ? 4.563   -10.536 -3.566  1.00 3.03 ? 30 A A "H5''" 1 
ATOM 972  H "H4'"  . A A 1 30 ? 5.028   -10.415 -1.086  1.00 2.81 ? 30 A A "H4'"  1 
ATOM 973  H "H3'"  . A A 1 30 ? 2.108   -10.326 -1.941  1.00 2.98 ? 30 A A "H3'"  1 
ATOM 974  H "H2'"  . A A 1 30 ? 1.632   -10.408 0.369   1.00 2.91 ? 30 A A "H2'"  1 
ATOM 975  H "HO2'" . A A 1 30 ? 3.337   -11.890 1.028   1.00 2.92 ? 30 A A "HO2'" 1 
ATOM 976  H "H1'"  . A A 1 30 ? 3.653   -8.561  1.067   1.00 2.56 ? 30 A A "H1'"  1 
ATOM 977  H H8     . A A 1 30 ? 2.028   -7.108  -1.948  1.00 2.53 ? 30 A A H8     1 
ATOM 978  H H61    . A A 1 30 ? -2.122  -4.646  1.989   1.00 2.83 ? 30 A A H61    1 
ATOM 979  H H62    . A A 1 30 ? -1.477  -4.503  0.358   1.00 2.70 ? 30 A A H62    1 
ATOM 980  H H2     . A A 1 30 ? 0.027   -7.825  4.111   1.00 2.88 ? 30 A A H2     1 
ATOM 981  P P      . U A 1 31 ? 2.084   -13.012 -2.329  1.00 3.51 ? 31 U A P      1 
ATOM 982  O OP1    . U A 1 31 ? 2.766   -14.288 -2.648  1.00 3.74 ? 31 U A OP1    1 
ATOM 983  O OP2    . U A 1 31 ? 1.554   -12.195 -3.455  1.00 4.11 ? 31 U A OP2    1 
ATOM 984  O "O5'"  . U A 1 31 ? 0.914   -13.341 -1.264  1.00 3.36 ? 31 U A "O5'"  1 
ATOM 985  C "C5'"  . U A 1 31 ? 1.001   -14.369 -0.255  1.00 3.40 ? 31 U A "C5'"  1 
ATOM 986  C "C4'"  . U A 1 31 ? 1.805   -13.914 0.948   1.00 2.88 ? 31 U A "C4'"  1 
ATOM 987  O "O4'"  . U A 1 31 ? 1.177   -12.710 1.476   1.00 3.00 ? 31 U A "O4'"  1 
ATOM 988  C "C3'"  . U A 1 31 ? 1.844   -14.827 2.190   1.00 3.00 ? 31 U A "C3'"  1 
ATOM 989  O "O3'"  . U A 1 31 ? 2.738   -15.957 2.115   1.00 2.95 ? 31 U A "O3'"  1 
ATOM 990  C "C2'"  . U A 1 31 ? 2.315   -13.797 3.208   1.00 2.91 ? 31 U A "C2'"  1 
ATOM 991  O "O2'"  . U A 1 31 ? 3.655   -13.384 2.935   1.00 2.81 ? 31 U A "O2'"  1 
ATOM 992  C "C1'"  . U A 1 31 ? 1.408   -12.585 2.874   1.00 3.04 ? 31 U A "C1'"  1 
ATOM 993  N N1     . U A 1 31 ? 0.028   -12.367 3.444   1.00 3.89 ? 31 U A N1     1 
ATOM 994  C C2     . U A 1 31 ? -0.463  -13.116 4.519   1.00 4.68 ? 31 U A C2     1 
ATOM 995  O O2     . U A 1 31 ? -0.033  -14.192 4.893   1.00 4.73 ? 31 U A O2     1 
ATOM 996  N N3     . U A 1 31 ? -1.550  -12.581 5.156   1.00 5.67 ? 31 U A N3     1 
ATOM 997  C C4     . U A 1 31 ? -2.258  -11.457 4.815   1.00 6.00 ? 31 U A C4     1 
ATOM 998  O O4     . U A 1 31 ? -3.208  -11.103 5.510   1.00 7.01 ? 31 U A O4     1 
ATOM 999  C C5     . U A 1 31 ? -1.847  -10.870 3.586   1.00 5.23 ? 31 U A C5     1 
ATOM 1000 C C6     . U A 1 31 ? -0.762  -11.329 2.953   1.00 4.26 ? 31 U A C6     1 
ATOM 1001 H "H5'"  . U A 1 31 ? 1.419   -15.291 -0.662  1.00 3.83 ? 31 U A "H5'"  1 
ATOM 1002 H "H5''" . U A 1 31 ? -0.008  -14.584 0.095   1.00 3.74 ? 31 U A "H5''" 1 
ATOM 1003 H "H4'"  . U A 1 31 ? 2.823   -13.736 0.614   1.00 2.88 ? 31 U A "H4'"  1 
ATOM 1004 H "H3'"  . U A 1 31 ? 0.850   -15.194 2.443   1.00 3.51 ? 31 U A "H3'"  1 
ATOM 1005 H "H2'"  . U A 1 31 ? 2.195   -14.273 4.193   1.00 3.37 ? 31 U A "H2'"  1 
ATOM 1006 H "HO2'" . U A 1 31 ? 4.189   -13.673 3.679   1.00 2.96 ? 31 U A "HO2'" 1 
ATOM 1007 H "H1'"  . U A 1 31 ? 2.018   -11.667 3.012   1.00 3.06 ? 31 U A "H1'"  1 
ATOM 1008 H H3     . U A 1 31 ? -1.885  -13.087 5.960   1.00 6.34 ? 31 U A H3     1 
ATOM 1009 H H5     . U A 1 31 ? -2.418  -10.040 3.171   1.00 5.57 ? 31 U A H5     1 
ATOM 1010 H H6     . U A 1 31 ? -0.551  -10.816 2.007   1.00 3.92 ? 31 U A H6     1 
ATOM 1011 P P      . A A 1 32 ? 2.742   -17.146 3.229   1.00 3.30 ? 32 A A P      1 
ATOM 1012 O OP1    . A A 1 32 ? 3.586   -18.266 2.749   1.00 3.64 ? 32 A A OP1    1 
ATOM 1013 O OP2    . A A 1 32 ? 1.313   -17.421 3.534   1.00 3.49 ? 32 A A OP2    1 
ATOM 1014 O "O5'"  . A A 1 32 ? 3.485   -16.507 4.526   1.00 3.25 ? 32 A A "O5'"  1 
ATOM 1015 C "C5'"  . A A 1 32 ? 4.915   -16.524 4.715   1.00 3.31 ? 32 A A "C5'"  1 
ATOM 1016 C "C4'"  . A A 1 32 ? 5.371   -15.370 5.609   1.00 3.11 ? 32 A A "C4'"  1 
ATOM 1017 O "O4'"  . A A 1 32 ? 4.540   -14.242 5.254   1.00 2.79 ? 32 A A "O4'"  1 
ATOM 1018 C "C3'"  . A A 1 32 ? 5.171   -15.407 7.132   1.00 3.06 ? 32 A A "C3'"  1 
ATOM 1019 O "O3'"  . A A 1 32 ? 6.158   -16.116 7.900   1.00 3.04 ? 32 A A "O3'"  1 
ATOM 1020 C "C2'"  . A A 1 32 ? 5.257   -13.905 7.440   1.00 3.33 ? 32 A A "C2'"  1 
ATOM 1021 O "O2'"  . A A 1 32 ? 6.580   -13.423 7.617   1.00 3.84 ? 32 A A "O2'"  1 
ATOM 1022 C "C1'"  . A A 1 32 ? 4.692   -13.221 6.202   1.00 2.90 ? 32 A A "C1'"  1 
ATOM 1023 N N9     . A A 1 32 ? 3.426   -12.475 6.371   1.00 2.74 ? 32 A A N9     1 
ATOM 1024 C C8     . A A 1 32 ? 2.210   -12.922 6.843   1.00 2.69 ? 32 A A C8     1 
ATOM 1025 N N7     . A A 1 32 ? 1.283   -12.003 6.882   1.00 2.62 ? 32 A A N7     1 
ATOM 1026 C C5     . A A 1 32 ? 1.922   -10.861 6.437   1.00 2.62 ? 32 A A C5     1 
ATOM 1027 C C6     . A A 1 32 ? 1.471   -9.544  6.255   1.00 2.63 ? 32 A A C6     1 
ATOM 1028 N N6     . A A 1 32 ? 0.223   -9.144  6.478   1.00 2.62 ? 32 A A N6     1 
ATOM 1029 N N1     . A A 1 32 ? 2.363   -8.624  5.845   1.00 2.73 ? 32 A A N1     1 
ATOM 1030 C C2     . A A 1 32 ? 3.620   -9.022  5.613   1.00 2.82 ? 32 A A C2     1 
ATOM 1031 N N3     . A A 1 32 ? 4.162   -10.233 5.722   1.00 2.82 ? 32 A A N3     1 
ATOM 1032 C C4     . A A 1 32 ? 3.247   -11.125 6.143   1.00 2.71 ? 32 A A C4     1 
ATOM 1033 H "H5'"  . A A 1 32 ? 5.388   -16.414 3.736   1.00 3.43 ? 32 A A "H5'"  1 
ATOM 1034 H "H5''" . A A 1 32 ? 5.253   -17.462 5.147   1.00 3.65 ? 32 A A "H5''" 1 
ATOM 1035 H "H4'"  . A A 1 32 ? 6.415   -15.147 5.404   1.00 3.30 ? 32 A A "H4'"  1 
ATOM 1036 H "H3'"  . A A 1 32 ? 4.200   -15.829 7.378   1.00 3.09 ? 32 A A "H3'"  1 
ATOM 1037 H "H2'"  . A A 1 32 ? 4.616   -13.719 8.294   1.00 3.66 ? 32 A A "H2'"  1 
ATOM 1038 H "HO2'" . A A 1 32 ? 6.578   -12.890 8.415   1.00 3.91 ? 32 A A "HO2'" 1 
ATOM 1039 H "H1'"  . A A 1 32 ? 5.445   -12.561 5.761   1.00 2.95 ? 32 A A "H1'"  1 
ATOM 1040 H H8     . A A 1 32 ? 1.981   -13.928 7.147   1.00 2.78 ? 32 A A H8     1 
ATOM 1041 H H61    . A A 1 32 ? -0.022  -8.182  6.305   1.00 2.68 ? 32 A A H61    1 
ATOM 1042 H H62    . A A 1 32 ? -0.460  -9.797  6.841   1.00 2.60 ? 32 A A H62    1 
ATOM 1043 H H2     . A A 1 32 ? 4.305   -8.237  5.293   1.00 2.95 ? 32 A A H2     1 
ATOM 1044 P P      . U A 1 33 ? 5.924   -16.458 9.473   1.00 2.93 ? 33 U A P      1 
ATOM 1045 O OP1    . U A 1 33 ? 7.126   -17.121 10.025  1.00 3.35 ? 33 U A OP1    1 
ATOM 1046 O OP2    . U A 1 33 ? 4.630   -17.194 9.512   1.00 2.86 ? 33 U A OP2    1 
ATOM 1047 O "O5'"  . U A 1 33 ? 5.779   -15.026 10.224  1.00 2.82 ? 33 U A "O5'"  1 
ATOM 1048 C "C5'"  . U A 1 33 ? 6.876   -14.244 10.733  1.00 2.90 ? 33 U A "C5'"  1 
ATOM 1049 C "C4'"  . U A 1 33 ? 6.466   -12.789 11.008  1.00 2.78 ? 33 U A "C4'"  1 
ATOM 1050 O "O4'"  . U A 1 33 ? 5.582   -12.343 9.942   1.00 2.74 ? 33 U A "O4'"  1 
ATOM 1051 C "C3'"  . U A 1 33 ? 5.681   -12.402 12.270  1.00 2.48 ? 33 U A "C3'"  1 
ATOM 1052 O "O3'"  . U A 1 33 ? 6.497   -12.296 13.445  1.00 2.67 ? 33 U A "O3'"  1 
ATOM 1053 C "C2'"  . U A 1 33 ? 5.118   -11.052 11.810  1.00 2.47 ? 33 U A "C2'"  1 
ATOM 1054 O "O2'"  . U A 1 33 ? 6.084   -10.007 11.723  1.00 2.83 ? 33 U A "O2'"  1 
ATOM 1055 C "C1'"  . U A 1 33 ? 4.643   -11.390 10.403  1.00 2.52 ? 33 U A "C1'"  1 
ATOM 1056 N N1     . U A 1 33 ? 3.244   -11.917 10.326  1.00 2.25 ? 33 U A N1     1 
ATOM 1057 C C2     . U A 1 33 ? 2.212   -11.025 10.058  1.00 2.23 ? 33 U A C2     1 
ATOM 1058 O O2     . U A 1 33 ? 2.362   -9.821  9.930   1.00 2.37 ? 33 U A O2     1 
ATOM 1059 N N3     . U A 1 33 ? 0.972   -11.594 9.922   1.00 2.10 ? 33 U A N3     1 
ATOM 1060 C C4     . U A 1 33 ? 0.638   -12.923 10.006  1.00 2.01 ? 33 U A C4     1 
ATOM 1061 O O4     . U A 1 33 ? -0.526  -13.278 9.824   1.00 2.02 ? 33 U A O4     1 
ATOM 1062 C C5     . U A 1 33 ? 1.731   -13.775 10.323  1.00 2.02 ? 33 U A C5     1 
ATOM 1063 C C6     . U A 1 33 ? 2.952   -13.260 10.477  1.00 2.13 ? 33 U A C6     1 
ATOM 1064 H "H5'"  . U A 1 33 ? 7.675   -14.251 9.990   1.00 3.36 ? 33 U A "H5'"  1 
ATOM 1065 H "H5''" . U A 1 33 ? 7.275   -14.673 11.650  1.00 3.01 ? 33 U A "H5''" 1 
ATOM 1066 H "H4'"  . U A 1 33 ? 7.381   -12.200 11.022  1.00 3.08 ? 33 U A "H4'"  1 
ATOM 1067 H "H3'"  . U A 1 33 ? 4.877   -13.101 12.486  1.00 2.25 ? 33 U A "H3'"  1 
ATOM 1068 H "H2'"  . U A 1 33 ? 4.252   -10.811 12.420  1.00 2.25 ? 33 U A "H2'"  1 
ATOM 1069 H "HO2'" . U A 1 33 ? 5.620   -9.179  11.849  1.00 2.75 ? 33 U A "HO2'" 1 
ATOM 1070 H "H1'"  . U A 1 33 ? 4.755   -10.540 9.722   1.00 2.74 ? 33 U A "H1'"  1 
ATOM 1071 H H3     . U A 1 33 ? 0.202   -10.981 9.687   1.00 2.14 ? 33 U A H3     1 
ATOM 1072 H H5     . U A 1 33 ? 1.562   -14.846 10.446  1.00 2.02 ? 33 U A H5     1 
ATOM 1073 H H6     . U A 1 33 ? 3.733   -13.962 10.736  1.00 2.20 ? 33 U A H6     1 
ATOM 1074 P P      . C A 1 34 ? 5.866   -12.246 14.934  1.00 2.54 ? 34 C A P      1 
ATOM 1075 O OP1    . C A 1 34 ? 6.956   -12.181 15.936  1.00 2.96 ? 34 C A OP1    1 
ATOM 1076 O OP2    . C A 1 34 ? 4.887   -13.363 15.020  1.00 2.27 ? 34 C A OP2    1 
ATOM 1077 O "O5'"  . C A 1 34 ? 5.100   -10.828 14.963  1.00 2.41 ? 34 C A "O5'"  1 
ATOM 1078 C "C5'"  . C A 1 34 ? 5.790   -9.573  15.014  1.00 2.71 ? 34 C A "C5'"  1 
ATOM 1079 C "C4'"  . C A 1 34 ? 4.851   -8.403  14.752  1.00 2.60 ? 34 C A "C4'"  1 
ATOM 1080 O "O4'"  . C A 1 34 ? 4.101   -8.608  13.520  1.00 2.38 ? 34 C A "O4'"  1 
ATOM 1081 C "C3'"  . C A 1 34 ? 3.737   -8.143  15.764  1.00 2.40 ? 34 C A "C3'"  1 
ATOM 1082 O "O3'"  . C A 1 34 ? 4.230   -7.592  16.987  1.00 2.71 ? 34 C A "O3'"  1 
ATOM 1083 C "C2'"  . C A 1 34 ? 2.858   -7.192  14.944  1.00 2.32 ? 34 C A "C2'"  1 
ATOM 1084 O "O2'"  . C A 1 34 ? 3.442   -5.908  14.741  1.00 2.71 ? 34 C A "O2'"  1 
ATOM 1085 C "C1'"  . C A 1 34 ? 2.847   -7.941  13.609  1.00 2.18 ? 34 C A "C1'"  1 
ATOM 1086 N N1     . C A 1 34 ? 1.715   -8.907  13.436  1.00 1.79 ? 34 C A N1     1 
ATOM 1087 C C2     . C A 1 34 ? 0.464   -8.428  13.011  1.00 1.68 ? 34 C A C2     1 
ATOM 1088 O O2     . C A 1 34 ? 0.254   -7.208  12.946  1.00 1.87 ? 34 C A O2     1 
ATOM 1089 N N3     . C A 1 34 ? -0.510  -9.303  12.682  1.00 1.44 ? 34 C A N3     1 
ATOM 1090 C C4     . C A 1 34 ? -0.294  -10.608 12.779  1.00 1.32 ? 34 C A C4     1 
ATOM 1091 N N4     . C A 1 34 ? -1.277  -11.433 12.445  1.00 1.24 ? 34 C A N4     1 
ATOM 1092 C C5     . C A 1 34 ? 0.922   -11.134 13.276  1.00 1.40 ? 34 C A C5     1 
ATOM 1093 C C6     . C A 1 34 ? 1.875   -10.260 13.613  1.00 1.62 ? 34 C A C6     1 
ATOM 1094 H "H5'"  . C A 1 34 ? 6.592   -9.565  14.275  1.00 2.88 ? 34 C A "H5'"  1 
ATOM 1095 H "H5''" . C A 1 34 ? 6.243   -9.432  15.994  1.00 2.93 ? 34 C A "H5''" 1 
ATOM 1096 H "H4'"  . C A 1 34 ? 5.471   -7.506  14.721  1.00 2.91 ? 34 C A "H4'"  1 
ATOM 1097 H "H3'"  . C A 1 34 ? 3.193   -9.055  16.006  1.00 2.13 ? 34 C A "H3'"  1 
ATOM 1098 H "H2'"  . C A 1 34 ? 1.851   -7.174  15.372  1.00 2.11 ? 34 C A "H2'"  1 
ATOM 1099 H "HO2'" . C A 1 34 ? 2.852   -5.403  14.180  1.00 3.00 ? 34 C A "HO2'" 1 
ATOM 1100 H "H1'"  . C A 1 34 ? 2.848   -7.241  12.768  1.00 2.34 ? 34 C A "H1'"  1 
ATOM 1101 H H41    . C A 1 34 ? -2.175  -11.076 12.146  1.00 1.26 ? 34 C A H41    1 
ATOM 1102 H H42    . C A 1 34 ? -1.116  -12.428 12.480  1.00 1.26 ? 34 C A H42    1 
ATOM 1103 H H5     . C A 1 34 ? 1.057   -12.206 13.407  1.00 1.37 ? 34 C A H5     1 
ATOM 1104 H H6     . C A 1 34 ? 2.789   -10.665 14.033  1.00 1.73 ? 34 C A H6     1 
ATOM 1105 P P      . A A 1 35 ? 3.576   -7.970  18.403  1.00 2.67 ? 35 A A P      1 
ATOM 1106 O OP1    . A A 1 35 ? 4.218   -7.174  19.476  1.00 3.12 ? 35 A A OP1    1 
ATOM 1107 O OP2    . A A 1 35 ? 3.609   -9.454  18.494  1.00 2.41 ? 35 A A OP2    1 
ATOM 1108 O "O5'"  . A A 1 35 ? 2.064   -7.459  18.241  1.00 2.50 ? 35 A A "O5'"  1 
ATOM 1109 C "C5'"  . A A 1 35 ? 1.716   -6.074  18.331  1.00 2.75 ? 35 A A "C5'"  1 
ATOM 1110 C "C4'"  . A A 1 35 ? 0.216   -5.877  18.305  1.00 2.58 ? 35 A A "C4'"  1 
ATOM 1111 O "O4'"  . A A 1 35 ? -0.334  -6.118  16.978  1.00 2.26 ? 35 A A "O4'"  1 
ATOM 1112 C "C3'"  . A A 1 35 ? -0.635  -6.819  19.157  1.00 2.46 ? 35 A A "C3'"  1 
ATOM 1113 O "O3'"  . A A 1 35 ? -0.465  -6.644  20.565  1.00 2.82 ? 35 A A "O3'"  1 
ATOM 1114 C "C2'"  . A A 1 35 ? -2.016  -6.458  18.624  1.00 2.27 ? 35 A A "C2'"  1 
ATOM 1115 O "O2'"  . A A 1 35 ? -2.472  -5.155  18.985  1.00 2.57 ? 35 A A "O2'"  1 
ATOM 1116 C "C1'"  . A A 1 35 ? -1.699  -6.498  17.128  1.00 2.04 ? 35 A A "C1'"  1 
ATOM 1117 N N9     . A A 1 35 ? -1.886  -7.832  16.539  1.00 1.66 ? 35 A A N9     1 
ATOM 1118 C C8     . A A 1 35 ? -0.936  -8.772  16.213  1.00 1.52 ? 35 A A C8     1 
ATOM 1119 N N7     . A A 1 35 ? -1.428  -9.865  15.693  1.00 1.24 ? 35 A A N7     1 
ATOM 1120 C C5     . A A 1 35 ? -2.799  -9.650  15.708  1.00 1.17 ? 35 A A C5     1 
ATOM 1121 C C6     . A A 1 35 ? -3.890  -10.443 15.316  1.00 1.03 ? 35 A A C6     1 
ATOM 1122 N N6     . A A 1 35 ? -3.783  -11.640 14.747  1.00 0.96 ? 35 A A N6     1 
ATOM 1123 N N1     . A A 1 35 ? -5.124  -9.960  15.539  1.00 1.12 ? 35 A A N1     1 
ATOM 1124 C C2     . A A 1 35 ? -5.258  -8.753  16.097  1.00 1.32 ? 35 A A C2     1 
ATOM 1125 N N3     . A A 1 35 ? -4.319  -7.905  16.493  1.00 1.50 ? 35 A A N3     1 
ATOM 1126 C C4     . A A 1 35 ? -3.097  -8.421  16.267  1.00 1.42 ? 35 A A C4     1 
ATOM 1127 H "H5'"  . A A 1 35 ? 2.175   -5.507  17.519  1.00 2.85 ? 35 A A "H5'"  1 
ATOM 1128 H "H5''" . A A 1 35 ? 2.076   -5.672  19.278  1.00 3.03 ? 35 A A "H5''" 1 
ATOM 1129 H "H4'"  . A A 1 35 ? 0.040   -4.859  18.655  1.00 2.85 ? 35 A A "H4'"  1 
ATOM 1130 H "H3'"  . A A 1 35 ? -0.413  -7.861  18.923  1.00 2.27 ? 35 A A "H3'"  1 
ATOM 1131 H "H2'"  . A A 1 35 ? -2.694  -7.275  18.865  1.00 2.11 ? 35 A A "H2'"  1 
ATOM 1132 H "HO2'" . A A 1 35 ? -3.411  -5.120  18.802  1.00 2.51 ? 35 A A "HO2'" 1 
ATOM 1133 H "H1'"  . A A 1 35 ? -2.317  -5.786  16.575  1.00 2.08 ? 35 A A "H1'"  1 
ATOM 1134 H H8     . A A 1 35 ? 0.121   -8.635  16.367  1.00 1.68 ? 35 A A H8     1 
ATOM 1135 H H61    . A A 1 35 ? -4.614  -12.156 14.483  1.00 1.02 ? 35 A A H61    1 
ATOM 1136 H H62    . A A 1 35 ? -2.868  -12.029 14.573  1.00 0.96 ? 35 A A H62    1 
ATOM 1137 H H2     . A A 1 35 ? -6.285  -8.417  16.244  1.00 1.42 ? 35 A A H2     1 
ATOM 1138 P P      . C A 1 36 ? -0.564  -7.889  21.588  1.00 2.89 ? 36 C A P      1 
ATOM 1139 O OP1    . C A 1 36 ? -0.303  -7.417  22.969  1.00 3.34 ? 36 C A OP1    1 
ATOM 1140 O OP2    . C A 1 36 ? 0.271   -8.991  21.038  1.00 2.72 ? 36 C A OP2    1 
ATOM 1141 O "O5'"  . C A 1 36 ? -2.119  -8.264  21.486  1.00 2.67 ? 36 C A "O5'"  1 
ATOM 1142 C "C5'"  . C A 1 36 ? -3.132  -7.372  21.954  1.00 2.77 ? 36 C A "C5'"  1 
ATOM 1143 C "C4'"  . C A 1 36 ? -4.510  -7.865  21.568  1.00 2.52 ? 36 C A "C4'"  1 
ATOM 1144 O "O4'"  . C A 1 36 ? -4.611  -8.059  20.128  1.00 2.14 ? 36 C A "O4'"  1 
ATOM 1145 C "C3'"  . C A 1 36 ? -4.947  -9.231  22.085  1.00 2.50 ? 36 C A "C3'"  1 
ATOM 1146 O "O3'"  . C A 1 36 ? -5.158  -9.253  23.498  1.00 2.88 ? 36 C A "O3'"  1 
ATOM 1147 C "C2'"  . C A 1 36 ? -6.193  -9.423  21.221  1.00 2.24 ? 36 C A "C2'"  1 
ATOM 1148 O "O2'"  . C A 1 36 ? -7.264  -8.521  21.496  1.00 2.42 ? 36 C A "O2'"  1 
ATOM 1149 C "C1'"  . C A 1 36 ? -5.575  -9.071  19.862  1.00 1.93 ? 36 C A "C1'"  1 
ATOM 1150 N N1     . C A 1 36 ? -4.966  -10.257 19.183  1.00 1.65 ? 36 C A N1     1 
ATOM 1151 C C2     . C A 1 36 ? -5.821  -11.249 18.672  1.00 1.51 ? 36 C A C2     1 
ATOM 1152 O O2     . C A 1 36 ? -7.050  -11.114 18.765  1.00 1.62 ? 36 C A O2     1 
ATOM 1153 N N3     . C A 1 36 ? -5.301  -12.342 18.085  1.00 1.36 ? 36 C A N3     1 
ATOM 1154 C C4     . C A 1 36 ? -3.989  -12.485 17.985  1.00 1.31 ? 36 C A C4     1 
ATOM 1155 N N4     . C A 1 36 ? -3.559  -13.589 17.388  1.00 1.27 ? 36 C A N4     1 
ATOM 1156 C C5     . C A 1 36 ? -3.080  -11.511 18.475  1.00 1.45 ? 36 C A C5     1 
ATOM 1157 C C6     . C A 1 36 ? -3.605  -10.427 19.062  1.00 1.63 ? 36 C A C6     1 
ATOM 1158 H "H5'"  . C A 1 36 ? -2.977  -6.377  21.535  1.00 3.03 ? 36 C A "H5'"  1 
ATOM 1159 H "H5''" . C A 1 36 ? -3.093  -7.289  23.039  1.00 3.10 ? 36 C A "H5''" 1 
ATOM 1160 H "H4'"  . C A 1 36 ? -5.215  -7.123  21.941  1.00 2.71 ? 36 C A "H4'"  1 
ATOM 1161 H "H3'"  . C A 1 36 ? -4.204  -9.991  21.843  1.00 2.40 ? 36 C A "H3'"  1 
ATOM 1162 H "H2'"  . C A 1 36 ? -6.456  -10.484 21.243  1.00 2.20 ? 36 C A "H2'"  1 
ATOM 1163 H "HO2'" . C A 1 36 ? -8.068  -8.943  21.187  1.00 2.38 ? 36 C A "HO2'" 1 
ATOM 1164 H "H1'"  . C A 1 36 ? -6.291  -8.597  19.182  1.00 1.85 ? 36 C A "H1'"  1 
ATOM 1165 H H41    . C A 1 36 ? -4.255  -14.240 17.040  1.00 1.31 ? 36 C A H41    1 
ATOM 1166 H H42    . C A 1 36 ? -2.573  -13.737 17.243  1.00 1.28 ? 36 C A H42    1 
ATOM 1167 H H5     . C A 1 36 ? -2.001  -11.641 18.377  1.00 1.50 ? 36 C A H5     1 
ATOM 1168 H H6     . C A 1 36 ? -2.909  -9.684  19.442  1.00 1.84 ? 36 C A H6     1 
ATOM 1169 P P      . C A 1 37 ? -4.802  -10.550 24.387  1.00 3.09 ? 37 C A P      1 
ATOM 1170 O OP1    . C A 1 37 ? -4.997  -10.238 25.823  1.00 3.49 ? 37 C A OP1    1 
ATOM 1171 O OP2    . C A 1 37 ? -3.479  -11.065 23.943  1.00 3.02 ? 37 C A OP2    1 
ATOM 1172 O "O5'"  . C A 1 37 ? -5.966  -11.561 23.953  1.00 2.94 ? 37 C A "O5'"  1 
ATOM 1173 C "C5'"  . C A 1 37 ? -7.336  -11.310 24.276  1.00 3.21 ? 37 C A "C5'"  1 
ATOM 1174 C "C4'"  . C A 1 37 ? -8.233  -12.368 23.669  1.00 3.06 ? 37 C A "C4'"  1 
ATOM 1175 O "O4'"  . C A 1 37 ? -8.029  -12.445 22.230  1.00 2.66 ? 37 C A "O4'"  1 
ATOM 1176 C "C3'"  . C A 1 37 ? -8.007  -13.821 24.083  1.00 3.23 ? 37 C A "C3'"  1 
ATOM 1177 O "O3'"  . C A 1 37 ? -8.378  -14.113 25.432  1.00 3.64 ? 37 C A "O3'"  1 
ATOM 1178 C "C2'"  . C A 1 37 ? -8.859  -14.522 23.031  1.00 3.03 ? 37 C A "C2'"  1 
ATOM 1179 O "O2'"  . C A 1 37 ? -10.264 -14.312 23.169  1.00 3.12 ? 37 C A "O2'"  1 
ATOM 1180 C "C1'"  . C A 1 37 ? -8.356  -13.763 21.800  1.00 2.64 ? 37 C A "C1'"  1 
ATOM 1181 N N1     . C A 1 37 ? -7.196  -14.430 21.145  1.00 2.48 ? 37 C A N1     1 
ATOM 1182 C C2     . C A 1 37 ? -7.439  -15.546 20.330  1.00 2.46 ? 37 C A C2     1 
ATOM 1183 O O2     . C A 1 37 ? -8.587  -16.008 20.231  1.00 2.60 ? 37 C A O2     1 
ATOM 1184 N N3     . C A 1 37 ? -6.419  -16.110 19.659  1.00 2.35 ? 37 C A N3     1 
ATOM 1185 C C4     . C A 1 37 ? -5.193  -15.624 19.779  1.00 2.25 ? 37 C A C4     1 
ATOM 1186 N N4     . C A 1 37 ? -4.243  -16.208 19.065  1.00 2.17 ? 37 C A N4     1 
ATOM 1187 C C5     . C A 1 37 ? -4.882  -14.558 20.656  1.00 2.30 ? 37 C A C5     1 
ATOM 1188 C C6     . C A 1 37 ? -5.900  -14.006 21.325  1.00 2.42 ? 37 C A C6     1 
ATOM 1189 H "H5'"  . C A 1 37 ? -7.632  -10.330 23.899  1.00 3.32 ? 37 C A "H5'"  1 
ATOM 1190 H "H5''" . C A 1 37 ? -7.481  -11.320 25.354  1.00 3.60 ? 37 C A "H5''" 1 
ATOM 1191 H "H4'"  . C A 1 37 ? -9.256  -12.099 23.931  1.00 3.16 ? 37 C A "H4'"  1 
ATOM 1192 H "H3'"  . C A 1 37 ? -6.960  -14.099 23.961  1.00 3.21 ? 37 C A "H3'"  1 
ATOM 1193 H "H2'"  . C A 1 37 ? -8.542  -15.567 22.976  1.00 3.11 ? 37 C A "H2'"  1 
ATOM 1194 H "HO2'" . C A 1 37 ? -10.701 -14.907 22.559  1.00 3.18 ? 37 C A "HO2'" 1 
ATOM 1195 H "H1'"  . C A 1 37 ? -9.152  -13.640 21.064  1.00 2.52 ? 37 C A "H1'"  1 
ATOM 1196 H H41    . C A 1 37 ? -4.519  -16.955 18.438  1.00 2.19 ? 37 C A H41    1 
ATOM 1197 H H42    . C A 1 37 ? -3.301  -15.856 19.088  1.00 2.12 ? 37 C A H42    1 
ATOM 1198 H H5     . C A 1 37 ? -3.857  -14.213 20.788  1.00 2.30 ? 37 C A H5     1 
ATOM 1199 H H6     . C A 1 37 ? -5.656  -13.216 22.027  1.00 2.53 ? 37 C A H6     1 
ATOM 1200 P P      . C A 1 38 ? -7.571  -15.202 26.299  1.00 3.98 ? 38 C A P      1 
ATOM 1201 O OP1    . C A 1 38 ? -8.165  -15.292 27.653  1.00 4.36 ? 38 C A OP1    1 
ATOM 1202 O OP2    . C A 1 38 ? -6.123  -14.884 26.172  1.00 3.97 ? 38 C A OP2    1 
ATOM 1203 O "O5'"  . C A 1 38 ? -7.912  -16.568 25.523  1.00 3.90 ? 38 C A "O5'"  1 
ATOM 1204 C "C5'"  . C A 1 38 ? -9.230  -17.127 25.515  1.00 3.90 ? 38 C A "C5'"  1 
ATOM 1205 C "C4'"  . C A 1 38 ? -9.288  -18.388 24.674  1.00 3.91 ? 38 C A "C4'"  1 
ATOM 1206 O "O4'"  . C A 1 38 ? -8.898  -18.128 23.297  1.00 3.59 ? 38 C A "O4'"  1 
ATOM 1207 C "C3'"  . C A 1 38 ? -8.360  -19.544 25.029  1.00 4.09 ? 38 C A "C3'"  1 
ATOM 1208 O "O3'"  . C A 1 38 ? -8.674  -20.163 26.284  1.00 4.44 ? 38 C A "O3'"  1 
ATOM 1209 C "C2'"  . C A 1 38 ? -8.536  -20.436 23.804  1.00 4.02 ? 38 C A "C2'"  1 
ATOM 1210 O "O2'"  . C A 1 38 ? -9.794  -21.105 23.761  1.00 4.21 ? 38 C A "O2'"  1 
ATOM 1211 C "C1'"  . C A 1 38 ? -8.502  -19.363 22.703  1.00 3.65 ? 38 C A "C1'"  1 
ATOM 1212 N N1     . C A 1 38 ? -7.178  -19.237 22.032  1.00 3.43 ? 38 C A N1     1 
ATOM 1213 C C2     . C A 1 38 ? -6.858  -20.112 20.977  1.00 3.41 ? 38 C A C2     1 
ATOM 1214 O O2     . C A 1 38 ? -7.680  -20.957 20.593  1.00 3.57 ? 38 C A O2     1 
ATOM 1215 N N3     . C A 1 38 ? -5.645  -20.039 20.396  1.00 3.25 ? 38 C A N3     1 
ATOM 1216 C C4     . C A 1 38 ? -4.766  -19.136 20.806  1.00 3.13 ? 38 C A C4     1 
ATOM 1217 N N4     . C A 1 38 ? -3.601  -19.106 20.176  1.00 3.01 ? 38 C A N4     1 
ATOM 1218 C C5     . C A 1 38 ? -5.034  -18.245 21.877  1.00 3.17 ? 38 C A C5     1 
ATOM 1219 C C6     . C A 1 38 ? -6.236  -18.330 22.459  1.00 3.33 ? 38 C A C6     1 
ATOM 1220 H "H5'"  . C A 1 38 ? -9.943  -16.400 25.125  1.00 3.83 ? 38 C A "H5'"  1 
ATOM 1221 H "H5''" . C A 1 38 ? -9.533  -17.388 26.527  1.00 4.13 ? 38 C A "H5''" 1 
ATOM 1222 H "H4'"  . C A 1 38 ? -10.311 -18.761 24.746  1.00 4.04 ? 38 C A "H4'"  1 
ATOM 1223 H "H3'"  . C A 1 38 ? -7.327  -19.200 25.101  1.00 4.00 ? 38 C A "H3'"  1 
ATOM 1224 H "HO3'" . C A 1 38 ? -8.006  -20.832 26.454  1.00 4.41 ? 38 C A "HO3'" 1 
ATOM 1225 H "H2'"  . C A 1 38 ? -7.661  -21.092 23.723  1.00 4.06 ? 38 C A "H2'"  1 
ATOM 1226 H "HO2'" . C A 1 38 ? -10.030 -21.330 24.663  1.00 3.95 ? 38 C A "HO2'" 1 
ATOM 1227 H "H1'"  . C A 1 38 ? -9.263  -19.561 21.946  1.00 3.61 ? 38 C A "H1'"  1 
ATOM 1228 H H41    . C A 1 38 ? -3.463  -19.751 19.406  1.00 3.01 ? 38 C A H41    1 
ATOM 1229 H H42    . C A 1 38 ? -2.908  -18.415 20.416  1.00 2.94 ? 38 C A H42    1 
ATOM 1230 H H5     . C A 1 38 ? -4.287  -17.525 22.212  1.00 3.13 ? 38 C A H5     1 
ATOM 1231 H H6     . C A 1 38 ? -6.441  -17.663 23.296  1.00 3.40 ? 38 C A H6     1 
# 
